data_2K5Q
#
_entry.id   2K5Q
#
_entity_poly.entity_id   1
_entity_poly.type   'polypeptide(L)'
_entity_poly.pdbx_seq_one_letter_code
;MDLNRMGKDEYYVQITVDGKEVHSKADNGQKYKDYEYKLTGFDKDGKEKELEFTAQKNLRKEAFLRVYHSDKKGVSAWEE
VKKDELPAKVKEKLGVKLEHHHHHH
;
_entity_poly.pdbx_strand_id   A
#
# COMPACT_ATOMS: atom_id res chain seq x y z
N MET A 1 5.33 19.20 7.15
CA MET A 1 3.98 18.60 7.03
C MET A 1 2.87 19.66 7.12
N ASP A 2 2.49 20.23 5.98
CA ASP A 2 1.40 21.22 5.92
C ASP A 2 0.03 20.53 6.08
N LEU A 3 -0.61 20.73 7.24
CA LEU A 3 -1.94 20.17 7.48
C LEU A 3 -3.00 20.79 6.54
N ASN A 4 -3.16 22.11 6.60
CA ASN A 4 -4.09 22.85 5.73
C ASN A 4 -5.50 22.19 5.63
N ARG A 5 -5.63 21.24 4.70
CA ARG A 5 -6.91 20.55 4.47
C ARG A 5 -6.70 19.02 4.36
N MET A 6 -5.43 18.60 4.32
CA MET A 6 -5.08 17.19 4.10
C MET A 6 -5.75 16.61 2.83
N GLY A 7 -6.92 15.98 2.99
CA GLY A 7 -7.60 15.35 1.85
C GLY A 7 -6.72 14.35 1.10
N LYS A 8 -5.89 13.64 1.85
CA LYS A 8 -4.91 12.71 1.26
C LYS A 8 -5.52 11.32 1.03
N ASP A 9 -5.06 10.64 -0.02
CA ASP A 9 -5.53 9.29 -0.33
C ASP A 9 -4.76 8.24 0.48
N GLU A 10 -5.38 7.09 0.73
CA GLU A 10 -4.68 5.95 1.33
C GLU A 10 -5.08 4.64 0.63
N TYR A 11 -4.09 3.93 0.12
CA TYR A 11 -4.33 2.66 -0.57
C TYR A 11 -3.97 1.47 0.32
N TYR A 12 -4.95 0.61 0.57
CA TYR A 12 -4.73 -0.60 1.37
C TYR A 12 -4.10 -1.71 0.52
N VAL A 13 -2.78 -1.88 0.65
CA VAL A 13 -2.05 -2.89 -0.13
C VAL A 13 -1.67 -4.10 0.74
N GLN A 14 -1.28 -5.18 0.09
CA GLN A 14 -0.84 -6.38 0.80
C GLN A 14 0.51 -6.83 0.23
N ILE A 15 1.54 -6.80 1.08
CA ILE A 15 2.90 -7.13 0.64
C ILE A 15 3.04 -8.60 0.21
N THR A 16 2.87 -8.84 -1.08
CA THR A 16 3.07 -10.18 -1.68
C THR A 16 4.46 -10.29 -2.33
N VAL A 17 4.92 -9.20 -2.94
CA VAL A 17 6.25 -9.16 -3.57
C VAL A 17 7.32 -8.70 -2.57
N ASP A 18 8.31 -9.55 -2.32
CA ASP A 18 9.33 -9.30 -1.30
C ASP A 18 10.76 -9.54 -1.84
N GLY A 19 11.75 -8.97 -1.15
CA GLY A 19 13.16 -9.26 -1.43
C GLY A 19 13.72 -8.67 -2.73
N LYS A 20 12.98 -7.81 -3.40
CA LYS A 20 13.49 -7.16 -4.62
C LYS A 20 14.57 -6.11 -4.30
N GLU A 21 15.83 -6.55 -4.20
CA GLU A 21 16.94 -5.62 -4.01
C GLU A 21 17.40 -5.00 -5.34
N VAL A 22 17.12 -3.72 -5.54
CA VAL A 22 17.51 -3.01 -6.76
C VAL A 22 18.91 -2.41 -6.64
N HIS A 23 19.92 -3.22 -6.97
CA HIS A 23 21.34 -2.81 -6.89
C HIS A 23 21.66 -1.67 -7.87
N SER A 24 20.69 -1.32 -8.69
CA SER A 24 20.81 -0.18 -9.62
C SER A 24 21.00 1.15 -8.87
N LYS A 25 20.78 1.10 -7.55
CA LYS A 25 20.97 2.27 -6.68
C LYS A 25 22.44 2.49 -6.28
N ALA A 26 23.36 1.81 -6.96
CA ALA A 26 24.80 1.96 -6.67
C ALA A 26 25.22 3.44 -6.64
N ASP A 27 24.76 4.21 -7.64
CA ASP A 27 24.98 5.67 -7.74
C ASP A 27 26.44 6.09 -7.44
N ASN A 28 26.79 6.19 -6.15
CA ASN A 28 28.14 6.56 -5.74
C ASN A 28 29.17 5.49 -6.15
N GLY A 29 28.75 4.24 -6.08
CA GLY A 29 29.64 3.12 -6.38
C GLY A 29 29.82 2.18 -5.20
N GLN A 30 28.76 2.01 -4.41
CA GLN A 30 28.80 1.15 -3.23
C GLN A 30 27.83 -0.04 -3.36
N LYS A 31 27.75 -0.85 -2.31
CA LYS A 31 26.94 -2.07 -2.33
C LYS A 31 25.56 -1.87 -1.68
N TYR A 32 25.19 -0.62 -1.37
CA TYR A 32 23.88 -0.36 -0.76
C TYR A 32 22.74 -0.55 -1.76
N LYS A 33 21.65 -1.15 -1.31
CA LYS A 33 20.54 -1.55 -2.19
C LYS A 33 19.17 -1.19 -1.60
N ASP A 34 18.32 -0.56 -2.41
CA ASP A 34 16.93 -0.29 -2.03
C ASP A 34 16.05 -1.51 -2.38
N TYR A 35 14.88 -1.62 -1.75
CA TYR A 35 13.96 -2.73 -2.02
C TYR A 35 12.72 -2.26 -2.80
N GLU A 36 12.28 -3.06 -3.77
CA GLU A 36 11.16 -2.68 -4.64
C GLU A 36 9.87 -3.40 -4.23
N TYR A 37 8.81 -2.63 -3.98
CA TYR A 37 7.49 -3.19 -3.70
C TYR A 37 6.45 -2.65 -4.68
N LYS A 38 6.28 -3.34 -5.82
CA LYS A 38 5.27 -2.97 -6.81
C LYS A 38 4.04 -3.87 -6.69
N LEU A 39 2.88 -3.27 -6.46
CA LEU A 39 1.66 -4.03 -6.16
C LEU A 39 0.38 -3.24 -6.51
N THR A 40 -0.77 -3.89 -6.34
CA THR A 40 -2.06 -3.25 -6.60
C THR A 40 -2.66 -2.65 -5.32
N GLY A 41 -2.85 -1.34 -5.31
CA GLY A 41 -3.39 -0.65 -4.16
C GLY A 41 -4.89 -0.38 -4.27
N PHE A 42 -5.63 -0.68 -3.21
CA PHE A 42 -7.08 -0.47 -3.19
C PHE A 42 -7.45 0.80 -2.39
N ASP A 43 -8.04 1.78 -3.07
CA ASP A 43 -8.44 3.05 -2.45
C ASP A 43 -9.79 2.96 -1.72
N LYS A 44 -10.22 4.08 -1.13
CA LYS A 44 -11.50 4.14 -0.40
C LYS A 44 -12.71 3.96 -1.33
N ASP A 45 -12.59 4.43 -2.58
CA ASP A 45 -13.66 4.27 -3.56
C ASP A 45 -13.84 2.79 -3.93
N GLY A 46 -12.75 2.15 -4.27
CA GLY A 46 -12.78 0.75 -4.66
C GLY A 46 -12.20 0.50 -6.05
N LYS A 47 -11.11 1.18 -6.36
CA LYS A 47 -10.42 1.01 -7.65
C LYS A 47 -9.11 0.21 -7.48
N GLU A 48 -8.39 0.01 -8.58
CA GLU A 48 -7.09 -0.67 -8.53
C GLU A 48 -5.97 0.25 -9.05
N LYS A 49 -5.14 0.74 -8.14
CA LYS A 49 -4.02 1.63 -8.48
C LYS A 49 -2.70 0.86 -8.59
N GLU A 50 -1.92 1.14 -9.63
CA GLU A 50 -0.60 0.52 -9.79
C GLU A 50 0.49 1.43 -9.21
N LEU A 51 1.20 0.95 -8.20
CA LEU A 51 2.26 1.74 -7.55
C LEU A 51 3.45 0.87 -7.17
N GLU A 52 4.66 1.42 -7.36
CA GLU A 52 5.89 0.76 -6.92
C GLU A 52 6.71 1.71 -6.05
N PHE A 53 6.80 1.41 -4.76
CA PHE A 53 7.58 2.24 -3.83
C PHE A 53 8.85 1.52 -3.39
N THR A 54 9.97 2.24 -3.38
CA THR A 54 11.26 1.69 -2.96
C THR A 54 11.57 2.09 -1.51
N ALA A 55 11.96 1.10 -0.70
CA ALA A 55 12.28 1.34 0.71
C ALA A 55 13.75 1.04 1.02
N GLN A 56 14.36 1.86 1.87
CA GLN A 56 15.75 1.65 2.30
C GLN A 56 15.89 0.32 3.06
N LYS A 57 14.86 -0.04 3.83
CA LYS A 57 14.84 -1.31 4.56
C LYS A 57 13.80 -2.28 3.96
N ASN A 58 13.95 -3.56 4.26
CA ASN A 58 12.95 -4.56 3.88
C ASN A 58 11.85 -4.61 4.95
N LEU A 59 10.60 -4.39 4.55
CA LEU A 59 9.49 -4.25 5.49
C LEU A 59 8.74 -5.57 5.75
N ARG A 60 7.65 -5.48 6.52
CA ARG A 60 6.90 -6.68 6.95
C ARG A 60 6.05 -7.28 5.81
N LYS A 61 6.46 -8.46 5.37
CA LYS A 61 5.75 -9.19 4.32
C LYS A 61 4.49 -9.90 4.86
N GLU A 62 3.53 -10.17 3.97
CA GLU A 62 2.24 -10.79 4.33
C GLU A 62 1.35 -9.84 5.16
N ALA A 63 1.82 -8.61 5.39
CA ALA A 63 1.06 -7.62 6.14
C ALA A 63 0.19 -6.73 5.23
N PHE A 64 -0.76 -6.04 5.83
CA PHE A 64 -1.61 -5.07 5.12
C PHE A 64 -1.05 -3.66 5.30
N LEU A 65 -0.51 -3.09 4.25
CA LEU A 65 0.22 -1.83 4.34
C LEU A 65 -0.65 -0.65 3.84
N ARG A 66 -0.85 0.34 4.71
CA ARG A 66 -1.61 1.55 4.35
C ARG A 66 -0.69 2.61 3.72
N VAL A 67 -0.79 2.78 2.40
CA VAL A 67 0.08 3.70 1.67
C VAL A 67 -0.61 5.05 1.41
N TYR A 68 0.00 6.14 1.90
CA TYR A 68 -0.51 7.50 1.65
C TYR A 68 -0.28 7.92 0.19
N HIS A 69 -1.17 8.76 -0.34
CA HIS A 69 -1.07 9.21 -1.72
C HIS A 69 -1.47 10.69 -1.88
N SER A 70 -0.68 11.44 -2.65
CA SER A 70 -1.01 12.83 -3.02
C SER A 70 -0.52 13.12 -4.45
N ASP A 71 -1.25 13.96 -5.17
CA ASP A 71 -0.98 14.19 -6.61
C ASP A 71 0.45 14.69 -6.90
N LYS A 72 0.99 15.55 -6.04
CA LYS A 72 2.28 16.23 -6.31
C LYS A 72 3.52 15.32 -6.17
N LYS A 73 3.38 14.14 -5.55
CA LYS A 73 4.54 13.23 -5.42
C LYS A 73 4.13 11.75 -5.36
N GLY A 74 2.84 11.47 -5.51
CA GLY A 74 2.36 10.08 -5.47
C GLY A 74 2.41 9.47 -4.08
N VAL A 75 3.59 8.97 -3.68
CA VAL A 75 3.75 8.26 -2.40
C VAL A 75 4.93 8.84 -1.58
N SER A 76 4.80 8.81 -0.24
CA SER A 76 5.88 9.24 0.66
C SER A 76 5.81 8.50 2.00
N ALA A 77 4.69 8.68 2.71
CA ALA A 77 4.48 8.04 4.02
C ALA A 77 3.58 6.81 3.92
N TRP A 78 3.86 5.80 4.75
CA TRP A 78 3.07 4.56 4.77
C TRP A 78 3.27 3.79 6.08
N GLU A 79 2.26 3.02 6.49
CA GLU A 79 2.32 2.26 7.75
C GLU A 79 1.87 0.79 7.58
N GLU A 80 2.48 -0.08 8.37
CA GLU A 80 2.24 -1.54 8.30
C GLU A 80 1.19 -1.98 9.35
N VAL A 81 0.07 -2.55 8.90
CA VAL A 81 -0.98 -3.03 9.82
C VAL A 81 -1.47 -4.45 9.43
N LYS A 82 -2.38 -4.98 10.24
CA LYS A 82 -3.02 -6.28 9.97
C LYS A 82 -4.54 -6.12 9.81
N LYS A 83 -5.20 -7.12 9.22
CA LYS A 83 -6.65 -7.03 8.98
C LYS A 83 -7.45 -6.87 10.28
N ASP A 84 -6.84 -7.27 11.40
CA ASP A 84 -7.47 -7.11 12.72
C ASP A 84 -7.47 -5.64 13.17
N GLU A 85 -6.43 -4.91 12.79
CA GLU A 85 -6.28 -3.50 13.14
C GLU A 85 -7.13 -2.61 12.22
N LEU A 86 -7.37 -3.10 11.00
CA LEU A 86 -8.23 -2.40 10.04
C LEU A 86 -9.72 -2.54 10.40
N PRO A 87 -10.58 -1.58 9.97
CA PRO A 87 -12.03 -1.68 10.17
C PRO A 87 -12.64 -2.91 9.49
N ALA A 88 -13.60 -3.55 10.17
CA ALA A 88 -14.28 -4.74 9.61
C ALA A 88 -14.91 -4.44 8.24
N LYS A 89 -15.25 -3.17 8.01
CA LYS A 89 -15.79 -2.72 6.72
C LYS A 89 -14.86 -3.07 5.55
N VAL A 90 -13.56 -3.14 5.81
CA VAL A 90 -12.57 -3.54 4.79
C VAL A 90 -12.87 -4.96 4.29
N LYS A 91 -13.28 -5.84 5.21
CA LYS A 91 -13.67 -7.21 4.86
C LYS A 91 -15.03 -7.22 4.13
N GLU A 92 -15.88 -6.25 4.46
CA GLU A 92 -17.17 -6.08 3.76
C GLU A 92 -16.97 -5.38 2.41
N LYS A 93 -15.76 -4.88 2.18
CA LYS A 93 -15.37 -4.30 0.90
C LYS A 93 -14.78 -5.39 -0.02
N LEU A 94 -13.67 -6.00 0.42
CA LEU A 94 -13.05 -7.13 -0.28
C LEU A 94 -13.02 -8.38 0.63
N GLY A 95 -13.42 -9.52 0.07
CA GLY A 95 -13.42 -10.77 0.84
C GLY A 95 -14.79 -11.16 1.38
N VAL A 96 -15.85 -10.59 0.80
CA VAL A 96 -17.22 -10.86 1.24
C VAL A 96 -17.69 -12.25 0.79
N LYS A 97 -18.43 -12.94 1.66
CA LYS A 97 -18.98 -14.27 1.35
C LYS A 97 -20.52 -14.24 1.31
N LEU A 98 -21.11 -15.25 0.68
CA LEU A 98 -22.56 -15.46 0.73
C LEU A 98 -23.00 -16.01 2.09
N GLU A 99 -24.31 -16.06 2.33
CA GLU A 99 -24.86 -16.59 3.60
C GLU A 99 -24.45 -15.70 4.80
N HIS A 100 -23.92 -14.51 4.52
CA HIS A 100 -23.40 -13.62 5.57
C HIS A 100 -24.53 -12.75 6.17
N HIS A 101 -25.73 -12.83 5.60
CA HIS A 101 -26.90 -12.17 6.19
C HIS A 101 -27.55 -13.04 7.29
N HIS A 102 -26.79 -14.00 7.79
CA HIS A 102 -27.23 -14.89 8.87
C HIS A 102 -27.65 -14.11 10.13
N HIS A 103 -28.96 -13.96 10.34
CA HIS A 103 -29.47 -13.27 11.53
C HIS A 103 -30.79 -13.90 12.00
N HIS A 104 -31.01 -13.93 13.31
CA HIS A 104 -32.25 -14.48 13.87
C HIS A 104 -33.45 -13.57 13.56
N HIS A 105 -34.65 -14.15 13.48
CA HIS A 105 -35.88 -13.39 13.20
C HIS A 105 -36.99 -13.73 14.23
N MET A 1 10.63 19.25 4.04
CA MET A 1 10.04 17.89 3.81
C MET A 1 9.07 17.50 4.93
N ASP A 2 8.31 18.47 5.44
CA ASP A 2 7.42 18.25 6.58
C ASP A 2 6.26 17.29 6.25
N LEU A 3 6.52 16.00 6.38
CA LEU A 3 5.50 14.96 6.13
C LEU A 3 4.74 14.59 7.40
N ASN A 4 5.06 15.27 8.51
CA ASN A 4 4.49 14.97 9.83
C ASN A 4 2.95 14.84 9.81
N ARG A 5 2.28 15.71 9.07
CA ARG A 5 0.81 15.71 9.05
C ARG A 5 0.24 15.59 7.62
N MET A 6 0.84 14.71 6.82
CA MET A 6 0.31 14.38 5.49
C MET A 6 -0.55 13.12 5.55
N GLY A 7 -1.87 13.27 5.56
CA GLY A 7 -2.74 12.10 5.62
C GLY A 7 -4.01 12.24 4.78
N LYS A 8 -3.84 12.36 3.46
CA LYS A 8 -4.96 12.40 2.53
C LYS A 8 -5.48 10.96 2.23
N ASP A 9 -5.54 10.59 0.96
CA ASP A 9 -6.01 9.25 0.58
C ASP A 9 -4.99 8.16 0.97
N GLU A 10 -5.27 7.38 2.00
CA GLU A 10 -4.39 6.28 2.39
C GLU A 10 -4.91 4.94 1.84
N TYR A 11 -4.10 4.31 1.00
CA TYR A 11 -4.47 3.03 0.38
C TYR A 11 -3.94 1.85 1.21
N TYR A 12 -4.76 0.80 1.33
CA TYR A 12 -4.38 -0.39 2.09
C TYR A 12 -3.76 -1.45 1.17
N VAL A 13 -2.42 -1.53 1.17
CA VAL A 13 -1.71 -2.51 0.34
C VAL A 13 -1.10 -3.62 1.19
N GLN A 14 -0.75 -4.74 0.56
CA GLN A 14 -0.14 -5.87 1.27
C GLN A 14 1.08 -6.40 0.48
N ILE A 15 2.12 -6.82 1.22
CA ILE A 15 3.37 -7.26 0.59
C ILE A 15 3.21 -8.59 -0.16
N THR A 16 2.92 -8.52 -1.45
CA THR A 16 2.78 -9.70 -2.30
C THR A 16 4.13 -10.15 -2.86
N VAL A 17 4.73 -9.32 -3.71
CA VAL A 17 6.05 -9.60 -4.30
C VAL A 17 7.18 -8.92 -3.50
N ASP A 18 7.98 -9.73 -2.80
CA ASP A 18 9.08 -9.22 -1.98
C ASP A 18 10.46 -9.67 -2.51
N GLY A 19 11.52 -9.27 -1.81
CA GLY A 19 12.88 -9.68 -2.19
C GLY A 19 13.38 -9.01 -3.47
N LYS A 20 12.63 -8.04 -4.00
CA LYS A 20 13.06 -7.26 -5.17
C LYS A 20 14.06 -6.17 -4.77
N GLU A 21 14.89 -5.74 -5.71
CA GLU A 21 15.91 -4.72 -5.43
C GLU A 21 16.09 -3.75 -6.61
N VAL A 22 16.41 -2.50 -6.30
CA VAL A 22 16.74 -1.50 -7.32
C VAL A 22 18.24 -1.46 -7.60
N HIS A 23 18.70 -2.41 -8.42
CA HIS A 23 20.12 -2.56 -8.72
C HIS A 23 20.60 -1.56 -9.77
N SER A 24 19.65 -0.93 -10.43
CA SER A 24 19.90 0.01 -11.52
C SER A 24 20.59 1.31 -11.03
N LYS A 25 21.85 1.18 -10.62
CA LYS A 25 22.65 2.31 -10.09
C LYS A 25 23.90 1.81 -9.37
N ALA A 26 23.80 0.62 -8.81
CA ALA A 26 24.84 0.08 -7.93
C ALA A 26 26.03 -0.52 -8.70
N ASP A 27 25.87 -0.76 -9.99
CA ASP A 27 26.87 -1.48 -10.78
C ASP A 27 28.27 -0.81 -10.81
N ASN A 28 28.34 0.49 -10.54
CA ASN A 28 29.63 1.21 -10.51
C ASN A 28 30.26 1.17 -9.10
N GLY A 29 29.63 0.41 -8.19
CA GLY A 29 30.11 0.31 -6.81
C GLY A 29 29.17 -0.49 -5.94
N GLN A 30 28.96 -1.76 -6.32
CA GLN A 30 27.89 -2.60 -5.74
C GLN A 30 28.10 -2.86 -4.23
N LYS A 31 27.59 -1.94 -3.40
CA LYS A 31 27.55 -2.13 -1.94
C LYS A 31 26.24 -1.55 -1.36
N TYR A 32 25.41 -0.98 -2.22
CA TYR A 32 24.18 -0.31 -1.79
C TYR A 32 23.00 -0.67 -2.70
N LYS A 33 22.02 -1.37 -2.15
CA LYS A 33 20.83 -1.81 -2.91
C LYS A 33 19.57 -1.73 -2.05
N ASP A 34 18.65 -0.84 -2.40
CA ASP A 34 17.37 -0.72 -1.69
C ASP A 34 16.34 -1.71 -2.26
N TYR A 35 15.43 -2.18 -1.40
CA TYR A 35 14.41 -3.14 -1.82
C TYR A 35 13.27 -2.47 -2.61
N GLU A 36 12.62 -3.25 -3.46
CA GLU A 36 11.55 -2.75 -4.31
C GLU A 36 10.22 -3.49 -4.03
N TYR A 37 9.14 -2.73 -3.87
CA TYR A 37 7.81 -3.30 -3.62
C TYR A 37 6.79 -2.82 -4.68
N LYS A 38 6.46 -3.70 -5.63
CA LYS A 38 5.47 -3.39 -6.66
C LYS A 38 4.09 -3.92 -6.24
N LEU A 39 3.35 -3.12 -5.50
CA LEU A 39 2.06 -3.55 -4.92
C LEU A 39 0.86 -2.94 -5.65
N THR A 40 -0.32 -3.54 -5.46
CA THR A 40 -1.57 -3.02 -6.05
C THR A 40 -2.49 -2.44 -4.97
N GLY A 41 -2.76 -1.14 -5.06
CA GLY A 41 -3.65 -0.49 -4.11
C GLY A 41 -5.07 -0.35 -4.63
N PHE A 42 -6.05 -0.76 -3.82
CA PHE A 42 -7.46 -0.68 -4.20
C PHE A 42 -8.09 0.65 -3.79
N ASP A 43 -8.80 1.28 -4.73
CA ASP A 43 -9.44 2.58 -4.50
C ASP A 43 -10.74 2.45 -3.67
N LYS A 44 -11.26 3.58 -3.21
CA LYS A 44 -12.47 3.62 -2.38
C LYS A 44 -13.70 3.02 -3.10
N ASP A 45 -13.72 3.11 -4.43
CA ASP A 45 -14.80 2.49 -5.22
C ASP A 45 -14.42 1.05 -5.62
N GLY A 46 -13.16 0.68 -5.37
CA GLY A 46 -12.68 -0.66 -5.71
C GLY A 46 -11.85 -0.70 -6.99
N LYS A 47 -11.22 0.41 -7.36
CA LYS A 47 -10.40 0.48 -8.58
C LYS A 47 -8.94 0.10 -8.30
N GLU A 48 -8.13 0.00 -9.35
CA GLU A 48 -6.74 -0.44 -9.22
C GLU A 48 -5.74 0.71 -9.45
N LYS A 49 -4.80 0.87 -8.53
CA LYS A 49 -3.67 1.81 -8.69
C LYS A 49 -2.35 1.14 -8.31
N GLU A 50 -1.30 1.42 -9.07
CA GLU A 50 0.01 0.79 -8.83
C GLU A 50 0.79 1.51 -7.71
N LEU A 51 0.98 0.82 -6.59
CA LEU A 51 1.83 1.33 -5.50
C LEU A 51 3.21 0.68 -5.57
N GLU A 52 4.07 1.24 -6.42
CA GLU A 52 5.44 0.75 -6.59
C GLU A 52 6.44 1.67 -5.87
N PHE A 53 6.85 1.26 -4.67
CA PHE A 53 7.76 2.07 -3.85
C PHE A 53 8.97 1.25 -3.38
N THR A 54 9.93 1.92 -2.75
CA THR A 54 11.16 1.26 -2.30
C THR A 54 11.37 1.40 -0.79
N ALA A 55 12.18 0.49 -0.24
CA ALA A 55 12.55 0.51 1.18
C ALA A 55 13.96 -0.03 1.36
N GLN A 56 14.77 0.62 2.19
CA GLN A 56 16.18 0.26 2.33
C GLN A 56 16.37 -1.13 2.96
N LYS A 57 15.48 -1.49 3.88
CA LYS A 57 15.50 -2.84 4.48
C LYS A 57 14.12 -3.49 4.43
N ASN A 58 14.09 -4.82 4.42
CA ASN A 58 12.85 -5.59 4.28
C ASN A 58 11.95 -5.42 5.52
N LEU A 59 10.67 -5.16 5.29
CA LEU A 59 9.70 -4.91 6.38
C LEU A 59 8.76 -6.11 6.61
N ARG A 60 7.68 -5.90 7.34
CA ARG A 60 6.71 -6.97 7.66
C ARG A 60 6.09 -7.56 6.38
N LYS A 61 6.36 -8.84 6.12
CA LYS A 61 5.88 -9.50 4.90
C LYS A 61 4.35 -9.72 4.91
N GLU A 62 3.84 -10.30 6.00
CA GLU A 62 2.43 -10.70 6.07
C GLU A 62 1.55 -9.62 6.72
N ALA A 63 2.03 -8.38 6.72
CA ALA A 63 1.27 -7.24 7.24
C ALA A 63 0.75 -6.33 6.12
N PHE A 64 0.04 -5.27 6.49
CA PHE A 64 -0.50 -4.32 5.52
C PHE A 64 0.17 -2.95 5.67
N LEU A 65 0.07 -2.10 4.64
CA LEU A 65 0.68 -0.77 4.68
C LEU A 65 -0.32 0.33 4.26
N ARG A 66 -0.51 1.32 5.13
CA ARG A 66 -1.29 2.51 4.76
C ARG A 66 -0.41 3.49 3.98
N VAL A 67 -0.41 3.38 2.66
CA VAL A 67 0.40 4.25 1.80
C VAL A 67 -0.34 5.57 1.50
N TYR A 68 0.34 6.68 1.71
CA TYR A 68 -0.22 8.00 1.42
C TYR A 68 -0.37 8.23 -0.09
N HIS A 69 -1.50 8.81 -0.49
CA HIS A 69 -1.76 9.15 -1.89
C HIS A 69 -2.49 10.50 -1.99
N SER A 70 -2.22 11.23 -3.06
CA SER A 70 -2.94 12.49 -3.35
C SER A 70 -3.09 12.71 -4.86
N ASP A 71 -3.51 13.90 -5.27
CA ASP A 71 -3.63 14.23 -6.70
C ASP A 71 -2.30 14.00 -7.44
N LYS A 72 -1.19 14.24 -6.74
CA LYS A 72 0.16 14.05 -7.28
C LYS A 72 0.51 12.56 -7.49
N LYS A 73 -0.28 11.67 -6.89
CA LYS A 73 0.11 10.26 -6.72
C LYS A 73 1.29 10.18 -5.73
N GLY A 74 2.47 10.60 -6.18
CA GLY A 74 3.62 10.81 -5.29
C GLY A 74 4.08 9.60 -4.49
N VAL A 75 3.37 9.32 -3.39
CA VAL A 75 3.78 8.30 -2.41
C VAL A 75 5.05 8.75 -1.65
N SER A 76 4.87 9.21 -0.41
CA SER A 76 5.99 9.71 0.39
C SER A 76 6.12 8.98 1.74
N ALA A 77 4.98 8.73 2.40
CA ALA A 77 4.98 8.07 3.71
C ALA A 77 4.01 6.88 3.78
N TRP A 78 4.37 5.89 4.59
CA TRP A 78 3.53 4.70 4.82
C TRP A 78 3.70 4.14 6.24
N GLU A 79 2.65 3.48 6.75
CA GLU A 79 2.70 2.86 8.08
C GLU A 79 2.29 1.38 8.03
N GLU A 80 2.85 0.58 8.93
CA GLU A 80 2.57 -0.87 9.00
C GLU A 80 1.30 -1.15 9.83
N VAL A 81 0.22 -1.55 9.15
CA VAL A 81 -1.04 -1.89 9.82
C VAL A 81 -1.35 -3.39 9.72
N LYS A 82 -2.39 -3.83 10.43
CA LYS A 82 -2.71 -5.26 10.53
C LYS A 82 -4.10 -5.60 9.96
N LYS A 83 -4.35 -6.89 9.77
CA LYS A 83 -5.64 -7.39 9.26
C LYS A 83 -6.81 -7.02 10.18
N ASP A 84 -6.51 -6.61 11.42
CA ASP A 84 -7.53 -6.31 12.42
C ASP A 84 -8.52 -5.21 11.97
N GLU A 85 -7.99 -4.20 11.27
CA GLU A 85 -8.84 -3.11 10.75
C GLU A 85 -9.29 -3.39 9.30
N LEU A 86 -8.93 -4.56 8.78
CA LEU A 86 -9.29 -4.96 7.41
C LEU A 86 -9.78 -6.42 7.34
N PRO A 87 -10.77 -6.82 8.17
CA PRO A 87 -11.26 -8.21 8.21
C PRO A 87 -12.08 -8.61 6.97
N ALA A 88 -12.41 -9.90 6.87
CA ALA A 88 -13.16 -10.44 5.72
C ALA A 88 -14.47 -9.67 5.47
N LYS A 89 -15.14 -9.25 6.54
CA LYS A 89 -16.41 -8.53 6.43
C LYS A 89 -16.27 -7.22 5.60
N VAL A 90 -15.06 -6.68 5.54
CA VAL A 90 -14.78 -5.49 4.72
C VAL A 90 -14.65 -5.86 3.23
N LYS A 91 -13.74 -6.79 2.93
CA LYS A 91 -13.54 -7.26 1.54
C LYS A 91 -14.71 -8.13 1.07
N GLU A 92 -15.66 -8.39 1.97
CA GLU A 92 -16.91 -9.08 1.64
C GLU A 92 -17.73 -8.28 0.61
N LYS A 93 -17.88 -6.96 0.86
CA LYS A 93 -18.62 -6.08 -0.05
C LYS A 93 -17.67 -5.34 -1.01
N LEU A 94 -16.70 -4.61 -0.46
CA LEU A 94 -15.80 -3.74 -1.24
C LEU A 94 -16.56 -2.54 -1.84
N GLY A 95 -16.35 -1.35 -1.27
CA GLY A 95 -16.97 -0.14 -1.79
C GLY A 95 -18.41 0.09 -1.30
N VAL A 96 -19.21 -0.98 -1.32
CA VAL A 96 -20.62 -0.91 -0.89
C VAL A 96 -20.76 -0.43 0.56
N LYS A 97 -21.76 0.42 0.80
CA LYS A 97 -21.99 1.01 2.13
C LYS A 97 -23.39 0.68 2.67
N LEU A 98 -23.45 -0.23 3.63
CA LEU A 98 -24.71 -0.57 4.30
C LEU A 98 -24.51 -0.66 5.82
N GLU A 99 -25.00 0.36 6.53
CA GLU A 99 -24.81 0.45 7.98
C GLU A 99 -25.82 -0.46 8.72
N HIS A 100 -27.11 -0.30 8.42
CA HIS A 100 -28.15 -1.15 9.03
C HIS A 100 -29.22 -1.53 7.98
N HIS A 101 -29.85 -2.69 8.16
CA HIS A 101 -30.88 -3.18 7.22
C HIS A 101 -32.26 -2.57 7.48
N HIS A 102 -32.90 -2.09 6.41
CA HIS A 102 -34.30 -1.66 6.44
C HIS A 102 -35.05 -2.17 5.22
N HIS A 103 -35.78 -3.27 5.38
CA HIS A 103 -36.47 -3.92 4.26
C HIS A 103 -37.57 -3.01 3.69
N HIS A 104 -38.20 -2.21 4.55
CA HIS A 104 -39.21 -1.23 4.10
C HIS A 104 -39.69 -0.34 5.26
N HIS A 105 -40.35 0.75 4.91
CA HIS A 105 -41.08 1.58 5.89
C HIS A 105 -42.59 1.31 5.79
N MET A 1 -10.11 14.59 -10.22
CA MET A 1 -9.52 15.37 -9.10
C MET A 1 -10.61 16.07 -8.28
N ASP A 2 -11.13 15.39 -7.26
CA ASP A 2 -12.16 15.98 -6.40
C ASP A 2 -11.53 16.97 -5.40
N LEU A 3 -11.49 18.24 -5.77
CA LEU A 3 -10.98 19.30 -4.88
C LEU A 3 -12.10 19.93 -4.05
N ASN A 4 -13.33 19.44 -4.23
CA ASN A 4 -14.50 19.99 -3.55
C ASN A 4 -14.69 19.40 -2.15
N ARG A 5 -14.50 18.08 -2.04
CA ARG A 5 -14.69 17.37 -0.77
C ARG A 5 -13.35 16.92 -0.18
N MET A 6 -12.60 16.13 -0.96
CA MET A 6 -11.31 15.57 -0.52
C MET A 6 -11.45 14.70 0.75
N GLY A 7 -10.30 14.34 1.34
CA GLY A 7 -10.29 13.52 2.54
C GLY A 7 -9.17 12.47 2.57
N LYS A 8 -8.10 12.71 1.77
CA LYS A 8 -6.95 11.79 1.68
C LYS A 8 -7.33 10.43 1.06
N ASP A 9 -6.38 9.81 0.36
CA ASP A 9 -6.55 8.45 -0.17
C ASP A 9 -5.70 7.45 0.60
N GLU A 10 -6.30 6.33 0.97
CA GLU A 10 -5.66 5.33 1.80
C GLU A 10 -5.72 3.93 1.13
N TYR A 11 -4.60 3.52 0.55
CA TYR A 11 -4.54 2.22 -0.12
C TYR A 11 -4.04 1.14 0.85
N TYR A 12 -4.97 0.31 1.32
CA TYR A 12 -4.63 -0.80 2.23
C TYR A 12 -4.24 -2.05 1.44
N VAL A 13 -2.94 -2.30 1.34
CA VAL A 13 -2.43 -3.43 0.56
C VAL A 13 -1.55 -4.36 1.41
N GLN A 14 -1.14 -5.48 0.83
CA GLN A 14 -0.21 -6.40 1.50
C GLN A 14 1.05 -6.61 0.66
N ILE A 15 2.05 -7.26 1.23
CA ILE A 15 3.33 -7.48 0.56
C ILE A 15 3.22 -8.48 -0.60
N THR A 16 2.94 -7.98 -1.80
CA THR A 16 2.86 -8.82 -3.00
C THR A 16 4.27 -9.11 -3.55
N VAL A 17 4.95 -8.08 -4.05
CA VAL A 17 6.33 -8.20 -4.52
C VAL A 17 7.34 -7.78 -3.42
N ASP A 18 8.20 -8.72 -3.02
CA ASP A 18 9.21 -8.44 -1.99
C ASP A 18 10.61 -8.88 -2.43
N GLY A 19 11.63 -8.33 -1.77
CA GLY A 19 13.01 -8.70 -2.07
C GLY A 19 13.54 -8.18 -3.41
N LYS A 20 12.78 -7.32 -4.08
CA LYS A 20 13.23 -6.72 -5.35
C LYS A 20 14.39 -5.73 -5.09
N GLU A 21 15.61 -6.23 -5.15
CA GLU A 21 16.80 -5.44 -4.84
C GLU A 21 17.20 -4.54 -6.02
N VAL A 22 16.77 -3.28 -6.00
CA VAL A 22 17.15 -2.31 -7.03
C VAL A 22 18.60 -1.85 -6.85
N HIS A 23 19.52 -2.71 -7.29
CA HIS A 23 20.96 -2.46 -7.18
C HIS A 23 21.50 -1.77 -8.45
N SER A 24 20.59 -1.35 -9.33
CA SER A 24 20.95 -0.78 -10.63
C SER A 24 21.09 0.76 -10.58
N LYS A 25 22.10 1.24 -9.86
CA LYS A 25 22.42 2.68 -9.81
C LYS A 25 23.77 2.93 -9.10
N ALA A 26 24.55 1.87 -8.91
CA ALA A 26 25.78 1.93 -8.13
C ALA A 26 26.85 2.85 -8.75
N ASP A 27 27.30 2.49 -9.96
CA ASP A 27 28.27 3.30 -10.70
C ASP A 27 29.61 3.45 -9.95
N ASN A 28 30.57 2.58 -10.27
CA ASN A 28 31.94 2.63 -9.72
C ASN A 28 31.96 2.55 -8.18
N GLY A 29 30.98 1.85 -7.60
CA GLY A 29 30.89 1.77 -6.13
C GLY A 29 29.66 1.00 -5.65
N GLN A 30 29.55 -0.27 -6.03
CA GLN A 30 28.38 -1.09 -5.69
C GLN A 30 28.52 -1.81 -4.35
N LYS A 31 28.14 -1.13 -3.27
CA LYS A 31 28.17 -1.71 -1.92
C LYS A 31 26.87 -1.42 -1.16
N TYR A 32 25.79 -1.15 -1.89
CA TYR A 32 24.50 -0.86 -1.27
C TYR A 32 23.33 -1.46 -2.08
N LYS A 33 22.19 -1.67 -1.41
CA LYS A 33 20.97 -2.16 -2.06
C LYS A 33 19.72 -1.46 -1.51
N ASP A 34 18.68 -1.40 -2.35
CA ASP A 34 17.36 -0.89 -1.94
C ASP A 34 16.27 -1.87 -2.39
N TYR A 35 15.17 -1.92 -1.66
CA TYR A 35 14.05 -2.83 -2.00
C TYR A 35 12.89 -2.07 -2.63
N GLU A 36 12.40 -2.55 -3.79
CA GLU A 36 11.27 -1.90 -4.46
C GLU A 36 9.95 -2.65 -4.20
N TYR A 37 8.95 -1.91 -3.74
CA TYR A 37 7.62 -2.48 -3.52
C TYR A 37 6.57 -1.82 -4.42
N LYS A 38 6.31 -2.42 -5.58
CA LYS A 38 5.23 -1.98 -6.46
C LYS A 38 3.95 -2.78 -6.19
N LEU A 39 3.10 -2.24 -5.31
CA LEU A 39 1.92 -2.97 -4.83
C LEU A 39 0.63 -2.45 -5.47
N THR A 40 -0.34 -3.33 -5.70
CA THR A 40 -1.62 -2.96 -6.31
C THR A 40 -2.59 -2.37 -5.28
N GLY A 41 -2.68 -1.05 -5.24
CA GLY A 41 -3.59 -0.36 -4.34
C GLY A 41 -4.98 -0.17 -4.91
N PHE A 42 -6.01 -0.54 -4.13
CA PHE A 42 -7.40 -0.39 -4.58
C PHE A 42 -7.98 0.97 -4.17
N ASP A 43 -8.34 1.76 -5.16
CA ASP A 43 -8.85 3.12 -4.96
C ASP A 43 -10.30 3.12 -4.44
N LYS A 44 -10.75 4.28 -3.92
CA LYS A 44 -12.11 4.43 -3.40
C LYS A 44 -13.18 4.06 -4.46
N ASP A 45 -12.90 4.35 -5.72
CA ASP A 45 -13.82 4.03 -6.82
C ASP A 45 -13.80 2.52 -7.19
N GLY A 46 -12.99 1.75 -6.47
CA GLY A 46 -12.84 0.32 -6.78
C GLY A 46 -11.77 0.05 -7.83
N LYS A 47 -11.05 1.10 -8.24
CA LYS A 47 -10.02 0.98 -9.27
C LYS A 47 -8.75 0.31 -8.72
N GLU A 48 -7.94 -0.28 -9.60
CA GLU A 48 -6.69 -0.92 -9.20
C GLU A 48 -5.47 -0.13 -9.72
N LYS A 49 -4.85 0.63 -8.82
CA LYS A 49 -3.69 1.45 -9.15
C LYS A 49 -2.39 0.83 -8.59
N GLU A 50 -1.29 0.97 -9.31
CA GLU A 50 -0.01 0.43 -8.87
C GLU A 50 0.83 1.49 -8.11
N LEU A 51 1.08 1.25 -6.83
CA LEU A 51 1.89 2.14 -5.99
C LEU A 51 3.30 1.58 -5.83
N GLU A 52 4.27 2.19 -6.53
CA GLU A 52 5.66 1.77 -6.43
C GLU A 52 6.46 2.66 -5.47
N PHE A 53 6.98 2.06 -4.40
CA PHE A 53 7.81 2.79 -3.44
C PHE A 53 8.99 1.93 -2.95
N THR A 54 10.16 2.54 -2.82
CA THR A 54 11.35 1.84 -2.33
C THR A 54 11.45 1.92 -0.79
N ALA A 55 11.94 0.84 -0.18
CA ALA A 55 12.03 0.74 1.27
C ALA A 55 13.45 0.37 1.74
N GLN A 56 13.69 0.55 3.03
CA GLN A 56 15.00 0.27 3.64
C GLN A 56 15.18 -1.21 4.01
N LYS A 57 14.07 -1.92 4.23
CA LYS A 57 14.10 -3.30 4.72
C LYS A 57 13.07 -4.19 4.01
N ASN A 58 13.16 -5.49 4.25
CA ASN A 58 12.13 -6.43 3.81
C ASN A 58 10.88 -6.26 4.68
N LEU A 59 9.86 -5.60 4.12
CA LEU A 59 8.64 -5.30 4.89
C LEU A 59 7.90 -6.59 5.31
N ARG A 60 7.21 -6.54 6.44
CA ARG A 60 6.54 -7.72 7.01
C ARG A 60 5.54 -8.35 6.03
N LYS A 61 5.87 -9.53 5.53
CA LYS A 61 4.97 -10.29 4.65
C LYS A 61 3.66 -10.64 5.39
N GLU A 62 2.52 -10.51 4.69
CA GLU A 62 1.18 -10.67 5.28
C GLU A 62 0.77 -9.49 6.18
N ALA A 63 1.54 -8.40 6.16
CA ALA A 63 1.17 -7.17 6.86
C ALA A 63 0.44 -6.20 5.92
N PHE A 64 -0.37 -5.31 6.49
CA PHE A 64 -1.16 -4.36 5.71
C PHE A 64 -0.52 -2.97 5.70
N LEU A 65 -0.14 -2.50 4.52
CA LEU A 65 0.48 -1.18 4.36
C LEU A 65 -0.57 -0.11 4.03
N ARG A 66 -0.68 0.90 4.89
CA ARG A 66 -1.53 2.07 4.64
C ARG A 66 -0.78 3.07 3.74
N VAL A 67 -0.94 2.92 2.43
CA VAL A 67 -0.25 3.77 1.46
C VAL A 67 -1.01 5.08 1.21
N TYR A 68 -0.31 6.19 1.44
CA TYR A 68 -0.85 7.53 1.24
C TYR A 68 -0.60 8.02 -0.20
N HIS A 69 -1.68 8.44 -0.87
CA HIS A 69 -1.62 8.92 -2.25
C HIS A 69 -1.00 10.33 -2.31
N SER A 70 0.10 10.47 -3.06
CA SER A 70 0.83 11.75 -3.14
C SER A 70 1.10 12.16 -4.60
N ASP A 71 1.70 13.34 -4.76
CA ASP A 71 1.96 13.92 -6.08
C ASP A 71 3.39 13.61 -6.57
N LYS A 72 4.38 13.97 -5.74
CA LYS A 72 5.80 13.95 -6.12
C LYS A 72 6.25 12.63 -6.79
N LYS A 73 5.78 11.50 -6.28
CA LYS A 73 6.19 10.18 -6.81
C LYS A 73 5.09 9.14 -6.62
N GLY A 74 3.83 9.60 -6.61
CA GLY A 74 2.71 8.71 -6.37
C GLY A 74 2.54 8.31 -4.90
N VAL A 75 3.64 7.91 -4.26
CA VAL A 75 3.65 7.58 -2.84
C VAL A 75 4.58 8.53 -2.07
N SER A 76 4.21 8.84 -0.82
CA SER A 76 5.05 9.69 0.05
C SER A 76 5.15 9.11 1.46
N ALA A 77 4.04 8.53 1.93
CA ALA A 77 3.99 7.95 3.28
C ALA A 77 3.25 6.61 3.29
N TRP A 78 3.68 5.70 4.17
CA TRP A 78 3.03 4.39 4.34
C TRP A 78 3.21 3.87 5.77
N GLU A 79 2.20 3.18 6.29
CA GLU A 79 2.28 2.56 7.62
C GLU A 79 2.18 1.04 7.52
N GLU A 80 2.95 0.35 8.37
CA GLU A 80 2.98 -1.11 8.39
C GLU A 80 2.12 -1.65 9.54
N VAL A 81 0.84 -1.92 9.26
CA VAL A 81 -0.10 -2.35 10.30
C VAL A 81 -0.56 -3.81 10.12
N LYS A 82 -1.36 -4.29 11.07
CA LYS A 82 -1.84 -5.68 11.07
C LYS A 82 -3.37 -5.77 10.99
N LYS A 83 -3.89 -6.98 10.79
CA LYS A 83 -5.34 -7.21 10.72
C LYS A 83 -6.06 -6.82 12.03
N ASP A 84 -5.32 -6.78 13.13
CA ASP A 84 -5.85 -6.30 14.41
C ASP A 84 -6.29 -4.83 14.30
N GLU A 85 -5.72 -4.11 13.33
CA GLU A 85 -6.12 -2.74 13.03
C GLU A 85 -7.29 -2.71 12.03
N LEU A 86 -7.14 -3.43 10.92
CA LEU A 86 -8.14 -3.47 9.86
C LEU A 86 -9.13 -4.64 10.03
N PRO A 87 -10.42 -4.35 10.28
CA PRO A 87 -11.43 -5.41 10.47
C PRO A 87 -11.66 -6.28 9.22
N ALA A 88 -12.27 -7.44 9.42
CA ALA A 88 -12.53 -8.40 8.34
C ALA A 88 -13.26 -7.77 7.14
N LYS A 89 -13.93 -6.65 7.39
CA LYS A 89 -14.62 -5.87 6.33
C LYS A 89 -13.73 -5.69 5.09
N VAL A 90 -12.41 -5.61 5.31
CA VAL A 90 -11.45 -5.51 4.22
C VAL A 90 -11.51 -6.74 3.29
N LYS A 91 -11.27 -7.93 3.86
CA LYS A 91 -11.23 -9.17 3.07
C LYS A 91 -12.63 -9.65 2.65
N GLU A 92 -13.66 -9.26 3.41
CA GLU A 92 -15.05 -9.65 3.11
C GLU A 92 -15.66 -8.78 2.00
N LYS A 93 -15.48 -7.45 2.09
CA LYS A 93 -16.06 -6.53 1.11
C LYS A 93 -15.07 -6.20 -0.01
N LEU A 94 -13.92 -5.62 0.35
CA LEU A 94 -12.91 -5.19 -0.64
C LEU A 94 -11.76 -4.45 0.06
N GLY A 95 -12.10 -3.59 1.01
CA GLY A 95 -11.12 -2.72 1.65
C GLY A 95 -11.45 -1.24 1.45
N VAL A 96 -12.36 -0.98 0.52
CA VAL A 96 -12.85 0.37 0.24
C VAL A 96 -13.48 1.03 1.47
N LYS A 97 -13.43 2.36 1.52
CA LYS A 97 -14.01 3.12 2.63
C LYS A 97 -15.49 3.46 2.37
N LEU A 98 -16.36 3.10 3.32
CA LEU A 98 -17.81 3.34 3.17
C LEU A 98 -18.42 3.83 4.49
N GLU A 99 -18.34 5.14 4.73
CA GLU A 99 -18.78 5.70 6.02
C GLU A 99 -19.30 7.14 5.89
N HIS A 100 -18.84 7.87 4.87
CA HIS A 100 -19.24 9.28 4.67
C HIS A 100 -18.79 10.14 5.87
N HIS A 101 -17.73 9.71 6.54
CA HIS A 101 -17.22 10.39 7.74
C HIS A 101 -16.28 11.55 7.38
N HIS A 102 -16.76 12.77 7.54
CA HIS A 102 -15.94 13.98 7.37
C HIS A 102 -16.79 15.23 7.67
N HIS A 103 -16.58 15.81 8.86
CA HIS A 103 -17.39 16.94 9.32
C HIS A 103 -17.13 18.21 8.52
N HIS A 104 -18.17 18.73 7.87
CA HIS A 104 -18.14 20.04 7.21
C HIS A 104 -19.46 20.79 7.48
N HIS A 105 -19.38 21.83 8.31
CA HIS A 105 -20.57 22.53 8.87
C HIS A 105 -21.26 21.69 9.97
N MET A 1 -1.45 26.84 11.08
CA MET A 1 -1.14 25.41 10.83
C MET A 1 -2.08 24.47 11.62
N ASP A 2 -3.27 24.23 11.06
CA ASP A 2 -4.24 23.34 11.69
C ASP A 2 -3.98 21.87 11.33
N LEU A 3 -3.87 21.01 12.35
CA LEU A 3 -3.58 19.59 12.15
C LEU A 3 -4.85 18.79 11.78
N ASN A 4 -5.95 19.50 11.52
CA ASN A 4 -7.22 18.85 11.16
C ASN A 4 -7.18 18.23 9.76
N ARG A 5 -7.29 16.90 9.70
CA ARG A 5 -7.34 16.17 8.43
C ARG A 5 -6.15 16.51 7.51
N MET A 6 -4.94 16.16 7.95
CA MET A 6 -3.74 16.40 7.13
C MET A 6 -3.45 15.23 6.17
N GLY A 7 -4.42 14.33 6.01
CA GLY A 7 -4.22 13.16 5.15
C GLY A 7 -4.98 13.23 3.83
N LYS A 8 -4.28 12.94 2.73
CA LYS A 8 -4.91 12.77 1.41
C LYS A 8 -5.46 11.32 1.26
N ASP A 9 -5.35 10.73 0.07
CA ASP A 9 -5.85 9.37 -0.17
C ASP A 9 -5.02 8.31 0.58
N GLU A 10 -5.69 7.27 1.08
CA GLU A 10 -5.05 6.22 1.88
C GLU A 10 -5.37 4.84 1.30
N TYR A 11 -4.37 4.20 0.68
CA TYR A 11 -4.57 2.87 0.06
C TYR A 11 -4.14 1.73 1.00
N TYR A 12 -5.03 0.75 1.16
CA TYR A 12 -4.77 -0.40 2.05
C TYR A 12 -4.32 -1.63 1.25
N VAL A 13 -3.02 -1.91 1.26
CA VAL A 13 -2.46 -3.05 0.52
C VAL A 13 -1.69 -4.00 1.44
N GLN A 14 -1.12 -5.07 0.86
CA GLN A 14 -0.27 -5.99 1.63
C GLN A 14 1.01 -6.33 0.85
N ILE A 15 2.03 -6.81 1.56
CA ILE A 15 3.32 -7.15 0.95
C ILE A 15 3.19 -8.31 -0.07
N THR A 16 3.29 -7.98 -1.35
CA THR A 16 3.20 -8.98 -2.43
C THR A 16 4.58 -9.60 -2.73
N VAL A 17 5.50 -8.78 -3.22
CA VAL A 17 6.86 -9.23 -3.56
C VAL A 17 7.94 -8.34 -2.92
N ASP A 18 8.99 -8.98 -2.40
CA ASP A 18 10.12 -8.26 -1.82
C ASP A 18 11.47 -8.80 -2.36
N GLY A 19 12.57 -8.30 -1.81
CA GLY A 19 13.90 -8.75 -2.20
C GLY A 19 14.36 -8.24 -3.58
N LYS A 20 13.48 -7.55 -4.31
CA LYS A 20 13.88 -6.90 -5.56
C LYS A 20 14.78 -5.68 -5.26
N GLU A 21 16.09 -5.90 -5.21
CA GLU A 21 17.03 -4.84 -4.84
C GLU A 21 17.37 -3.93 -6.04
N VAL A 22 16.85 -2.71 -5.99
CA VAL A 22 17.05 -1.74 -7.05
C VAL A 22 18.32 -0.89 -6.81
N HIS A 23 19.38 -1.27 -7.50
CA HIS A 23 20.65 -0.51 -7.48
C HIS A 23 20.52 0.83 -8.26
N SER A 24 19.34 1.45 -8.21
CA SER A 24 19.03 2.61 -9.07
C SER A 24 19.44 3.94 -8.42
N LYS A 25 20.51 3.91 -7.62
CA LYS A 25 21.08 5.11 -7.01
C LYS A 25 22.62 5.08 -7.11
N ALA A 26 23.13 4.40 -8.14
CA ALA A 26 24.55 4.11 -8.25
C ALA A 26 25.24 4.84 -9.41
N ASP A 27 24.55 5.79 -10.03
CA ASP A 27 25.06 6.52 -11.21
C ASP A 27 26.42 7.21 -10.95
N ASN A 28 26.67 7.61 -9.70
CA ASN A 28 27.93 8.27 -9.32
C ASN A 28 29.09 7.24 -9.18
N GLY A 29 28.73 5.97 -9.04
CA GLY A 29 29.72 4.92 -8.83
C GLY A 29 29.52 4.19 -7.50
N GLN A 30 28.28 3.84 -7.21
CA GLN A 30 27.93 3.17 -5.94
C GLN A 30 27.40 1.75 -6.18
N LYS A 31 27.09 1.03 -5.09
CA LYS A 31 26.65 -0.36 -5.18
C LYS A 31 25.53 -0.72 -4.18
N TYR A 32 25.03 0.26 -3.42
CA TYR A 32 24.01 0.00 -2.40
C TYR A 32 22.61 -0.21 -3.02
N LYS A 33 21.68 -0.79 -2.23
CA LYS A 33 20.39 -1.22 -2.77
C LYS A 33 19.19 -0.70 -1.94
N ASP A 34 18.01 -0.73 -2.58
CA ASP A 34 16.72 -0.54 -1.89
C ASP A 34 15.75 -1.68 -2.30
N TYR A 35 14.90 -2.11 -1.37
CA TYR A 35 13.95 -3.20 -1.63
C TYR A 35 12.66 -2.68 -2.30
N GLU A 36 12.41 -3.10 -3.54
CA GLU A 36 11.22 -2.67 -4.28
C GLU A 36 9.96 -3.44 -3.86
N TYR A 37 8.85 -2.71 -3.69
CA TYR A 37 7.55 -3.30 -3.39
C TYR A 37 6.49 -2.82 -4.40
N LYS A 38 6.19 -3.66 -5.39
CA LYS A 38 5.25 -3.32 -6.46
C LYS A 38 3.98 -4.15 -6.33
N LEU A 39 2.83 -3.48 -6.25
CA LEU A 39 1.55 -4.15 -5.99
C LEU A 39 0.34 -3.35 -6.52
N THR A 40 -0.81 -4.01 -6.60
CA THR A 40 -2.06 -3.36 -7.04
C THR A 40 -2.83 -2.75 -5.86
N GLY A 41 -2.96 -1.44 -5.85
CA GLY A 41 -3.70 -0.76 -4.79
C GLY A 41 -5.08 -0.28 -5.25
N PHE A 42 -6.14 -0.92 -4.75
CA PHE A 42 -7.51 -0.50 -5.07
C PHE A 42 -8.22 0.11 -3.84
N ASP A 43 -8.68 1.35 -4.01
CA ASP A 43 -9.26 2.13 -2.90
C ASP A 43 -10.21 3.22 -3.44
N LYS A 44 -10.75 4.04 -2.53
CA LYS A 44 -11.58 5.20 -2.87
C LYS A 44 -13.03 4.79 -3.15
N ASP A 45 -13.25 3.96 -4.16
CA ASP A 45 -14.59 3.47 -4.49
C ASP A 45 -14.52 2.23 -5.40
N GLY A 46 -13.51 1.40 -5.18
CA GLY A 46 -13.39 0.14 -5.93
C GLY A 46 -12.69 0.30 -7.28
N LYS A 47 -11.59 1.06 -7.31
CA LYS A 47 -10.78 1.22 -8.52
C LYS A 47 -9.32 0.82 -8.26
N GLU A 48 -8.66 0.23 -9.24
CA GLU A 48 -7.30 -0.28 -9.08
C GLU A 48 -6.24 0.74 -9.54
N LYS A 49 -5.15 0.84 -8.80
CA LYS A 49 -4.05 1.74 -9.15
C LYS A 49 -2.69 1.06 -8.94
N GLU A 50 -1.70 1.44 -9.76
CA GLU A 50 -0.35 0.87 -9.68
C GLU A 50 0.52 1.62 -8.65
N LEU A 51 0.80 0.96 -7.52
CA LEU A 51 1.68 1.53 -6.48
C LEU A 51 2.97 0.71 -6.34
N GLU A 52 4.11 1.41 -6.28
CA GLU A 52 5.41 0.74 -6.12
C GLU A 52 6.41 1.65 -5.39
N PHE A 53 6.82 1.22 -4.19
CA PHE A 53 7.75 1.99 -3.34
C PHE A 53 8.96 1.14 -2.93
N THR A 54 10.06 1.79 -2.55
CA THR A 54 11.29 1.08 -2.17
C THR A 54 11.67 1.30 -0.70
N ALA A 55 11.71 0.22 0.07
CA ALA A 55 12.08 0.28 1.49
C ALA A 55 13.55 -0.07 1.70
N GLN A 56 14.18 0.56 2.69
CA GLN A 56 15.59 0.30 3.02
C GLN A 56 15.75 -1.05 3.74
N LYS A 57 14.69 -1.51 4.39
CA LYS A 57 14.67 -2.80 5.08
C LYS A 57 13.57 -3.70 4.49
N ASN A 58 13.79 -5.02 4.52
CA ASN A 58 12.77 -5.98 4.10
C ASN A 58 11.62 -6.03 5.12
N LEU A 59 10.44 -5.62 4.69
CA LEU A 59 9.26 -5.51 5.57
C LEU A 59 8.61 -6.88 5.84
N ARG A 60 7.46 -6.86 6.53
CA ARG A 60 6.69 -8.09 6.80
C ARG A 60 6.29 -8.81 5.50
N LYS A 61 5.61 -9.94 5.62
CA LYS A 61 5.05 -10.64 4.45
C LYS A 61 3.52 -10.77 4.58
N GLU A 62 3.06 -11.64 5.49
CA GLU A 62 1.62 -11.77 5.73
C GLU A 62 1.11 -10.64 6.65
N ALA A 63 1.02 -9.45 6.07
CA ALA A 63 0.52 -8.27 6.81
C ALA A 63 0.15 -7.15 5.84
N PHE A 64 -0.60 -6.15 6.33
CA PHE A 64 -1.06 -5.04 5.51
C PHE A 64 -0.23 -3.77 5.76
N LEU A 65 -0.33 -2.83 4.83
CA LEU A 65 0.45 -1.61 4.87
C LEU A 65 -0.35 -0.46 4.25
N ARG A 66 -0.50 0.64 4.99
CA ARG A 66 -1.23 1.82 4.50
C ARG A 66 -0.28 2.77 3.75
N VAL A 67 -0.58 3.05 2.49
CA VAL A 67 0.30 3.89 1.67
C VAL A 67 -0.34 5.23 1.32
N TYR A 68 0.34 6.29 1.74
CA TYR A 68 -0.12 7.66 1.61
C TYR A 68 -0.10 8.11 0.14
N HIS A 69 -1.24 8.06 -0.52
CA HIS A 69 -1.36 8.49 -1.92
C HIS A 69 -1.45 10.01 -2.04
N SER A 70 -0.32 10.64 -2.33
CA SER A 70 -0.29 12.07 -2.63
C SER A 70 -0.25 12.31 -4.14
N ASP A 71 -0.75 13.46 -4.58
CA ASP A 71 -0.84 13.78 -6.00
C ASP A 71 0.54 13.83 -6.70
N LYS A 72 1.60 13.91 -5.91
CA LYS A 72 2.98 13.90 -6.44
C LYS A 72 3.40 12.49 -6.92
N LYS A 73 2.57 11.48 -6.60
CA LYS A 73 2.87 10.07 -6.93
C LYS A 73 4.08 9.54 -6.13
N GLY A 74 4.40 8.26 -6.35
CA GLY A 74 5.56 7.65 -5.69
C GLY A 74 5.35 7.39 -4.19
N VAL A 75 4.16 7.71 -3.70
CA VAL A 75 3.82 7.56 -2.27
C VAL A 75 4.64 8.51 -1.38
N SER A 76 3.93 9.31 -0.56
CA SER A 76 4.57 10.28 0.34
C SER A 76 5.07 9.61 1.62
N ALA A 77 4.30 8.65 2.13
CA ALA A 77 4.65 7.92 3.35
C ALA A 77 4.00 6.54 3.37
N TRP A 78 4.58 5.61 4.14
CA TRP A 78 4.03 4.25 4.25
C TRP A 78 4.01 3.77 5.71
N GLU A 79 2.83 3.46 6.23
CA GLU A 79 2.67 3.00 7.62
C GLU A 79 2.31 1.51 7.66
N GLU A 80 3.08 0.74 8.40
CA GLU A 80 2.92 -0.71 8.45
C GLU A 80 1.91 -1.13 9.53
N VAL A 81 0.84 -1.83 9.13
CA VAL A 81 -0.27 -2.16 10.05
C VAL A 81 -0.67 -3.64 10.00
N LYS A 82 -1.69 -4.00 10.77
CA LYS A 82 -2.23 -5.36 10.79
C LYS A 82 -3.69 -5.39 10.27
N LYS A 83 -4.22 -6.58 9.99
CA LYS A 83 -5.58 -6.70 9.44
C LYS A 83 -6.66 -6.35 10.48
N ASP A 84 -6.29 -6.40 11.75
CA ASP A 84 -7.20 -6.03 12.84
C ASP A 84 -7.48 -4.52 12.84
N GLU A 85 -6.59 -3.75 12.22
CA GLU A 85 -6.67 -2.29 12.22
C GLU A 85 -7.38 -1.75 10.96
N LEU A 86 -7.89 -2.67 10.13
CA LEU A 86 -8.60 -2.29 8.90
C LEU A 86 -10.12 -2.41 9.10
N PRO A 87 -10.93 -1.60 8.39
CA PRO A 87 -12.39 -1.69 8.45
C PRO A 87 -12.91 -3.09 8.04
N ALA A 88 -13.97 -3.56 8.72
CA ALA A 88 -14.50 -4.91 8.49
C ALA A 88 -14.84 -5.17 7.02
N LYS A 89 -15.25 -4.13 6.31
CA LYS A 89 -15.62 -4.24 4.89
C LYS A 89 -14.47 -4.81 4.04
N VAL A 90 -13.23 -4.46 4.39
CA VAL A 90 -12.06 -4.96 3.66
C VAL A 90 -11.86 -6.48 3.87
N LYS A 91 -12.08 -6.92 5.10
CA LYS A 91 -11.91 -8.33 5.48
C LYS A 91 -13.13 -9.17 5.08
N GLU A 92 -14.29 -8.53 4.98
CA GLU A 92 -15.56 -9.23 4.70
C GLU A 92 -15.92 -9.22 3.21
N LYS A 93 -15.98 -8.03 2.61
CA LYS A 93 -16.55 -7.86 1.27
C LYS A 93 -15.49 -7.54 0.20
N LEU A 94 -14.55 -6.64 0.53
CA LEU A 94 -13.55 -6.14 -0.42
C LEU A 94 -14.20 -5.18 -1.45
N GLY A 95 -13.70 -3.96 -1.54
CA GLY A 95 -14.24 -2.96 -2.47
C GLY A 95 -15.02 -1.86 -1.76
N VAL A 96 -15.88 -2.24 -0.82
CA VAL A 96 -16.62 -1.28 0.01
C VAL A 96 -15.76 -0.84 1.22
N LYS A 97 -16.11 0.29 1.85
CA LYS A 97 -15.21 0.92 2.82
C LYS A 97 -15.93 1.58 4.02
N LEU A 98 -17.26 1.53 4.06
CA LEU A 98 -18.02 2.26 5.09
C LEU A 98 -18.53 1.34 6.22
N GLU A 99 -18.32 1.75 7.47
CA GLU A 99 -18.79 0.99 8.64
C GLU A 99 -20.02 1.65 9.31
N HIS A 100 -19.76 2.60 10.22
CA HIS A 100 -20.81 3.24 11.04
C HIS A 100 -21.73 2.20 11.73
N HIS A 101 -21.33 1.76 12.92
CA HIS A 101 -22.19 0.89 13.74
C HIS A 101 -22.56 1.58 15.06
N HIS A 102 -23.83 1.97 15.18
CA HIS A 102 -24.34 2.72 16.34
C HIS A 102 -23.65 4.09 16.46
N HIS A 103 -24.18 5.09 15.74
CA HIS A 103 -23.70 6.47 15.84
C HIS A 103 -24.13 7.06 17.20
N HIS A 104 -23.18 7.21 18.11
CA HIS A 104 -23.49 7.58 19.49
C HIS A 104 -24.09 8.98 19.64
N HIS A 105 -25.43 9.03 19.68
CA HIS A 105 -26.19 10.26 19.99
C HIS A 105 -25.70 11.50 19.21
N MET A 1 -4.55 25.23 9.60
CA MET A 1 -4.99 24.05 8.82
C MET A 1 -3.81 23.39 8.08
N ASP A 2 -3.41 22.21 8.54
CA ASP A 2 -2.26 21.51 7.97
C ASP A 2 -2.66 20.57 6.82
N LEU A 3 -2.95 21.15 5.65
CA LEU A 3 -3.36 20.38 4.47
C LEU A 3 -2.35 19.29 4.08
N ASN A 4 -1.11 19.44 4.56
CA ASN A 4 -0.05 18.46 4.28
C ASN A 4 -0.38 17.08 4.86
N ARG A 5 -1.16 17.06 5.93
CA ARG A 5 -1.57 15.80 6.59
C ARG A 5 -3.09 15.67 6.65
N MET A 6 -3.81 16.56 5.97
CA MET A 6 -5.29 16.58 6.00
C MET A 6 -5.88 16.50 4.60
N GLY A 7 -6.87 15.62 4.41
CA GLY A 7 -7.49 15.44 3.10
C GLY A 7 -6.62 14.66 2.13
N LYS A 8 -5.87 13.68 2.66
CA LYS A 8 -4.94 12.88 1.85
C LYS A 8 -5.54 11.52 1.47
N ASP A 9 -5.12 10.98 0.33
CA ASP A 9 -5.54 9.63 -0.09
C ASP A 9 -4.83 8.54 0.72
N GLU A 10 -5.58 7.81 1.55
CA GLU A 10 -5.02 6.68 2.30
C GLU A 10 -5.51 5.33 1.72
N TYR A 11 -4.55 4.50 1.30
CA TYR A 11 -4.85 3.16 0.77
C TYR A 11 -4.23 2.06 1.65
N TYR A 12 -5.01 1.03 1.96
CA TYR A 12 -4.52 -0.12 2.73
C TYR A 12 -4.07 -1.26 1.79
N VAL A 13 -2.76 -1.37 1.58
CA VAL A 13 -2.20 -2.35 0.65
C VAL A 13 -1.24 -3.32 1.35
N GLN A 14 -1.28 -4.60 0.97
CA GLN A 14 -0.40 -5.61 1.56
C GLN A 14 0.90 -5.76 0.73
N ILE A 15 2.03 -5.90 1.42
CA ILE A 15 3.32 -6.11 0.75
C ILE A 15 3.34 -7.46 0.03
N THR A 16 3.65 -7.43 -1.27
CA THR A 16 3.67 -8.63 -2.11
C THR A 16 5.01 -9.38 -2.01
N VAL A 17 6.06 -8.79 -2.60
CA VAL A 17 7.39 -9.39 -2.60
C VAL A 17 8.42 -8.49 -1.90
N ASP A 18 9.42 -9.10 -1.28
CA ASP A 18 10.49 -8.35 -0.58
C ASP A 18 11.88 -8.84 -1.00
N GLY A 19 12.91 -8.12 -0.55
CA GLY A 19 14.29 -8.52 -0.83
C GLY A 19 14.74 -8.34 -2.28
N LYS A 20 13.91 -7.70 -3.10
CA LYS A 20 14.30 -7.42 -4.49
C LYS A 20 15.06 -6.09 -4.60
N GLU A 21 16.39 -6.14 -4.49
CA GLU A 21 17.21 -4.92 -4.53
C GLU A 21 17.28 -4.34 -5.96
N VAL A 22 17.20 -3.01 -6.06
CA VAL A 22 17.33 -2.32 -7.35
C VAL A 22 18.81 -2.16 -7.74
N HIS A 23 19.48 -3.29 -7.97
CA HIS A 23 20.91 -3.32 -8.31
C HIS A 23 21.13 -2.98 -9.80
N SER A 24 20.33 -2.03 -10.32
CA SER A 24 20.33 -1.72 -11.76
C SER A 24 21.71 -1.37 -12.31
N LYS A 25 22.39 -0.42 -11.66
CA LYS A 25 23.69 0.05 -12.15
C LYS A 25 24.43 0.86 -11.08
N ALA A 26 25.28 0.17 -10.33
CA ALA A 26 26.19 0.82 -9.38
C ALA A 26 27.46 1.32 -10.08
N ASP A 27 27.46 1.25 -11.42
CA ASP A 27 28.57 1.69 -12.26
C ASP A 27 28.95 3.16 -11.98
N ASN A 28 29.80 3.36 -10.98
CA ASN A 28 30.21 4.70 -10.54
C ASN A 28 31.15 4.58 -9.33
N GLY A 29 30.76 3.77 -8.35
CA GLY A 29 31.57 3.58 -7.15
C GLY A 29 30.75 3.17 -5.93
N GLN A 30 29.57 3.77 -5.76
CA GLN A 30 28.70 3.46 -4.60
C GLN A 30 27.65 2.40 -4.95
N LYS A 31 27.21 1.64 -3.94
CA LYS A 31 26.23 0.57 -4.16
C LYS A 31 24.79 1.11 -4.18
N TYR A 32 24.04 0.74 -5.21
CA TYR A 32 22.61 1.02 -5.25
C TYR A 32 21.81 -0.23 -4.90
N LYS A 33 21.24 -0.26 -3.70
CA LYS A 33 20.52 -1.44 -3.21
C LYS A 33 19.35 -1.07 -2.29
N ASP A 34 18.23 -0.69 -2.89
CA ASP A 34 16.96 -0.54 -2.15
C ASP A 34 15.94 -1.57 -2.67
N TYR A 35 15.09 -2.08 -1.76
CA TYR A 35 14.15 -3.14 -2.13
C TYR A 35 12.90 -2.59 -2.83
N GLU A 36 12.54 -3.24 -3.94
CA GLU A 36 11.42 -2.79 -4.80
C GLU A 36 10.08 -3.36 -4.32
N TYR A 37 9.12 -2.49 -4.06
CA TYR A 37 7.77 -2.93 -3.66
C TYR A 37 6.70 -2.42 -4.64
N LYS A 38 6.14 -3.34 -5.43
CA LYS A 38 5.09 -3.02 -6.40
C LYS A 38 3.80 -3.79 -6.06
N LEU A 39 2.75 -3.05 -5.73
CA LEU A 39 1.48 -3.64 -5.31
C LEU A 39 0.26 -2.85 -5.80
N THR A 40 -0.87 -3.52 -5.95
CA THR A 40 -2.10 -2.89 -6.45
C THR A 40 -3.14 -2.71 -5.34
N GLY A 41 -3.58 -1.46 -5.13
CA GLY A 41 -4.58 -1.18 -4.11
C GLY A 41 -5.97 -0.92 -4.70
N PHE A 42 -6.97 -1.64 -4.20
CA PHE A 42 -8.35 -1.47 -4.68
C PHE A 42 -9.20 -0.68 -3.66
N ASP A 43 -9.50 0.57 -3.99
CA ASP A 43 -10.28 1.44 -3.10
C ASP A 43 -10.84 2.64 -3.86
N LYS A 44 -11.66 3.45 -3.18
CA LYS A 44 -12.30 4.63 -3.79
C LYS A 44 -13.19 4.24 -4.98
N ASP A 45 -14.32 3.59 -4.66
CA ASP A 45 -15.32 3.21 -5.67
C ASP A 45 -14.79 2.15 -6.66
N GLY A 46 -13.72 1.47 -6.28
CA GLY A 46 -13.18 0.38 -7.11
C GLY A 46 -11.98 0.79 -7.96
N LYS A 47 -11.30 1.87 -7.58
CA LYS A 47 -10.07 2.31 -8.27
C LYS A 47 -8.93 1.32 -8.01
N GLU A 48 -8.38 0.75 -9.08
CA GLU A 48 -7.22 -0.14 -8.96
C GLU A 48 -5.92 0.59 -9.33
N LYS A 49 -5.17 0.98 -8.31
CA LYS A 49 -3.90 1.68 -8.53
C LYS A 49 -2.70 0.76 -8.30
N GLU A 50 -1.76 0.76 -9.24
CA GLU A 50 -0.49 0.04 -9.04
C GLU A 50 0.55 0.95 -8.37
N LEU A 51 0.66 0.83 -7.05
CA LEU A 51 1.56 1.69 -6.27
C LEU A 51 2.97 1.09 -6.18
N GLU A 52 3.98 1.96 -6.20
CA GLU A 52 5.38 1.53 -6.16
C GLU A 52 6.19 2.37 -5.16
N PHE A 53 6.92 1.69 -4.28
CA PHE A 53 7.78 2.36 -3.30
C PHE A 53 8.99 1.48 -2.93
N THR A 54 10.19 2.06 -2.99
CA THR A 54 11.42 1.33 -2.65
C THR A 54 11.91 1.65 -1.23
N ALA A 55 12.18 0.61 -0.45
CA ALA A 55 12.60 0.77 0.95
C ALA A 55 14.05 0.28 1.16
N GLN A 56 14.78 0.97 2.05
CA GLN A 56 16.18 0.62 2.35
C GLN A 56 16.30 -0.77 2.99
N LYS A 57 15.26 -1.19 3.71
CA LYS A 57 15.30 -2.46 4.43
C LYS A 57 14.00 -3.27 4.24
N ASN A 58 14.10 -4.58 4.42
CA ASN A 58 12.98 -5.51 4.21
C ASN A 58 11.76 -5.16 5.09
N LEU A 59 10.63 -4.89 4.44
CA LEU A 59 9.37 -4.67 5.13
C LEU A 59 8.65 -6.00 5.41
N ARG A 60 7.59 -5.97 6.20
CA ARG A 60 6.82 -7.18 6.50
C ARG A 60 5.72 -7.42 5.45
N LYS A 61 5.62 -8.67 4.97
CA LYS A 61 4.71 -9.01 3.88
C LYS A 61 3.43 -9.68 4.39
N GLU A 62 2.45 -9.84 3.49
CA GLU A 62 1.12 -10.38 3.82
C GLU A 62 0.26 -9.33 4.56
N ALA A 63 0.87 -8.64 5.53
CA ALA A 63 0.18 -7.59 6.28
C ALA A 63 0.02 -6.32 5.44
N PHE A 64 -0.90 -5.44 5.84
CA PHE A 64 -1.23 -4.23 5.09
C PHE A 64 -0.55 -2.98 5.67
N LEU A 65 -0.39 -1.96 4.83
CA LEU A 65 0.11 -0.65 5.27
C LEU A 65 -0.78 0.47 4.74
N ARG A 66 -0.96 1.54 5.52
CA ARG A 66 -1.63 2.74 5.02
C ARG A 66 -0.63 3.59 4.22
N VAL A 67 -0.68 3.45 2.90
CA VAL A 67 0.22 4.20 2.02
C VAL A 67 -0.36 5.55 1.61
N TYR A 68 0.42 6.58 1.87
CA TYR A 68 0.08 7.96 1.51
C TYR A 68 0.14 8.14 -0.01
N HIS A 69 -1.03 8.09 -0.64
CA HIS A 69 -1.14 8.21 -2.11
C HIS A 69 -1.00 9.66 -2.58
N SER A 70 0.12 9.94 -3.24
CA SER A 70 0.37 11.26 -3.83
C SER A 70 0.70 11.13 -5.32
N ASP A 71 0.05 11.97 -6.14
CA ASP A 71 0.29 11.96 -7.59
C ASP A 71 1.77 12.21 -7.93
N LYS A 72 2.54 12.74 -6.97
CA LYS A 72 3.98 12.96 -7.14
C LYS A 72 4.73 11.65 -7.50
N LYS A 73 4.69 10.67 -6.61
CA LYS A 73 5.45 9.42 -6.76
C LYS A 73 4.62 8.19 -6.33
N GLY A 74 3.30 8.35 -6.30
CA GLY A 74 2.42 7.28 -5.86
C GLY A 74 2.40 7.11 -4.34
N VAL A 75 3.53 6.68 -3.78
CA VAL A 75 3.66 6.51 -2.32
C VAL A 75 4.90 7.23 -1.77
N SER A 76 4.69 8.30 -1.01
CA SER A 76 5.79 9.03 -0.36
C SER A 76 5.88 8.71 1.13
N ALA A 77 4.91 7.95 1.63
CA ALA A 77 4.88 7.56 3.05
C ALA A 77 4.02 6.30 3.27
N TRP A 78 4.36 5.52 4.29
CA TRP A 78 3.66 4.26 4.59
C TRP A 78 3.81 3.84 6.06
N GLU A 79 2.74 3.31 6.64
CA GLU A 79 2.76 2.80 8.02
C GLU A 79 2.03 1.46 8.13
N GLU A 80 2.49 0.59 9.04
CA GLU A 80 1.99 -0.78 9.15
C GLU A 80 0.64 -0.88 9.89
N VAL A 81 -0.25 -1.74 9.39
CA VAL A 81 -1.52 -2.06 10.05
C VAL A 81 -1.89 -3.55 9.86
N LYS A 82 -2.16 -4.26 10.96
CA LYS A 82 -2.49 -5.69 10.88
C LYS A 82 -3.90 -5.92 10.33
N LYS A 83 -4.02 -6.87 9.40
CA LYS A 83 -5.29 -7.16 8.73
C LYS A 83 -6.36 -7.63 9.73
N ASP A 84 -5.92 -8.06 10.91
CA ASP A 84 -6.81 -8.57 11.96
C ASP A 84 -7.73 -7.48 12.53
N GLU A 85 -7.35 -6.21 12.35
CA GLU A 85 -8.07 -5.10 12.97
C GLU A 85 -8.73 -4.17 11.93
N LEU A 86 -8.66 -4.55 10.65
CA LEU A 86 -9.31 -3.78 9.57
C LEU A 86 -10.82 -4.08 9.51
N PRO A 87 -11.65 -3.05 9.21
CA PRO A 87 -13.12 -3.19 9.19
C PRO A 87 -13.64 -4.23 8.18
N ALA A 88 -14.70 -4.95 8.58
CA ALA A 88 -15.26 -6.02 7.74
C ALA A 88 -15.84 -5.50 6.41
N LYS A 89 -16.31 -4.25 6.41
CA LYS A 89 -16.96 -3.67 5.23
C LYS A 89 -16.02 -3.63 4.00
N VAL A 90 -14.73 -3.39 4.24
CA VAL A 90 -13.75 -3.40 3.14
C VAL A 90 -13.29 -4.85 2.83
N LYS A 91 -13.23 -5.69 3.86
CA LYS A 91 -12.87 -7.10 3.70
C LYS A 91 -13.94 -7.82 2.84
N GLU A 92 -15.16 -7.30 2.88
CA GLU A 92 -16.27 -7.79 2.04
C GLU A 92 -15.88 -7.82 0.55
N LYS A 93 -14.92 -6.97 0.17
CA LYS A 93 -14.40 -6.95 -1.20
C LYS A 93 -13.00 -7.59 -1.26
N LEU A 94 -12.15 -7.30 -0.27
CA LEU A 94 -10.79 -7.85 -0.21
C LEU A 94 -10.81 -9.27 0.35
N GLY A 95 -10.97 -10.25 -0.54
CA GLY A 95 -11.02 -11.66 -0.14
C GLY A 95 -12.42 -12.25 -0.25
N VAL A 96 -13.42 -11.52 0.22
CA VAL A 96 -14.81 -11.96 0.12
C VAL A 96 -15.47 -11.41 -1.17
N LYS A 97 -16.51 -12.08 -1.64
CA LYS A 97 -17.25 -11.63 -2.82
C LYS A 97 -18.57 -10.94 -2.43
N LEU A 98 -18.64 -9.62 -2.64
CA LEU A 98 -19.88 -8.87 -2.41
C LEU A 98 -21.04 -9.45 -3.25
N GLU A 99 -21.86 -10.28 -2.60
CA GLU A 99 -22.95 -10.98 -3.26
C GLU A 99 -24.29 -10.26 -3.09
N HIS A 100 -24.63 -9.92 -1.85
CA HIS A 100 -25.92 -9.30 -1.51
C HIS A 100 -27.10 -10.20 -1.86
N HIS A 101 -27.70 -10.83 -0.85
CA HIS A 101 -28.87 -11.69 -1.06
C HIS A 101 -30.15 -10.87 -1.24
N HIS A 102 -30.61 -10.77 -2.49
CA HIS A 102 -31.84 -10.06 -2.81
C HIS A 102 -33.07 -10.85 -2.34
N HIS A 103 -34.12 -10.14 -1.94
CA HIS A 103 -35.33 -10.77 -1.42
C HIS A 103 -36.27 -11.24 -2.53
N HIS A 104 -36.72 -12.49 -2.45
CA HIS A 104 -37.67 -13.05 -3.40
C HIS A 104 -38.64 -14.01 -2.70
N HIS A 105 -39.92 -13.90 -3.03
CA HIS A 105 -40.97 -14.73 -2.42
C HIS A 105 -41.36 -15.91 -3.33
N MET A 1 -2.85 25.87 -10.51
CA MET A 1 -3.48 24.99 -9.50
C MET A 1 -3.73 23.58 -10.08
N ASP A 2 -2.76 22.69 -9.91
CA ASP A 2 -2.84 21.33 -10.46
C ASP A 2 -3.45 20.36 -9.43
N LEU A 3 -4.77 20.37 -9.30
CA LEU A 3 -5.47 19.56 -8.29
C LEU A 3 -5.65 18.09 -8.73
N ASN A 4 -4.96 17.69 -9.81
CA ASN A 4 -5.05 16.32 -10.33
C ASN A 4 -3.74 15.55 -10.12
N ARG A 5 -2.85 16.09 -9.28
CA ARG A 5 -1.56 15.44 -8.99
C ARG A 5 -1.35 15.23 -7.48
N MET A 6 -2.41 15.48 -6.70
CA MET A 6 -2.28 15.57 -5.24
C MET A 6 -3.40 14.85 -4.49
N GLY A 7 -4.07 13.91 -5.12
CA GLY A 7 -5.17 13.24 -4.46
C GLY A 7 -4.70 12.26 -3.39
N LYS A 8 -4.23 12.80 -2.27
CA LYS A 8 -3.62 12.01 -1.20
C LYS A 8 -4.64 11.13 -0.45
N ASP A 9 -4.20 9.94 -0.05
CA ASP A 9 -5.06 8.97 0.62
C ASP A 9 -4.22 7.83 1.21
N GLU A 10 -4.89 6.86 1.84
CA GLU A 10 -4.22 5.70 2.44
C GLU A 10 -4.78 4.39 1.86
N TYR A 11 -3.95 3.65 1.13
CA TYR A 11 -4.36 2.36 0.56
C TYR A 11 -4.02 1.20 1.51
N TYR A 12 -4.94 0.26 1.68
CA TYR A 12 -4.70 -0.94 2.49
C TYR A 12 -4.28 -2.12 1.60
N VAL A 13 -2.98 -2.40 1.53
CA VAL A 13 -2.44 -3.44 0.65
C VAL A 13 -1.69 -4.53 1.43
N GLN A 14 -1.73 -5.76 0.91
CA GLN A 14 -0.98 -6.87 1.50
C GLN A 14 0.38 -7.02 0.80
N ILE A 15 1.40 -7.47 1.52
CA ILE A 15 2.74 -7.60 0.96
C ILE A 15 2.80 -8.66 -0.14
N THR A 16 2.63 -8.24 -1.39
CA THR A 16 2.71 -9.15 -2.54
C THR A 16 4.17 -9.42 -2.93
N VAL A 17 4.91 -8.37 -3.28
CA VAL A 17 6.31 -8.49 -3.69
C VAL A 17 7.26 -7.71 -2.77
N ASP A 18 8.26 -8.41 -2.23
CA ASP A 18 9.23 -7.79 -1.31
C ASP A 18 10.68 -8.12 -1.70
N GLY A 19 11.64 -7.38 -1.13
CA GLY A 19 13.05 -7.67 -1.34
C GLY A 19 13.57 -7.35 -2.74
N LYS A 20 12.77 -6.69 -3.56
CA LYS A 20 13.16 -6.37 -4.94
C LYS A 20 14.30 -5.34 -4.98
N GLU A 21 15.53 -5.81 -5.09
CA GLU A 21 16.70 -4.92 -5.07
C GLU A 21 16.87 -4.15 -6.39
N VAL A 22 16.55 -2.86 -6.37
CA VAL A 22 16.60 -2.01 -7.56
C VAL A 22 18.00 -1.45 -7.84
N HIS A 23 18.82 -2.26 -8.50
CA HIS A 23 20.15 -1.81 -8.97
C HIS A 23 20.07 -1.20 -10.37
N SER A 24 18.84 -1.07 -10.87
CA SER A 24 18.59 -0.41 -12.16
C SER A 24 18.97 1.08 -12.11
N LYS A 25 19.08 1.64 -10.90
CA LYS A 25 19.47 3.05 -10.70
C LYS A 25 20.95 3.18 -10.28
N ALA A 26 21.77 2.21 -10.68
CA ALA A 26 23.22 2.23 -10.40
C ALA A 26 24.01 1.75 -11.63
N ASP A 27 24.52 2.70 -12.41
CA ASP A 27 25.13 2.40 -13.71
C ASP A 27 26.64 2.10 -13.58
N ASN A 28 27.05 0.92 -14.05
CA ASN A 28 28.47 0.54 -14.17
C ASN A 28 29.19 0.48 -12.80
N GLY A 29 28.42 0.53 -11.72
CA GLY A 29 28.98 0.45 -10.38
C GLY A 29 27.93 0.05 -9.34
N GLN A 30 27.06 -0.88 -9.72
CA GLN A 30 25.96 -1.29 -8.86
C GLN A 30 26.42 -2.19 -7.69
N LYS A 31 26.84 -1.55 -6.60
CA LYS A 31 27.16 -2.26 -5.36
C LYS A 31 26.08 -2.01 -4.30
N TYR A 32 25.15 -1.13 -4.63
CA TYR A 32 24.09 -0.70 -3.72
C TYR A 32 22.71 -0.79 -4.40
N LYS A 33 21.69 -1.20 -3.64
CA LYS A 33 20.34 -1.35 -4.19
C LYS A 33 19.27 -1.44 -3.07
N ASP A 34 18.23 -0.61 -3.20
CA ASP A 34 17.12 -0.58 -2.25
C ASP A 34 16.05 -1.63 -2.59
N TYR A 35 15.03 -1.76 -1.74
CA TYR A 35 13.99 -2.77 -1.95
C TYR A 35 12.67 -2.14 -2.44
N GLU A 36 12.35 -2.36 -3.71
CA GLU A 36 11.10 -1.88 -4.30
C GLU A 36 9.90 -2.75 -3.90
N TYR A 37 8.77 -2.10 -3.64
CA TYR A 37 7.52 -2.80 -3.34
C TYR A 37 6.43 -2.40 -4.34
N LYS A 38 6.24 -3.22 -5.37
CA LYS A 38 5.22 -2.98 -6.39
C LYS A 38 3.83 -3.45 -5.88
N LEU A 39 3.09 -2.56 -5.24
CA LEU A 39 1.81 -2.93 -4.62
C LEU A 39 0.62 -2.25 -5.31
N THR A 40 -0.34 -3.05 -5.78
CA THR A 40 -1.56 -2.51 -6.38
C THR A 40 -2.59 -2.10 -5.30
N GLY A 41 -2.86 -0.81 -5.21
CA GLY A 41 -3.80 -0.30 -4.21
C GLY A 41 -5.20 -0.06 -4.77
N PHE A 42 -6.22 -0.35 -3.97
CA PHE A 42 -7.61 -0.14 -4.39
C PHE A 42 -8.23 1.07 -3.68
N ASP A 43 -8.40 2.16 -4.42
CA ASP A 43 -8.94 3.41 -3.88
C ASP A 43 -10.47 3.47 -3.96
N LYS A 44 -11.06 4.30 -3.09
CA LYS A 44 -12.51 4.58 -3.08
C LYS A 44 -13.31 3.35 -2.59
N ASP A 45 -13.29 2.27 -3.38
CA ASP A 45 -13.97 1.03 -3.01
C ASP A 45 -13.31 -0.18 -3.68
N GLY A 46 -12.99 -0.05 -4.97
CA GLY A 46 -12.34 -1.14 -5.69
C GLY A 46 -11.61 -0.71 -6.97
N LYS A 47 -11.24 0.57 -7.05
CA LYS A 47 -10.50 1.09 -8.22
C LYS A 47 -9.00 0.98 -7.99
N GLU A 48 -8.31 0.22 -8.84
CA GLU A 48 -6.92 -0.15 -8.59
C GLU A 48 -5.91 0.77 -9.32
N LYS A 49 -4.91 1.21 -8.58
CA LYS A 49 -3.77 1.94 -9.14
C LYS A 49 -2.45 1.30 -8.67
N GLU A 50 -1.39 1.43 -9.45
CA GLU A 50 -0.10 0.82 -9.11
C GLU A 50 0.75 1.74 -8.23
N LEU A 51 0.95 1.34 -6.97
CA LEU A 51 1.80 2.08 -6.03
C LEU A 51 3.10 1.32 -5.74
N GLU A 52 4.23 1.82 -6.24
CA GLU A 52 5.53 1.20 -5.99
C GLU A 52 6.49 2.18 -5.30
N PHE A 53 7.16 1.71 -4.25
CA PHE A 53 8.11 2.56 -3.51
C PHE A 53 9.39 1.79 -3.14
N THR A 54 10.47 2.52 -2.92
CA THR A 54 11.75 1.91 -2.49
C THR A 54 11.95 2.06 -0.98
N ALA A 55 12.01 0.94 -0.27
CA ALA A 55 12.18 0.95 1.19
C ALA A 55 13.64 0.62 1.60
N GLN A 56 14.04 1.16 2.74
CA GLN A 56 15.37 0.94 3.32
C GLN A 56 15.58 -0.53 3.76
N LYS A 57 14.49 -1.20 4.15
CA LYS A 57 14.58 -2.53 4.74
C LYS A 57 13.41 -3.43 4.32
N ASN A 58 13.56 -4.73 4.57
CA ASN A 58 12.46 -5.67 4.43
C ASN A 58 11.45 -5.47 5.56
N LEU A 59 10.17 -5.71 5.28
CA LEU A 59 9.11 -5.50 6.29
C LEU A 59 8.31 -6.79 6.55
N ARG A 60 7.31 -6.72 7.42
CA ARG A 60 6.52 -7.89 7.78
C ARG A 60 5.64 -8.36 6.61
N LYS A 61 6.03 -9.46 5.98
CA LYS A 61 5.35 -10.00 4.79
C LYS A 61 3.87 -10.34 5.07
N GLU A 62 3.53 -10.59 6.34
CA GLU A 62 2.16 -10.96 6.72
C GLU A 62 1.35 -9.75 7.21
N ALA A 63 1.86 -8.53 6.98
CA ALA A 63 1.18 -7.31 7.42
C ALA A 63 0.55 -6.54 6.25
N PHE A 64 -0.25 -5.51 6.58
CA PHE A 64 -0.87 -4.64 5.58
C PHE A 64 -0.26 -3.23 5.63
N LEU A 65 0.06 -2.69 4.46
CA LEU A 65 0.66 -1.35 4.38
C LEU A 65 -0.37 -0.29 4.00
N ARG A 66 -0.46 0.75 4.83
CA ARG A 66 -1.24 1.96 4.52
C ARG A 66 -0.36 2.97 3.78
N VAL A 67 -0.37 2.92 2.45
CA VAL A 67 0.50 3.77 1.63
C VAL A 67 -0.15 5.11 1.27
N TYR A 68 0.69 6.13 1.20
CA TYR A 68 0.27 7.51 0.98
C TYR A 68 0.20 7.84 -0.52
N HIS A 69 -0.99 8.16 -1.01
CA HIS A 69 -1.22 8.42 -2.44
C HIS A 69 -0.67 9.79 -2.87
N SER A 70 0.11 9.79 -3.94
CA SER A 70 0.52 11.02 -4.64
C SER A 70 0.68 10.72 -6.12
N ASP A 71 -0.24 11.24 -6.95
CA ASP A 71 -0.31 10.86 -8.37
C ASP A 71 1.01 11.10 -9.13
N LYS A 72 1.84 12.03 -8.68
CA LYS A 72 3.14 12.28 -9.33
C LYS A 72 4.34 11.84 -8.46
N LYS A 73 4.09 10.96 -7.49
CA LYS A 73 5.13 10.42 -6.60
C LYS A 73 4.88 8.93 -6.25
N GLY A 74 3.68 8.44 -6.49
CA GLY A 74 3.32 7.09 -6.09
C GLY A 74 3.08 6.97 -4.58
N VAL A 75 4.17 6.80 -3.82
CA VAL A 75 4.09 6.65 -2.36
C VAL A 75 5.19 7.48 -1.66
N SER A 76 4.79 8.51 -0.93
CA SER A 76 5.76 9.33 -0.17
C SER A 76 5.91 8.84 1.28
N ALA A 77 4.98 7.98 1.71
CA ALA A 77 4.99 7.44 3.08
C ALA A 77 4.09 6.19 3.19
N TRP A 78 4.38 5.33 4.15
CA TRP A 78 3.59 4.10 4.36
C TRP A 78 3.60 3.64 5.82
N GLU A 79 2.45 3.14 6.27
CA GLU A 79 2.31 2.62 7.64
C GLU A 79 2.15 1.10 7.63
N GLU A 80 2.72 0.42 8.62
CA GLU A 80 2.66 -1.04 8.72
C GLU A 80 1.63 -1.48 9.77
N VAL A 81 0.47 -1.96 9.32
CA VAL A 81 -0.64 -2.34 10.22
C VAL A 81 -1.03 -3.82 10.08
N LYS A 82 -2.03 -4.26 10.85
CA LYS A 82 -2.50 -5.66 10.80
C LYS A 82 -3.79 -5.79 9.97
N LYS A 83 -4.17 -7.04 9.67
CA LYS A 83 -5.40 -7.30 8.91
C LYS A 83 -6.67 -7.12 9.76
N ASP A 84 -6.54 -7.15 11.09
CA ASP A 84 -7.70 -6.99 11.97
C ASP A 84 -8.20 -5.52 11.99
N GLU A 85 -7.42 -4.61 11.42
CA GLU A 85 -7.81 -3.19 11.33
C GLU A 85 -8.65 -2.91 10.08
N LEU A 86 -8.87 -3.93 9.25
CA LEU A 86 -9.72 -3.80 8.07
C LEU A 86 -11.17 -4.21 8.40
N PRO A 87 -12.16 -3.39 8.01
CA PRO A 87 -13.59 -3.70 8.24
C PRO A 87 -14.01 -5.06 7.66
N ALA A 88 -14.92 -5.75 8.34
CA ALA A 88 -15.34 -7.09 7.93
C ALA A 88 -15.87 -7.12 6.48
N LYS A 89 -16.60 -6.08 6.09
CA LYS A 89 -17.18 -5.99 4.74
C LYS A 89 -16.10 -6.09 3.63
N VAL A 90 -14.85 -5.79 3.97
CA VAL A 90 -13.74 -5.91 3.03
C VAL A 90 -13.55 -7.39 2.62
N LYS A 91 -13.45 -8.27 3.62
CA LYS A 91 -13.35 -9.71 3.36
C LYS A 91 -14.67 -10.26 2.83
N GLU A 92 -15.78 -9.68 3.29
CA GLU A 92 -17.12 -10.08 2.85
C GLU A 92 -17.34 -9.82 1.35
N LYS A 93 -16.48 -9.01 0.73
CA LYS A 93 -16.51 -8.84 -0.73
C LYS A 93 -15.27 -9.44 -1.41
N LEU A 94 -14.27 -9.83 -0.61
CA LEU A 94 -13.01 -10.38 -1.14
C LEU A 94 -12.52 -11.59 -0.31
N GLY A 95 -12.69 -12.79 -0.87
CA GLY A 95 -12.34 -14.01 -0.16
C GLY A 95 -13.46 -14.51 0.76
N VAL A 96 -14.69 -14.50 0.24
CA VAL A 96 -15.87 -14.85 1.03
C VAL A 96 -15.99 -16.37 1.23
N LYS A 97 -16.21 -16.77 2.49
CA LYS A 97 -16.37 -18.18 2.85
C LYS A 97 -17.29 -18.34 4.06
N LEU A 98 -18.50 -18.88 3.83
CA LEU A 98 -19.47 -19.07 4.90
C LEU A 98 -20.63 -19.97 4.42
N GLU A 99 -20.43 -21.28 4.50
CA GLU A 99 -21.48 -22.26 4.23
C GLU A 99 -21.55 -23.30 5.36
N HIS A 100 -20.36 -23.80 5.74
CA HIS A 100 -20.23 -24.78 6.84
C HIS A 100 -20.98 -26.08 6.54
N HIS A 101 -21.25 -26.87 7.59
CA HIS A 101 -21.98 -28.14 7.43
C HIS A 101 -23.45 -27.90 7.05
N HIS A 102 -23.93 -26.69 7.33
CA HIS A 102 -25.29 -26.24 6.94
C HIS A 102 -26.40 -26.95 7.74
N HIS A 103 -26.03 -27.97 8.54
CA HIS A 103 -27.00 -28.69 9.37
C HIS A 103 -26.96 -28.18 10.82
N HIS A 104 -28.13 -27.89 11.37
CA HIS A 104 -28.23 -27.31 12.72
C HIS A 104 -29.67 -27.33 13.25
N HIS A 105 -29.82 -27.30 14.56
CA HIS A 105 -31.15 -27.11 15.19
C HIS A 105 -31.31 -25.66 15.69
N MET A 1 -7.46 15.47 -17.03
CA MET A 1 -6.82 15.39 -15.69
C MET A 1 -7.43 16.43 -14.74
N ASP A 2 -8.48 16.03 -14.03
CA ASP A 2 -9.20 16.96 -13.15
C ASP A 2 -8.61 16.98 -11.74
N LEU A 3 -7.89 18.04 -11.40
CA LEU A 3 -7.26 18.18 -10.08
C LEU A 3 -8.26 18.61 -8.99
N ASN A 4 -9.44 19.06 -9.42
CA ASN A 4 -10.50 19.51 -8.51
C ASN A 4 -10.78 18.50 -7.37
N ARG A 5 -10.92 17.22 -7.73
CA ARG A 5 -11.20 16.17 -6.72
C ARG A 5 -9.96 15.29 -6.45
N MET A 6 -8.79 15.74 -6.91
CA MET A 6 -7.52 15.02 -6.67
C MET A 6 -6.78 15.61 -5.47
N GLY A 7 -5.91 14.80 -4.85
CA GLY A 7 -5.17 15.26 -3.68
C GLY A 7 -4.23 14.20 -3.11
N LYS A 8 -4.62 13.61 -1.99
CA LYS A 8 -3.81 12.56 -1.33
C LYS A 8 -4.72 11.49 -0.68
N ASP A 9 -4.48 10.23 -1.03
CA ASP A 9 -5.31 9.12 -0.55
C ASP A 9 -4.48 8.11 0.26
N GLU A 10 -5.16 7.34 1.12
CA GLU A 10 -4.55 6.24 1.84
C GLU A 10 -5.03 4.89 1.27
N TYR A 11 -4.19 4.25 0.46
CA TYR A 11 -4.55 2.98 -0.17
C TYR A 11 -4.09 1.78 0.66
N TYR A 12 -5.03 0.92 1.03
CA TYR A 12 -4.72 -0.33 1.73
C TYR A 12 -4.16 -1.37 0.74
N VAL A 13 -2.85 -1.58 0.79
CA VAL A 13 -2.17 -2.49 -0.14
C VAL A 13 -1.83 -3.84 0.50
N GLN A 14 -1.48 -4.81 -0.34
CA GLN A 14 -1.05 -6.13 0.12
C GLN A 14 0.32 -6.48 -0.50
N ILE A 15 1.19 -7.10 0.28
CA ILE A 15 2.55 -7.43 -0.20
C ILE A 15 2.52 -8.50 -1.30
N THR A 16 2.65 -8.05 -2.55
CA THR A 16 2.75 -8.97 -3.70
C THR A 16 4.21 -9.42 -3.90
N VAL A 17 5.06 -8.48 -4.31
CA VAL A 17 6.49 -8.75 -4.49
C VAL A 17 7.35 -7.98 -3.48
N ASP A 18 8.28 -8.67 -2.82
CA ASP A 18 9.09 -8.07 -1.74
C ASP A 18 10.60 -8.33 -1.92
N GLY A 19 11.41 -7.51 -1.26
CA GLY A 19 12.85 -7.74 -1.17
C GLY A 19 13.64 -7.51 -2.47
N LYS A 20 13.01 -6.94 -3.50
CA LYS A 20 13.72 -6.69 -4.77
C LYS A 20 14.73 -5.55 -4.62
N GLU A 21 16.00 -5.92 -4.47
CA GLU A 21 17.08 -4.94 -4.32
C GLU A 21 17.56 -4.42 -5.69
N VAL A 22 17.53 -3.11 -5.88
CA VAL A 22 18.04 -2.51 -7.12
C VAL A 22 19.58 -2.44 -7.11
N HIS A 23 20.21 -3.57 -7.45
CA HIS A 23 21.68 -3.64 -7.57
C HIS A 23 22.17 -2.93 -8.85
N SER A 24 21.74 -1.68 -9.06
CA SER A 24 22.10 -0.91 -10.25
C SER A 24 23.62 -0.73 -10.39
N LYS A 25 24.31 -0.70 -9.25
CA LYS A 25 25.77 -0.61 -9.20
C LYS A 25 26.27 0.76 -9.70
N ALA A 26 26.44 1.69 -8.78
CA ALA A 26 27.00 3.00 -9.08
C ALA A 26 28.53 2.96 -9.03
N ASP A 27 29.15 2.49 -10.12
CA ASP A 27 30.62 2.43 -10.22
C ASP A 27 31.23 3.80 -10.00
N ASN A 28 31.69 4.03 -8.77
CA ASN A 28 32.19 5.34 -8.34
C ASN A 28 32.55 5.29 -6.85
N GLY A 29 31.86 4.41 -6.12
CA GLY A 29 32.06 4.25 -4.69
C GLY A 29 30.79 3.86 -3.96
N GLN A 30 29.66 4.37 -4.45
CA GLN A 30 28.36 4.14 -3.82
C GLN A 30 27.76 2.79 -4.21
N LYS A 31 27.98 1.80 -3.36
CA LYS A 31 27.39 0.47 -3.52
C LYS A 31 26.11 0.35 -2.68
N TYR A 32 25.00 0.84 -3.23
CA TYR A 32 23.73 0.96 -2.50
C TYR A 32 22.73 -0.15 -2.89
N LYS A 33 21.92 -0.57 -1.93
CA LYS A 33 20.82 -1.52 -2.18
C LYS A 33 19.48 -0.97 -1.68
N ASP A 34 18.62 -0.55 -2.59
CA ASP A 34 17.27 -0.10 -2.23
C ASP A 34 16.25 -1.22 -2.46
N TYR A 35 15.40 -1.46 -1.47
CA TYR A 35 14.37 -2.51 -1.56
C TYR A 35 13.09 -1.96 -2.20
N GLU A 36 12.80 -2.36 -3.43
CA GLU A 36 11.65 -1.84 -4.17
C GLU A 36 10.44 -2.77 -4.06
N TYR A 37 9.31 -2.21 -3.62
CA TYR A 37 8.05 -2.96 -3.49
C TYR A 37 6.96 -2.33 -4.37
N LYS A 38 6.45 -3.08 -5.35
CA LYS A 38 5.35 -2.61 -6.19
C LYS A 38 4.08 -3.45 -5.96
N LEU A 39 3.03 -2.80 -5.49
CA LEU A 39 1.80 -3.48 -5.08
C LEU A 39 0.54 -2.65 -5.43
N THR A 40 -0.63 -3.26 -5.27
CA THR A 40 -1.89 -2.63 -5.67
C THR A 40 -2.72 -2.18 -4.47
N GLY A 41 -3.16 -0.93 -4.49
CA GLY A 41 -4.01 -0.40 -3.42
C GLY A 41 -5.40 0.00 -3.91
N PHE A 42 -6.42 -0.28 -3.10
CA PHE A 42 -7.81 0.03 -3.47
C PHE A 42 -8.53 0.79 -2.34
N ASP A 43 -9.35 1.77 -2.73
CA ASP A 43 -10.06 2.63 -1.76
C ASP A 43 -11.38 3.17 -2.34
N LYS A 44 -12.22 3.69 -1.45
CA LYS A 44 -13.53 4.27 -1.81
C LYS A 44 -14.40 3.32 -2.65
N ASP A 45 -14.21 3.35 -3.98
CA ASP A 45 -15.02 2.54 -4.89
C ASP A 45 -14.45 1.11 -5.05
N GLY A 46 -13.30 0.87 -4.42
CA GLY A 46 -12.63 -0.42 -4.56
C GLY A 46 -11.83 -0.54 -5.86
N LYS A 47 -11.52 0.60 -6.46
CA LYS A 47 -10.74 0.64 -7.70
C LYS A 47 -9.27 0.29 -7.44
N GLU A 48 -8.64 -0.38 -8.41
CA GLU A 48 -7.28 -0.89 -8.23
C GLU A 48 -6.22 0.06 -8.80
N LYS A 49 -5.50 0.74 -7.89
CA LYS A 49 -4.38 1.60 -8.26
C LYS A 49 -3.05 0.86 -8.03
N GLU A 50 -2.13 0.97 -8.98
CA GLU A 50 -0.79 0.39 -8.83
C GLU A 50 0.20 1.41 -8.24
N LEU A 51 0.94 1.00 -7.20
CA LEU A 51 1.91 1.88 -6.54
C LEU A 51 3.24 1.17 -6.30
N GLU A 52 4.34 1.92 -6.29
CA GLU A 52 5.68 1.36 -6.02
C GLU A 52 6.49 2.27 -5.10
N PHE A 53 7.15 1.68 -4.10
CA PHE A 53 7.97 2.46 -3.17
C PHE A 53 9.29 1.72 -2.84
N THR A 54 10.37 2.48 -2.70
CA THR A 54 11.67 1.92 -2.30
C THR A 54 11.93 2.13 -0.80
N ALA A 55 11.88 1.05 -0.04
CA ALA A 55 12.04 1.11 1.42
C ALA A 55 13.47 0.79 1.85
N GLN A 56 13.88 1.39 2.97
CA GLN A 56 15.22 1.18 3.55
C GLN A 56 15.33 -0.21 4.22
N LYS A 57 14.19 -0.81 4.54
CA LYS A 57 14.17 -2.09 5.29
C LYS A 57 13.29 -3.13 4.59
N ASN A 58 13.50 -4.41 4.94
CA ASN A 58 12.62 -5.48 4.50
C ASN A 58 11.39 -5.59 5.42
N LEU A 59 10.26 -5.06 4.96
CA LEU A 59 9.01 -5.10 5.73
C LEU A 59 8.42 -6.52 5.80
N ARG A 60 7.23 -6.64 6.40
CA ARG A 60 6.59 -7.96 6.58
C ARG A 60 5.49 -8.24 5.55
N LYS A 61 5.39 -9.49 5.13
CA LYS A 61 4.22 -9.97 4.40
C LYS A 61 3.18 -10.52 5.40
N GLU A 62 2.03 -10.99 4.91
CA GLU A 62 0.89 -11.34 5.78
C GLU A 62 0.32 -10.08 6.47
N ALA A 63 0.66 -8.92 5.90
CA ALA A 63 0.26 -7.63 6.47
C ALA A 63 -0.25 -6.67 5.38
N PHE A 64 -0.79 -5.53 5.81
CA PHE A 64 -1.30 -4.51 4.90
C PHE A 64 -0.64 -3.15 5.19
N LEU A 65 -0.52 -2.30 4.18
CA LEU A 65 0.08 -0.96 4.39
C LEU A 65 -0.81 0.16 3.87
N ARG A 66 -0.81 1.28 4.58
CA ARG A 66 -1.41 2.52 4.07
C ARG A 66 -0.40 3.28 3.23
N VAL A 67 -0.48 3.12 1.91
CA VAL A 67 0.43 3.80 1.00
C VAL A 67 -0.11 5.18 0.61
N TYR A 68 0.76 6.18 0.73
CA TYR A 68 0.38 7.58 0.53
C TYR A 68 0.35 7.95 -0.96
N HIS A 69 -0.84 8.11 -1.50
CA HIS A 69 -1.02 8.50 -2.91
C HIS A 69 -0.68 9.98 -3.11
N SER A 70 0.49 10.25 -3.70
CA SER A 70 0.92 11.61 -4.01
C SER A 70 1.44 11.70 -5.45
N ASP A 71 0.61 12.22 -6.35
CA ASP A 71 0.92 12.27 -7.79
C ASP A 71 2.12 13.18 -8.12
N LYS A 72 2.71 13.79 -7.09
CA LYS A 72 3.96 14.54 -7.25
C LYS A 72 5.15 13.57 -7.30
N LYS A 73 5.03 12.43 -6.63
CA LYS A 73 6.10 11.41 -6.57
C LYS A 73 5.53 9.98 -6.68
N GLY A 74 4.26 9.86 -7.03
CA GLY A 74 3.60 8.57 -7.00
C GLY A 74 3.29 8.12 -5.58
N VAL A 75 4.34 7.86 -4.80
CA VAL A 75 4.21 7.47 -3.39
C VAL A 75 5.14 8.33 -2.51
N SER A 76 4.58 8.93 -1.46
CA SER A 76 5.37 9.76 -0.54
C SER A 76 5.77 8.99 0.74
N ALA A 77 4.89 8.09 1.19
CA ALA A 77 5.13 7.34 2.43
C ALA A 77 4.27 6.06 2.52
N TRP A 78 4.51 5.28 3.57
CA TRP A 78 3.78 4.02 3.80
C TRP A 78 3.78 3.63 5.29
N GLU A 79 2.64 3.13 5.77
CA GLU A 79 2.54 2.63 7.16
C GLU A 79 2.18 1.14 7.19
N GLU A 80 2.87 0.37 8.02
CA GLU A 80 2.62 -1.08 8.14
C GLU A 80 1.58 -1.38 9.23
N VAL A 81 0.39 -1.81 8.82
CA VAL A 81 -0.68 -2.17 9.76
C VAL A 81 -0.93 -3.69 9.78
N LYS A 82 -1.77 -4.15 10.71
CA LYS A 82 -2.03 -5.60 10.85
C LYS A 82 -3.49 -5.96 10.61
N LYS A 83 -3.72 -7.14 10.03
CA LYS A 83 -5.08 -7.61 9.68
C LYS A 83 -6.00 -7.78 10.91
N ASP A 84 -5.46 -7.58 12.10
CA ASP A 84 -6.23 -7.72 13.35
C ASP A 84 -7.17 -6.53 13.58
N GLU A 85 -6.86 -5.39 12.96
CA GLU A 85 -7.66 -4.17 13.13
C GLU A 85 -8.64 -3.96 11.97
N LEU A 86 -8.64 -4.90 11.02
CA LEU A 86 -9.52 -4.82 9.84
C LEU A 86 -10.87 -5.49 10.11
N PRO A 87 -11.98 -4.76 9.96
CA PRO A 87 -13.34 -5.30 10.17
C PRO A 87 -13.70 -6.41 9.16
N ALA A 88 -14.32 -7.48 9.64
CA ALA A 88 -14.71 -8.62 8.79
C ALA A 88 -15.55 -8.16 7.59
N LYS A 89 -16.45 -7.20 7.81
CA LYS A 89 -17.29 -6.66 6.73
C LYS A 89 -16.46 -6.02 5.60
N VAL A 90 -15.37 -5.35 5.95
CA VAL A 90 -14.48 -4.77 4.94
C VAL A 90 -13.70 -5.87 4.20
N LYS A 91 -13.31 -6.91 4.95
CA LYS A 91 -12.63 -8.07 4.39
C LYS A 91 -13.60 -8.99 3.64
N GLU A 92 -14.89 -8.85 3.95
CA GLU A 92 -15.96 -9.66 3.36
C GLU A 92 -16.11 -9.40 1.86
N LYS A 93 -16.24 -8.13 1.47
CA LYS A 93 -16.35 -7.75 0.06
C LYS A 93 -14.96 -7.59 -0.58
N LEU A 94 -13.92 -7.83 0.22
CA LEU A 94 -12.51 -7.70 -0.20
C LEU A 94 -12.18 -6.23 -0.53
N GLY A 95 -11.94 -5.43 0.52
CA GLY A 95 -11.48 -4.05 0.33
C GLY A 95 -12.60 -3.06 0.00
N VAL A 96 -13.55 -3.48 -0.84
CA VAL A 96 -14.64 -2.61 -1.27
C VAL A 96 -15.75 -2.51 -0.22
N LYS A 97 -15.96 -1.30 0.29
CA LYS A 97 -17.03 -1.02 1.26
C LYS A 97 -16.94 0.41 1.80
N LEU A 98 -18.09 0.98 2.15
CA LEU A 98 -18.15 2.28 2.81
C LEU A 98 -17.99 2.10 4.33
N GLU A 99 -16.96 2.72 4.91
CA GLU A 99 -16.73 2.64 6.36
C GLU A 99 -17.30 3.86 7.10
N HIS A 100 -17.23 5.02 6.46
CA HIS A 100 -17.60 6.30 7.08
C HIS A 100 -16.69 6.60 8.29
N HIS A 101 -15.54 5.91 8.32
CA HIS A 101 -14.63 5.92 9.47
C HIS A 101 -15.38 5.51 10.75
N HIS A 102 -15.48 4.21 10.94
CA HIS A 102 -16.35 3.62 11.97
C HIS A 102 -15.86 3.92 13.40
N HIS A 103 -16.64 4.70 14.14
CA HIS A 103 -16.36 5.01 15.55
C HIS A 103 -17.50 4.54 16.46
N HIS A 104 -17.28 3.43 17.16
CA HIS A 104 -18.22 2.95 18.17
C HIS A 104 -17.82 3.49 19.56
N HIS A 105 -16.51 3.54 19.78
CA HIS A 105 -15.93 4.15 20.98
C HIS A 105 -14.69 4.99 20.62
N MET A 1 -9.89 24.73 7.66
CA MET A 1 -9.70 25.90 6.75
C MET A 1 -8.80 25.53 5.55
N ASP A 2 -7.60 25.03 5.85
CA ASP A 2 -6.64 24.63 4.82
C ASP A 2 -7.17 23.44 3.99
N LEU A 3 -7.32 23.65 2.68
CA LEU A 3 -7.81 22.60 1.78
C LEU A 3 -6.64 21.94 1.00
N ASN A 4 -5.42 22.14 1.48
CA ASN A 4 -4.21 21.65 0.80
C ASN A 4 -4.08 20.12 0.87
N ARG A 5 -4.80 19.48 1.80
CA ARG A 5 -4.74 18.01 1.93
C ARG A 5 -5.85 17.33 1.09
N MET A 6 -6.78 18.13 0.58
CA MET A 6 -7.85 17.62 -0.29
C MET A 6 -7.28 16.93 -1.55
N GLY A 7 -7.74 15.70 -1.81
CA GLY A 7 -7.29 14.97 -3.00
C GLY A 7 -6.20 13.95 -2.69
N LYS A 8 -5.69 13.95 -1.47
CA LYS A 8 -4.65 13.00 -1.03
C LYS A 8 -5.23 11.98 -0.02
N ASP A 9 -5.23 10.71 -0.41
CA ASP A 9 -5.74 9.63 0.44
C ASP A 9 -4.70 8.50 0.55
N GLU A 10 -4.98 7.49 1.37
CA GLU A 10 -4.07 6.34 1.51
C GLU A 10 -4.63 5.08 0.81
N TYR A 11 -3.76 4.38 0.10
CA TYR A 11 -4.12 3.11 -0.54
C TYR A 11 -3.62 1.92 0.29
N TYR A 12 -4.55 1.02 0.65
CA TYR A 12 -4.20 -0.18 1.40
C TYR A 12 -3.52 -1.23 0.50
N VAL A 13 -2.22 -1.41 0.68
CA VAL A 13 -1.43 -2.38 -0.10
C VAL A 13 -0.93 -3.52 0.80
N GLN A 14 -0.96 -4.75 0.29
CA GLN A 14 -0.44 -5.90 1.05
C GLN A 14 0.91 -6.39 0.49
N ILE A 15 1.84 -6.72 1.38
CA ILE A 15 3.21 -7.08 0.99
C ILE A 15 3.28 -8.40 0.21
N THR A 16 3.44 -8.30 -1.10
CA THR A 16 3.52 -9.47 -2.00
C THR A 16 4.98 -9.89 -2.26
N VAL A 17 5.73 -9.04 -2.98
CA VAL A 17 7.12 -9.34 -3.35
C VAL A 17 8.13 -8.83 -2.29
N ASP A 18 9.17 -9.62 -2.03
CA ASP A 18 10.21 -9.24 -1.06
C ASP A 18 11.63 -9.45 -1.65
N GLY A 19 12.61 -8.71 -1.12
CA GLY A 19 14.01 -8.89 -1.51
C GLY A 19 14.34 -8.42 -2.93
N LYS A 20 13.41 -7.74 -3.60
CA LYS A 20 13.64 -7.24 -4.96
C LYS A 20 14.56 -5.99 -4.91
N GLU A 21 15.87 -6.20 -4.99
CA GLU A 21 16.83 -5.11 -4.78
C GLU A 21 17.35 -4.53 -6.11
N VAL A 22 17.18 -3.21 -6.29
CA VAL A 22 17.58 -2.52 -7.51
C VAL A 22 19.04 -2.03 -7.46
N HIS A 23 19.96 -2.92 -7.79
CA HIS A 23 21.39 -2.57 -7.82
C HIS A 23 21.85 -2.17 -9.23
N SER A 24 20.93 -2.21 -10.18
CA SER A 24 21.23 -1.84 -11.57
C SER A 24 21.49 -0.34 -11.74
N LYS A 25 21.17 0.45 -10.72
CA LYS A 25 21.36 1.90 -10.74
C LYS A 25 22.48 2.33 -9.77
N ALA A 26 23.65 1.75 -9.94
CA ALA A 26 24.82 2.06 -9.09
C ALA A 26 26.05 2.45 -9.92
N ASP A 27 26.67 1.45 -10.57
CA ASP A 27 27.91 1.65 -11.33
C ASP A 27 29.06 2.09 -10.40
N ASN A 28 30.31 2.08 -10.91
CA ASN A 28 31.51 2.42 -10.13
C ASN A 28 31.84 1.32 -9.08
N GLY A 29 30.82 0.68 -8.53
CA GLY A 29 31.00 -0.21 -7.40
C GLY A 29 30.19 0.26 -6.19
N GLN A 30 29.48 1.37 -6.36
CA GLN A 30 28.64 1.95 -5.31
C GLN A 30 27.54 0.96 -4.85
N LYS A 31 27.15 1.04 -3.58
CA LYS A 31 26.17 0.09 -3.03
C LYS A 31 24.73 0.62 -3.12
N TYR A 32 24.36 1.17 -4.27
CA TYR A 32 22.95 1.50 -4.53
C TYR A 32 22.16 0.22 -4.77
N LYS A 33 21.49 -0.25 -3.74
CA LYS A 33 20.79 -1.52 -3.80
C LYS A 33 19.55 -1.50 -2.87
N ASP A 34 18.55 -0.72 -3.27
CA ASP A 34 17.35 -0.51 -2.45
C ASP A 34 16.28 -1.59 -2.68
N TYR A 35 15.45 -1.82 -1.67
CA TYR A 35 14.34 -2.77 -1.77
C TYR A 35 13.16 -2.18 -2.56
N GLU A 36 12.76 -2.89 -3.61
CA GLU A 36 11.70 -2.44 -4.53
C GLU A 36 10.41 -3.25 -4.35
N TYR A 37 9.32 -2.57 -4.00
CA TYR A 37 8.03 -3.23 -3.79
C TYR A 37 6.98 -2.72 -4.81
N LYS A 38 6.45 -3.63 -5.61
CA LYS A 38 5.34 -3.31 -6.53
C LYS A 38 4.08 -4.08 -6.15
N LEU A 39 3.02 -3.36 -5.81
CA LEU A 39 1.75 -3.98 -5.41
C LEU A 39 0.53 -3.14 -5.82
N THR A 40 -0.61 -3.80 -5.99
CA THR A 40 -1.84 -3.11 -6.35
C THR A 40 -2.54 -2.54 -5.12
N GLY A 41 -2.61 -1.22 -5.04
CA GLY A 41 -3.24 -0.56 -3.91
C GLY A 41 -4.72 -0.31 -4.13
N PHE A 42 -5.51 -0.47 -3.07
CA PHE A 42 -6.96 -0.24 -3.14
C PHE A 42 -7.38 1.07 -2.45
N ASP A 43 -8.12 1.89 -3.18
CA ASP A 43 -8.60 3.18 -2.66
C ASP A 43 -9.69 3.01 -1.59
N LYS A 44 -9.93 4.07 -0.80
CA LYS A 44 -10.90 4.02 0.30
C LYS A 44 -12.36 3.82 -0.16
N ASP A 45 -12.61 3.90 -1.47
CA ASP A 45 -13.95 3.56 -2.02
C ASP A 45 -13.96 2.11 -2.54
N GLY A 46 -12.79 1.50 -2.61
CA GLY A 46 -12.68 0.13 -3.11
C GLY A 46 -12.35 0.06 -4.59
N LYS A 47 -11.33 0.81 -5.02
CA LYS A 47 -10.87 0.78 -6.42
C LYS A 47 -9.41 0.32 -6.51
N GLU A 48 -9.02 -0.25 -7.64
CA GLU A 48 -7.67 -0.81 -7.82
C GLU A 48 -6.71 0.16 -8.54
N LYS A 49 -5.41 0.00 -8.29
CA LYS A 49 -4.37 0.75 -9.01
C LYS A 49 -2.96 0.18 -8.69
N GLU A 50 -2.09 0.17 -9.68
CA GLU A 50 -0.74 -0.39 -9.52
C GLU A 50 0.24 0.64 -8.90
N LEU A 51 0.74 0.35 -7.70
CA LEU A 51 1.68 1.24 -6.99
C LEU A 51 3.09 0.63 -6.91
N GLU A 52 4.10 1.49 -6.81
CA GLU A 52 5.50 1.08 -6.66
C GLU A 52 6.25 2.02 -5.69
N PHE A 53 7.17 1.47 -4.90
CA PHE A 53 7.98 2.28 -3.99
C PHE A 53 9.20 1.51 -3.46
N THR A 54 10.15 2.26 -2.88
CA THR A 54 11.36 1.66 -2.28
C THR A 54 11.27 1.65 -0.75
N ALA A 55 11.54 0.49 -0.15
CA ALA A 55 11.42 0.33 1.31
C ALA A 55 12.78 0.41 2.01
N GLN A 56 12.80 1.03 3.20
CA GLN A 56 14.02 1.13 4.01
C GLN A 56 14.21 -0.16 4.86
N LYS A 57 13.20 -1.02 4.84
CA LYS A 57 13.23 -2.29 5.58
C LYS A 57 12.57 -3.41 4.75
N ASN A 58 12.80 -4.66 5.13
CA ASN A 58 12.06 -5.78 4.54
C ASN A 58 10.67 -5.86 5.20
N LEU A 59 9.66 -5.44 4.45
CA LEU A 59 8.32 -5.24 5.00
C LEU A 59 7.65 -6.55 5.47
N ARG A 60 6.74 -6.43 6.43
CA ARG A 60 6.03 -7.60 6.98
C ARG A 60 5.12 -8.26 5.93
N LYS A 61 5.49 -9.46 5.50
CA LYS A 61 4.70 -10.21 4.51
C LYS A 61 3.24 -10.41 4.96
N GLU A 62 2.31 -10.27 4.01
CA GLU A 62 0.86 -10.39 4.27
C GLU A 62 0.36 -9.29 5.23
N ALA A 63 1.13 -8.22 5.38
CA ALA A 63 0.68 -7.05 6.14
C ALA A 63 0.27 -5.91 5.19
N PHE A 64 -0.48 -4.93 5.71
CA PHE A 64 -1.00 -3.83 4.89
C PHE A 64 -0.31 -2.50 5.21
N LEU A 65 0.15 -1.81 4.17
CA LEU A 65 0.71 -0.47 4.32
C LEU A 65 -0.30 0.60 3.93
N ARG A 66 -0.52 1.57 4.80
CA ARG A 66 -1.31 2.75 4.44
C ARG A 66 -0.42 3.75 3.70
N VAL A 67 -0.33 3.59 2.38
CA VAL A 67 0.56 4.40 1.56
C VAL A 67 -0.10 5.70 1.10
N TYR A 68 0.59 6.81 1.34
CA TYR A 68 0.11 8.13 0.98
C TYR A 68 0.08 8.30 -0.54
N HIS A 69 -1.08 8.07 -1.16
CA HIS A 69 -1.20 8.05 -2.62
C HIS A 69 -1.64 9.42 -3.19
N SER A 70 -0.69 10.12 -3.81
CA SER A 70 -0.98 11.41 -4.45
C SER A 70 -1.22 11.25 -5.97
N ASP A 71 -2.49 11.07 -6.34
CA ASP A 71 -2.91 10.95 -7.76
C ASP A 71 -2.14 9.84 -8.50
N LYS A 72 -0.91 10.13 -8.94
CA LYS A 72 -0.05 9.12 -9.57
C LYS A 72 0.36 8.04 -8.55
N LYS A 73 1.16 8.43 -7.57
CA LYS A 73 1.73 7.51 -6.58
C LYS A 73 2.07 8.30 -5.29
N GLY A 74 3.02 9.22 -5.41
CA GLY A 74 3.41 10.08 -4.29
C GLY A 74 4.24 9.35 -3.25
N VAL A 75 3.57 8.59 -2.37
CA VAL A 75 4.23 7.80 -1.33
C VAL A 75 5.06 8.69 -0.38
N SER A 76 4.48 9.82 0.01
CA SER A 76 5.09 10.72 1.01
C SER A 76 5.46 9.95 2.29
N ALA A 77 4.54 9.10 2.73
CA ALA A 77 4.75 8.28 3.92
C ALA A 77 3.93 6.97 3.84
N TRP A 78 4.35 5.98 4.63
CA TRP A 78 3.62 4.70 4.71
C TRP A 78 3.59 4.17 6.15
N GLU A 79 2.48 3.57 6.54
CA GLU A 79 2.33 2.98 7.88
C GLU A 79 2.10 1.46 7.79
N GLU A 80 2.76 0.71 8.65
CA GLU A 80 2.74 -0.76 8.59
C GLU A 80 1.71 -1.34 9.57
N VAL A 81 0.50 -1.61 9.06
CA VAL A 81 -0.60 -2.11 9.89
C VAL A 81 -0.94 -3.58 9.57
N LYS A 82 -1.94 -4.14 10.27
CA LYS A 82 -2.30 -5.55 10.13
C LYS A 82 -3.62 -5.74 9.38
N LYS A 83 -3.89 -6.98 8.96
CA LYS A 83 -5.11 -7.34 8.24
C LYS A 83 -6.32 -7.48 9.19
N ASP A 84 -6.05 -7.84 10.45
CA ASP A 84 -7.09 -8.00 11.46
C ASP A 84 -7.91 -6.70 11.67
N GLU A 85 -7.21 -5.56 11.66
CA GLU A 85 -7.82 -4.27 11.99
C GLU A 85 -8.58 -3.64 10.81
N LEU A 86 -8.65 -4.35 9.68
CA LEU A 86 -9.37 -3.86 8.51
C LEU A 86 -10.89 -3.75 8.78
N PRO A 87 -11.56 -2.71 8.23
CA PRO A 87 -13.00 -2.46 8.47
C PRO A 87 -13.90 -3.67 8.13
N ALA A 88 -14.85 -3.96 9.01
CA ALA A 88 -15.74 -5.13 8.87
C ALA A 88 -16.37 -5.23 7.47
N LYS A 89 -16.71 -4.09 6.88
CA LYS A 89 -17.39 -4.07 5.58
C LYS A 89 -16.49 -4.53 4.42
N VAL A 90 -15.17 -4.46 4.58
CA VAL A 90 -14.26 -4.89 3.51
C VAL A 90 -14.24 -6.44 3.40
N LYS A 91 -14.34 -7.13 4.54
CA LYS A 91 -14.36 -8.60 4.55
C LYS A 91 -15.75 -9.13 4.14
N GLU A 92 -16.79 -8.33 4.40
CA GLU A 92 -18.15 -8.68 3.96
C GLU A 92 -18.31 -8.47 2.44
N LYS A 93 -17.33 -7.81 1.82
CA LYS A 93 -17.31 -7.62 0.36
C LYS A 93 -16.29 -8.58 -0.31
N LEU A 94 -15.00 -8.35 -0.06
CA LEU A 94 -13.93 -9.18 -0.62
C LEU A 94 -13.44 -10.22 0.39
N GLY A 95 -13.42 -11.48 -0.01
CA GLY A 95 -13.04 -12.56 0.91
C GLY A 95 -14.11 -12.82 1.96
N VAL A 96 -15.34 -13.08 1.50
CA VAL A 96 -16.48 -13.23 2.40
C VAL A 96 -16.34 -14.44 3.34
N LYS A 97 -15.92 -14.17 4.57
CA LYS A 97 -15.81 -15.18 5.63
C LYS A 97 -16.93 -15.00 6.66
N LEU A 98 -17.69 -16.07 6.90
CA LEU A 98 -18.82 -16.01 7.84
C LEU A 98 -18.33 -16.08 9.29
N GLU A 99 -17.94 -14.93 9.83
CA GLU A 99 -17.51 -14.82 11.24
C GLU A 99 -18.72 -14.72 12.18
N HIS A 100 -19.86 -15.28 11.77
CA HIS A 100 -21.15 -15.12 12.48
C HIS A 100 -21.66 -13.67 12.38
N HIS A 101 -20.88 -12.72 12.91
CA HIS A 101 -21.14 -11.28 12.71
C HIS A 101 -22.55 -10.86 13.18
N HIS A 102 -23.11 -11.62 14.12
CA HIS A 102 -24.49 -11.40 14.59
C HIS A 102 -24.54 -10.46 15.80
N HIS A 103 -25.20 -9.31 15.65
CA HIS A 103 -25.42 -8.36 16.75
C HIS A 103 -24.08 -7.81 17.31
N HIS A 104 -23.71 -6.60 16.89
CA HIS A 104 -22.40 -6.02 17.24
C HIS A 104 -22.46 -5.17 18.52
N HIS A 105 -23.64 -4.61 18.81
CA HIS A 105 -23.86 -3.84 20.05
C HIS A 105 -25.24 -4.15 20.67
N MET A 1 0.56 15.26 17.85
CA MET A 1 0.04 15.94 16.64
C MET A 1 0.54 15.22 15.38
N ASP A 2 1.75 15.57 14.93
CA ASP A 2 2.46 14.84 13.87
C ASP A 2 1.64 14.65 12.58
N LEU A 3 2.17 13.85 11.65
CA LEU A 3 1.50 13.59 10.37
C LEU A 3 0.42 12.50 10.46
N ASN A 4 0.17 11.99 11.67
CA ASN A 4 -0.78 10.87 11.85
C ASN A 4 -2.24 11.29 11.58
N ARG A 5 -2.45 12.59 11.36
CA ARG A 5 -3.80 13.12 11.06
C ARG A 5 -3.81 13.96 9.77
N MET A 6 -2.65 14.10 9.14
CA MET A 6 -2.48 15.06 8.02
C MET A 6 -1.98 14.36 6.75
N GLY A 7 -2.54 14.73 5.61
CA GLY A 7 -2.07 14.20 4.34
C GLY A 7 -3.07 14.38 3.20
N LYS A 8 -3.10 13.42 2.27
CA LYS A 8 -4.00 13.45 1.12
C LYS A 8 -4.97 12.26 1.15
N ASP A 9 -4.53 11.12 0.62
CA ASP A 9 -5.30 9.87 0.68
C ASP A 9 -4.36 8.68 0.94
N GLU A 10 -4.84 7.71 1.70
CA GLU A 10 -4.05 6.52 2.02
C GLU A 10 -4.67 5.24 1.42
N TYR A 11 -3.82 4.39 0.86
CA TYR A 11 -4.25 3.10 0.32
C TYR A 11 -3.72 1.94 1.17
N TYR A 12 -4.62 1.06 1.61
CA TYR A 12 -4.22 -0.13 2.37
C TYR A 12 -3.84 -1.28 1.42
N VAL A 13 -2.55 -1.48 1.21
CA VAL A 13 -2.06 -2.52 0.30
C VAL A 13 -1.10 -3.48 1.02
N GLN A 14 -1.29 -4.78 0.82
CA GLN A 14 -0.46 -5.79 1.48
C GLN A 14 0.79 -6.13 0.65
N ILE A 15 1.89 -6.45 1.33
CA ILE A 15 3.13 -6.82 0.66
C ILE A 15 3.02 -8.19 -0.04
N THR A 16 2.77 -8.17 -1.35
CA THR A 16 2.70 -9.40 -2.14
C THR A 16 4.08 -10.09 -2.19
N VAL A 17 5.08 -9.36 -2.68
CA VAL A 17 6.46 -9.86 -2.73
C VAL A 17 7.41 -8.98 -1.90
N ASP A 18 8.15 -9.58 -0.99
CA ASP A 18 9.15 -8.86 -0.20
C ASP A 18 10.57 -9.22 -0.66
N GLY A 19 11.57 -8.58 -0.07
CA GLY A 19 12.96 -8.86 -0.42
C GLY A 19 13.37 -8.35 -1.80
N LYS A 20 12.51 -7.57 -2.46
CA LYS A 20 12.85 -6.98 -3.76
C LYS A 20 13.84 -5.82 -3.57
N GLU A 21 14.84 -5.74 -4.43
CA GLU A 21 15.92 -4.74 -4.26
C GLU A 21 16.24 -4.04 -5.60
N VAL A 22 16.12 -2.70 -5.62
CA VAL A 22 16.48 -1.91 -6.81
C VAL A 22 17.99 -1.85 -7.01
N HIS A 23 18.55 -2.92 -7.54
CA HIS A 23 19.99 -3.03 -7.75
C HIS A 23 20.37 -2.93 -9.24
N SER A 24 20.65 -1.71 -9.70
CA SER A 24 21.18 -1.49 -11.06
C SER A 24 22.53 -2.23 -11.24
N LYS A 25 23.54 -1.80 -10.48
CA LYS A 25 24.86 -2.47 -10.49
C LYS A 25 25.14 -3.13 -9.13
N ALA A 26 24.21 -3.00 -8.20
CA ALA A 26 24.41 -3.42 -6.81
C ALA A 26 24.31 -4.95 -6.61
N ASP A 27 24.72 -5.71 -7.62
CA ASP A 27 24.84 -7.17 -7.50
C ASP A 27 26.32 -7.60 -7.59
N ASN A 28 27.12 -6.77 -8.25
CA ASN A 28 28.55 -7.04 -8.44
C ASN A 28 29.43 -6.06 -7.66
N GLY A 29 28.83 -5.41 -6.66
CA GLY A 29 29.54 -4.42 -5.85
C GLY A 29 28.59 -3.55 -5.06
N GLN A 30 27.79 -4.16 -4.18
CA GLN A 30 26.72 -3.46 -3.49
C GLN A 30 27.19 -2.72 -2.22
N LYS A 31 27.65 -1.48 -2.40
CA LYS A 31 27.89 -0.58 -1.27
C LYS A 31 26.59 0.18 -0.95
N TYR A 32 25.66 0.11 -1.89
CA TYR A 32 24.33 0.70 -1.77
C TYR A 32 23.26 -0.36 -2.11
N LYS A 33 22.20 -0.44 -1.32
CA LYS A 33 21.19 -1.48 -1.49
C LYS A 33 19.81 -1.01 -0.99
N ASP A 34 18.94 -0.62 -1.92
CA ASP A 34 17.58 -0.18 -1.57
C ASP A 34 16.52 -1.18 -2.08
N TYR A 35 15.35 -1.18 -1.45
CA TYR A 35 14.33 -2.20 -1.71
C TYR A 35 13.18 -1.71 -2.62
N GLU A 36 12.42 -2.67 -3.15
CA GLU A 36 11.42 -2.40 -4.18
C GLU A 36 10.09 -3.10 -3.86
N TYR A 37 8.96 -2.44 -4.17
CA TYR A 37 7.64 -3.03 -3.94
C TYR A 37 6.65 -2.66 -5.06
N LYS A 38 6.31 -3.63 -5.91
CA LYS A 38 5.30 -3.44 -6.95
C LYS A 38 3.94 -3.97 -6.48
N LEU A 39 3.05 -3.06 -6.06
CA LEU A 39 1.74 -3.46 -5.51
C LEU A 39 0.58 -2.81 -6.28
N THR A 40 -0.63 -3.26 -6.05
CA THR A 40 -1.83 -2.64 -6.65
C THR A 40 -2.63 -1.87 -5.60
N GLY A 41 -2.67 -0.55 -5.73
CA GLY A 41 -3.46 0.28 -4.84
C GLY A 41 -4.95 0.11 -5.06
N PHE A 42 -5.65 -0.46 -4.09
CA PHE A 42 -7.09 -0.67 -4.19
C PHE A 42 -7.85 0.54 -3.66
N ASP A 43 -8.60 1.20 -4.54
CA ASP A 43 -9.30 2.44 -4.19
C ASP A 43 -10.47 2.18 -3.24
N LYS A 44 -10.86 3.23 -2.51
CA LYS A 44 -11.91 3.15 -1.47
C LYS A 44 -13.19 2.47 -1.98
N ASP A 45 -13.60 2.81 -3.20
CA ASP A 45 -14.83 2.27 -3.80
C ASP A 45 -14.65 0.79 -4.20
N GLY A 46 -13.40 0.39 -4.45
CA GLY A 46 -13.12 -0.97 -4.91
C GLY A 46 -12.46 -1.03 -6.28
N LYS A 47 -11.67 0.00 -6.61
CA LYS A 47 -11.00 0.09 -7.91
C LYS A 47 -9.55 -0.44 -7.83
N GLU A 48 -8.90 -0.60 -8.97
CA GLU A 48 -7.49 -0.98 -9.03
C GLU A 48 -6.61 0.19 -9.51
N LYS A 49 -5.47 0.38 -8.87
CA LYS A 49 -4.56 1.48 -9.23
C LYS A 49 -3.08 1.02 -9.16
N GLU A 50 -2.29 1.41 -10.15
CA GLU A 50 -0.88 1.01 -10.24
C GLU A 50 -0.04 1.68 -9.15
N LEU A 51 0.65 0.88 -8.33
CA LEU A 51 1.36 1.40 -7.16
C LEU A 51 2.76 0.76 -7.00
N GLU A 52 3.75 1.34 -7.67
CA GLU A 52 5.14 0.87 -7.58
C GLU A 52 5.98 1.83 -6.73
N PHE A 53 6.40 1.38 -5.53
CA PHE A 53 7.19 2.23 -4.64
C PHE A 53 8.44 1.51 -4.10
N THR A 54 9.40 2.29 -3.61
CA THR A 54 10.66 1.75 -3.06
C THR A 54 10.71 1.89 -1.54
N ALA A 55 11.71 1.24 -0.92
CA ALA A 55 11.88 1.30 0.53
C ALA A 55 13.37 1.30 0.92
N GLN A 56 13.66 1.75 2.13
CA GLN A 56 15.03 1.77 2.67
C GLN A 56 15.30 0.52 3.53
N LYS A 57 14.29 -0.33 3.67
CA LYS A 57 14.37 -1.53 4.51
C LYS A 57 13.27 -2.53 4.14
N ASN A 58 13.58 -3.83 4.24
CA ASN A 58 12.59 -4.88 3.94
C ASN A 58 11.67 -5.12 5.15
N LEU A 59 10.37 -5.02 4.94
CA LEU A 59 9.40 -5.26 6.02
C LEU A 59 8.73 -6.64 5.89
N ARG A 60 7.64 -6.86 6.63
CA ARG A 60 7.02 -8.18 6.72
C ARG A 60 6.03 -8.45 5.57
N LYS A 61 6.22 -9.59 4.91
CA LYS A 61 5.34 -10.04 3.82
C LYS A 61 3.87 -10.15 4.26
N GLU A 62 2.95 -10.00 3.30
CA GLU A 62 1.50 -10.13 3.51
C GLU A 62 0.91 -9.00 4.40
N ALA A 63 1.75 -8.24 5.09
CA ALA A 63 1.30 -7.15 5.95
C ALA A 63 0.75 -5.98 5.12
N PHE A 64 -0.25 -5.29 5.64
CA PHE A 64 -0.90 -4.19 4.92
C PHE A 64 -0.25 -2.83 5.22
N LEU A 65 0.37 -2.23 4.22
CA LEU A 65 0.93 -0.89 4.36
C LEU A 65 -0.12 0.19 4.06
N ARG A 66 -0.36 1.06 5.04
CA ARG A 66 -1.18 2.25 4.85
C ARG A 66 -0.34 3.35 4.19
N VAL A 67 -0.29 3.31 2.85
CA VAL A 67 0.61 4.20 2.09
C VAL A 67 -0.02 5.56 1.78
N TYR A 68 0.71 6.61 2.13
CA TYR A 68 0.36 7.97 1.79
C TYR A 68 0.59 8.24 0.29
N HIS A 69 -0.50 8.36 -0.46
CA HIS A 69 -0.42 8.54 -1.92
C HIS A 69 -0.05 9.98 -2.30
N SER A 70 1.16 10.16 -2.83
CA SER A 70 1.61 11.47 -3.32
C SER A 70 1.41 11.58 -4.83
N ASP A 71 1.48 12.80 -5.36
CA ASP A 71 1.33 13.02 -6.80
C ASP A 71 2.63 12.76 -7.57
N LYS A 72 3.76 12.98 -6.89
CA LYS A 72 5.09 12.89 -7.52
C LYS A 72 5.52 11.44 -7.78
N LYS A 73 5.76 10.68 -6.72
CA LYS A 73 6.30 9.30 -6.84
C LYS A 73 5.33 8.24 -6.31
N GLY A 74 4.03 8.52 -6.32
CA GLY A 74 3.04 7.56 -5.86
C GLY A 74 2.94 7.45 -4.34
N VAL A 75 4.04 7.08 -3.69
CA VAL A 75 4.06 6.94 -2.22
C VAL A 75 5.22 7.74 -1.60
N SER A 76 4.91 8.58 -0.62
CA SER A 76 5.95 9.37 0.09
C SER A 76 6.17 8.84 1.52
N ALA A 77 5.17 8.14 2.05
CA ALA A 77 5.26 7.59 3.42
C ALA A 77 4.35 6.34 3.56
N TRP A 78 4.68 5.47 4.51
CA TRP A 78 3.92 4.23 4.72
C TRP A 78 4.05 3.68 6.15
N GLU A 79 2.91 3.29 6.73
CA GLU A 79 2.87 2.67 8.06
C GLU A 79 2.31 1.24 7.97
N GLU A 80 2.76 0.34 8.84
CA GLU A 80 2.35 -1.07 8.78
C GLU A 80 1.11 -1.34 9.66
N VAL A 81 0.07 -1.93 9.05
CA VAL A 81 -1.15 -2.34 9.78
C VAL A 81 -1.48 -3.82 9.49
N LYS A 82 -2.18 -4.48 10.42
CA LYS A 82 -2.50 -5.90 10.27
C LYS A 82 -3.98 -6.11 9.95
N LYS A 83 -4.30 -7.20 9.24
CA LYS A 83 -5.68 -7.49 8.80
C LYS A 83 -6.64 -7.63 10.01
N ASP A 84 -6.08 -7.95 11.17
CA ASP A 84 -6.86 -8.08 12.40
C ASP A 84 -7.52 -6.75 12.78
N GLU A 85 -6.84 -5.64 12.46
CA GLU A 85 -7.29 -4.30 12.83
C GLU A 85 -8.32 -3.74 11.84
N LEU A 86 -8.51 -4.42 10.71
CA LEU A 86 -9.49 -3.99 9.70
C LEU A 86 -10.93 -4.35 10.15
N PRO A 87 -11.88 -3.39 10.05
CA PRO A 87 -13.28 -3.62 10.45
C PRO A 87 -14.05 -4.54 9.48
N ALA A 88 -15.13 -5.13 9.97
CA ALA A 88 -15.93 -6.09 9.19
C ALA A 88 -16.56 -5.45 7.94
N LYS A 89 -16.95 -4.18 8.05
CA LYS A 89 -17.60 -3.46 6.96
C LYS A 89 -16.76 -3.49 5.66
N VAL A 90 -15.44 -3.33 5.80
CA VAL A 90 -14.54 -3.34 4.64
C VAL A 90 -13.96 -4.75 4.39
N LYS A 91 -13.64 -5.47 5.47
CA LYS A 91 -13.03 -6.81 5.36
C LYS A 91 -13.97 -7.79 4.65
N GLU A 92 -15.18 -7.95 5.18
CA GLU A 92 -16.15 -8.89 4.61
C GLU A 92 -16.83 -8.33 3.35
N LYS A 93 -16.36 -7.18 2.88
CA LYS A 93 -16.77 -6.63 1.58
C LYS A 93 -15.92 -7.25 0.47
N LEU A 94 -14.62 -7.43 0.76
CA LEU A 94 -13.66 -7.98 -0.21
C LEU A 94 -13.17 -9.36 0.24
N GLY A 95 -13.69 -10.41 -0.39
CA GLY A 95 -13.28 -11.76 -0.03
C GLY A 95 -14.23 -12.44 0.97
N VAL A 96 -15.52 -12.50 0.64
CA VAL A 96 -16.49 -13.19 1.48
C VAL A 96 -16.21 -14.70 1.54
N LYS A 97 -15.69 -15.18 2.68
CA LYS A 97 -15.33 -16.59 2.84
C LYS A 97 -16.45 -17.41 3.54
N LEU A 98 -17.34 -17.98 2.73
CA LEU A 98 -18.41 -18.86 3.24
C LEU A 98 -18.42 -20.20 2.50
N GLU A 99 -17.95 -21.25 3.16
CA GLU A 99 -17.96 -22.59 2.57
C GLU A 99 -19.30 -23.30 2.83
N HIS A 100 -19.70 -23.34 4.10
CA HIS A 100 -21.02 -23.85 4.50
C HIS A 100 -21.54 -23.09 5.72
N HIS A 101 -22.82 -23.26 6.03
CA HIS A 101 -23.42 -22.65 7.23
C HIS A 101 -23.17 -23.54 8.46
N HIS A 102 -23.50 -24.83 8.32
CA HIS A 102 -23.33 -25.80 9.39
C HIS A 102 -23.23 -27.23 8.80
N HIS A 103 -22.41 -28.08 9.42
CA HIS A 103 -22.27 -29.47 8.97
C HIS A 103 -23.60 -30.24 9.12
N HIS A 104 -23.72 -31.35 8.41
CA HIS A 104 -24.93 -32.18 8.44
C HIS A 104 -25.25 -32.68 9.87
N HIS A 105 -26.53 -32.90 10.14
CA HIS A 105 -26.96 -33.38 11.46
C HIS A 105 -27.17 -34.91 11.47
N MET A 1 -4.30 14.67 -8.06
CA MET A 1 -3.98 15.68 -9.11
C MET A 1 -5.24 16.42 -9.56
N ASP A 2 -6.21 16.54 -8.66
CA ASP A 2 -7.53 17.06 -9.01
C ASP A 2 -8.22 17.70 -7.79
N LEU A 3 -9.37 18.31 -8.05
CA LEU A 3 -10.23 18.84 -6.99
C LEU A 3 -11.56 18.08 -6.93
N ASN A 4 -11.58 16.88 -7.54
CA ASN A 4 -12.80 16.09 -7.67
C ASN A 4 -12.98 15.12 -6.50
N ARG A 5 -12.19 14.03 -6.52
CA ARG A 5 -12.35 12.95 -5.53
C ARG A 5 -11.13 12.86 -4.59
N MET A 6 -10.28 13.87 -4.64
CA MET A 6 -9.08 13.94 -3.78
C MET A 6 -9.43 13.92 -2.28
N GLY A 7 -8.46 13.49 -1.46
CA GLY A 7 -8.65 13.47 -0.02
C GLY A 7 -7.62 12.61 0.70
N LYS A 8 -6.34 12.84 0.39
CA LYS A 8 -5.22 12.03 0.91
C LYS A 8 -5.47 10.52 0.72
N ASP A 9 -5.17 10.03 -0.49
CA ASP A 9 -5.42 8.63 -0.84
C ASP A 9 -4.47 7.67 -0.09
N GLU A 10 -4.95 7.07 0.98
CA GLU A 10 -4.20 5.99 1.65
C GLU A 10 -4.81 4.62 1.32
N TYR A 11 -4.12 3.86 0.49
CA TYR A 11 -4.64 2.57 0.02
C TYR A 11 -4.16 1.42 0.92
N TYR A 12 -5.11 0.66 1.46
CA TYR A 12 -4.79 -0.49 2.30
C TYR A 12 -4.36 -1.69 1.45
N VAL A 13 -3.05 -1.89 1.35
CA VAL A 13 -2.48 -2.97 0.53
C VAL A 13 -1.82 -4.04 1.40
N GLN A 14 -1.34 -5.12 0.78
CA GLN A 14 -0.60 -6.17 1.51
C GLN A 14 0.66 -6.58 0.75
N ILE A 15 1.73 -6.86 1.49
CA ILE A 15 3.03 -7.19 0.87
C ILE A 15 3.06 -8.60 0.28
N THR A 16 2.89 -8.70 -1.04
CA THR A 16 3.01 -9.98 -1.74
C THR A 16 4.48 -10.27 -2.08
N VAL A 17 5.06 -9.44 -2.94
CA VAL A 17 6.49 -9.55 -3.29
C VAL A 17 7.34 -8.53 -2.51
N ASP A 18 8.40 -9.01 -1.87
CA ASP A 18 9.28 -8.13 -1.08
C ASP A 18 10.76 -8.35 -1.42
N GLY A 19 11.62 -7.46 -0.95
CA GLY A 19 13.07 -7.65 -1.07
C GLY A 19 13.64 -7.52 -2.49
N LYS A 20 12.83 -7.07 -3.44
CA LYS A 20 13.29 -6.89 -4.82
C LYS A 20 14.30 -5.73 -4.91
N GLU A 21 15.59 -6.03 -4.75
CA GLU A 21 16.63 -5.00 -4.70
C GLU A 21 16.86 -4.32 -6.06
N VAL A 22 16.52 -3.04 -6.14
CA VAL A 22 16.73 -2.25 -7.35
C VAL A 22 18.05 -1.46 -7.28
N HIS A 23 19.13 -2.11 -7.66
CA HIS A 23 20.46 -1.49 -7.67
C HIS A 23 20.58 -0.42 -8.76
N SER A 24 20.14 0.80 -8.46
CA SER A 24 20.18 1.89 -9.44
C SER A 24 20.79 3.17 -8.85
N LYS A 25 20.59 3.41 -7.55
CA LYS A 25 21.00 4.66 -6.89
C LYS A 25 22.53 4.73 -6.66
N ALA A 26 23.30 4.02 -7.47
CA ALA A 26 24.76 3.99 -7.33
C ALA A 26 25.46 4.88 -8.36
N ASP A 27 24.72 5.81 -8.95
CA ASP A 27 25.22 6.66 -10.05
C ASP A 27 26.52 7.41 -9.68
N ASN A 28 26.64 7.88 -8.44
CA ASN A 28 27.81 8.65 -8.00
C ASN A 28 28.96 7.74 -7.51
N GLY A 29 28.75 6.43 -7.53
CA GLY A 29 29.80 5.49 -7.13
C GLY A 29 29.40 4.64 -5.93
N GLN A 30 28.49 5.16 -5.10
CA GLN A 30 28.06 4.46 -3.89
C GLN A 30 27.28 3.18 -4.22
N LYS A 31 27.97 2.05 -4.22
CA LYS A 31 27.37 0.78 -4.63
C LYS A 31 26.51 0.14 -3.53
N TYR A 32 25.32 0.71 -3.34
CA TYR A 32 24.32 0.10 -2.45
C TYR A 32 22.98 -0.11 -3.20
N LYS A 33 21.98 -0.66 -2.51
CA LYS A 33 20.71 -1.03 -3.15
C LYS A 33 19.49 -0.55 -2.36
N ASP A 34 18.37 -0.40 -3.07
CA ASP A 34 17.08 -0.07 -2.47
C ASP A 34 16.09 -1.24 -2.65
N TYR A 35 15.07 -1.32 -1.80
CA TYR A 35 14.13 -2.46 -1.83
C TYR A 35 12.78 -2.09 -2.46
N GLU A 36 12.49 -2.70 -3.61
CA GLU A 36 11.26 -2.48 -4.35
C GLU A 36 10.07 -3.21 -3.73
N TYR A 37 8.92 -2.54 -3.68
CA TYR A 37 7.65 -3.15 -3.24
C TYR A 37 6.53 -2.80 -4.23
N LYS A 38 6.23 -3.72 -5.15
CA LYS A 38 5.27 -3.48 -6.24
C LYS A 38 3.92 -4.15 -5.94
N LEU A 39 2.89 -3.34 -5.64
CA LEU A 39 1.56 -3.84 -5.29
C LEU A 39 0.44 -2.88 -5.73
N THR A 40 -0.79 -3.39 -5.85
CA THR A 40 -1.95 -2.58 -6.27
C THR A 40 -2.85 -2.22 -5.08
N GLY A 41 -3.36 -0.99 -5.06
CA GLY A 41 -4.23 -0.53 -3.97
C GLY A 41 -5.62 -0.09 -4.46
N PHE A 42 -6.65 -0.42 -3.69
CA PHE A 42 -8.04 -0.03 -4.00
C PHE A 42 -8.60 0.90 -2.91
N ASP A 43 -9.50 1.81 -3.28
CA ASP A 43 -10.09 2.76 -2.31
C ASP A 43 -11.32 3.51 -2.86
N LYS A 44 -12.08 4.12 -1.95
CA LYS A 44 -13.22 4.99 -2.28
C LYS A 44 -14.42 4.24 -2.90
N ASP A 45 -14.34 3.92 -4.19
CA ASP A 45 -15.49 3.32 -4.89
C ASP A 45 -15.07 2.13 -5.78
N GLY A 46 -13.80 2.08 -6.19
CA GLY A 46 -13.35 0.95 -7.00
C GLY A 46 -12.07 1.20 -7.79
N LYS A 47 -11.50 2.40 -7.69
CA LYS A 47 -10.26 2.71 -8.44
C LYS A 47 -9.07 1.94 -7.88
N GLU A 48 -8.15 1.56 -8.77
CA GLU A 48 -6.95 0.80 -8.39
C GLU A 48 -5.71 1.35 -9.07
N LYS A 49 -4.62 1.49 -8.32
CA LYS A 49 -3.33 1.91 -8.86
C LYS A 49 -2.18 1.08 -8.26
N GLU A 50 -1.14 0.84 -9.05
CA GLU A 50 0.05 0.11 -8.58
C GLU A 50 1.00 1.03 -7.80
N LEU A 51 1.00 0.91 -6.48
CA LEU A 51 1.90 1.70 -5.63
C LEU A 51 3.24 0.98 -5.44
N GLU A 52 4.12 1.13 -6.42
CA GLU A 52 5.44 0.49 -6.40
C GLU A 52 6.51 1.47 -5.91
N PHE A 53 6.97 1.28 -4.68
CA PHE A 53 7.94 2.18 -4.05
C PHE A 53 9.23 1.46 -3.62
N THR A 54 10.25 2.24 -3.25
CA THR A 54 11.54 1.68 -2.81
C THR A 54 11.84 2.04 -1.34
N ALA A 55 11.85 1.04 -0.48
CA ALA A 55 12.15 1.23 0.94
C ALA A 55 13.63 0.93 1.24
N GLN A 56 14.13 1.47 2.35
CA GLN A 56 15.55 1.32 2.70
C GLN A 56 15.87 -0.03 3.36
N LYS A 57 14.85 -0.86 3.60
CA LYS A 57 15.05 -2.16 4.26
C LYS A 57 13.78 -3.04 4.18
N ASN A 58 13.94 -4.32 4.48
CA ASN A 58 12.82 -5.28 4.50
C ASN A 58 11.83 -5.01 5.64
N LEU A 59 10.61 -5.51 5.48
CA LEU A 59 9.56 -5.37 6.51
C LEU A 59 8.74 -6.68 6.65
N ARG A 60 7.66 -6.65 7.42
CA ARG A 60 6.81 -7.84 7.62
C ARG A 60 6.02 -8.19 6.35
N LYS A 61 6.44 -9.26 5.67
CA LYS A 61 5.79 -9.71 4.43
C LYS A 61 4.37 -10.25 4.68
N GLU A 62 3.49 -10.11 3.67
CA GLU A 62 2.08 -10.53 3.75
C GLU A 62 1.22 -9.57 4.59
N ALA A 63 1.86 -8.78 5.47
CA ALA A 63 1.16 -7.80 6.31
C ALA A 63 0.61 -6.63 5.46
N PHE A 64 -0.26 -5.83 6.06
CA PHE A 64 -0.91 -4.73 5.34
C PHE A 64 -0.20 -3.39 5.56
N LEU A 65 -0.34 -2.49 4.59
CA LEU A 65 0.27 -1.16 4.64
C LEU A 65 -0.74 -0.06 4.30
N ARG A 66 -0.82 0.94 5.16
CA ARG A 66 -1.54 2.18 4.85
C ARG A 66 -0.63 3.09 4.02
N VAL A 67 -0.64 2.89 2.70
CA VAL A 67 0.29 3.59 1.82
C VAL A 67 -0.30 4.89 1.27
N TYR A 68 0.35 5.98 1.61
CA TYR A 68 -0.02 7.30 1.13
C TYR A 68 0.31 7.45 -0.36
N HIS A 69 -0.72 7.70 -1.17
CA HIS A 69 -0.55 7.82 -2.63
C HIS A 69 -0.40 9.27 -3.06
N SER A 70 0.76 9.61 -3.60
CA SER A 70 1.01 10.95 -4.16
C SER A 70 1.10 10.88 -5.69
N ASP A 71 0.56 11.89 -6.36
CA ASP A 71 0.65 11.95 -7.83
C ASP A 71 2.12 12.15 -8.29
N LYS A 72 2.97 12.53 -7.34
CA LYS A 72 4.41 12.74 -7.59
C LYS A 72 5.07 11.47 -8.13
N LYS A 73 5.19 10.45 -7.28
CA LYS A 73 5.81 9.18 -7.66
C LYS A 73 5.00 7.99 -7.13
N GLY A 74 3.67 8.14 -7.10
CA GLY A 74 2.81 7.07 -6.60
C GLY A 74 2.76 6.99 -5.07
N VAL A 75 3.92 6.84 -4.44
CA VAL A 75 4.00 6.72 -2.97
C VAL A 75 4.82 7.84 -2.33
N SER A 76 4.42 8.25 -1.13
CA SER A 76 5.18 9.24 -0.35
C SER A 76 5.49 8.73 1.06
N ALA A 77 4.53 8.01 1.66
CA ALA A 77 4.70 7.43 3.00
C ALA A 77 3.89 6.14 3.15
N TRP A 78 4.19 5.35 4.20
CA TRP A 78 3.49 4.07 4.43
C TRP A 78 3.49 3.67 5.92
N GLU A 79 2.33 3.23 6.41
CA GLU A 79 2.17 2.77 7.79
C GLU A 79 1.85 1.26 7.81
N GLU A 80 2.33 0.51 8.80
CA GLU A 80 2.11 -0.93 8.84
C GLU A 80 0.92 -1.32 9.74
N VAL A 81 0.08 -2.22 9.23
CA VAL A 81 -1.09 -2.72 9.97
C VAL A 81 -1.40 -4.17 9.61
N LYS A 82 -2.31 -4.80 10.35
CA LYS A 82 -2.81 -6.14 10.03
C LYS A 82 -4.28 -6.09 9.60
N LYS A 83 -4.77 -7.16 8.99
CA LYS A 83 -6.22 -7.25 8.69
C LYS A 83 -7.00 -7.34 10.01
N ASP A 84 -6.31 -7.75 11.09
CA ASP A 84 -6.91 -7.79 12.43
C ASP A 84 -7.08 -6.37 13.00
N GLU A 85 -6.43 -5.39 12.36
CA GLU A 85 -6.49 -4.00 12.80
C GLU A 85 -7.32 -3.12 11.86
N LEU A 86 -7.99 -3.77 10.90
CA LEU A 86 -8.85 -3.07 9.92
C LEU A 86 -10.34 -3.29 10.23
N PRO A 87 -11.13 -2.20 10.33
CA PRO A 87 -12.57 -2.27 10.60
C PRO A 87 -13.35 -3.04 9.52
N ALA A 88 -14.19 -3.99 9.94
CA ALA A 88 -14.98 -4.81 9.02
C ALA A 88 -15.87 -3.95 8.11
N LYS A 89 -16.36 -2.84 8.65
CA LYS A 89 -17.18 -1.90 7.87
C LYS A 89 -16.42 -1.41 6.62
N VAL A 90 -15.15 -1.07 6.80
CA VAL A 90 -14.29 -0.65 5.69
C VAL A 90 -13.98 -1.84 4.77
N LYS A 91 -13.79 -3.02 5.38
CA LYS A 91 -13.53 -4.25 4.64
C LYS A 91 -14.69 -4.58 3.67
N GLU A 92 -15.92 -4.30 4.09
CA GLU A 92 -17.10 -4.48 3.24
C GLU A 92 -17.34 -3.27 2.32
N LYS A 93 -16.88 -2.10 2.76
CA LYS A 93 -16.92 -0.87 1.93
C LYS A 93 -16.08 -1.04 0.66
N LEU A 94 -14.94 -1.72 0.78
CA LEU A 94 -14.08 -2.01 -0.36
C LEU A 94 -14.75 -3.05 -1.28
N GLY A 95 -15.48 -2.57 -2.28
CA GLY A 95 -16.17 -3.47 -3.20
C GLY A 95 -17.69 -3.50 -3.01
N VAL A 96 -18.30 -2.33 -2.81
CA VAL A 96 -19.75 -2.21 -2.72
C VAL A 96 -20.42 -2.37 -4.10
N LYS A 97 -21.74 -2.47 -4.12
CA LYS A 97 -22.50 -2.66 -5.36
C LYS A 97 -23.63 -1.62 -5.51
N LEU A 98 -23.79 -1.10 -6.73
CA LEU A 98 -24.82 -0.09 -7.04
C LEU A 98 -24.52 1.26 -6.35
N GLU A 99 -25.02 2.35 -6.93
CA GLU A 99 -24.86 3.69 -6.36
C GLU A 99 -25.45 3.79 -4.95
N HIS A 100 -26.54 3.04 -4.71
CA HIS A 100 -27.21 2.98 -3.39
C HIS A 100 -27.76 4.35 -2.93
N HIS A 101 -27.75 5.33 -3.82
CA HIS A 101 -28.26 6.67 -3.49
C HIS A 101 -29.78 6.64 -3.25
N HIS A 102 -30.21 7.13 -2.09
CA HIS A 102 -31.63 7.06 -1.69
C HIS A 102 -32.09 8.35 -0.98
N HIS A 103 -33.33 8.35 -0.50
CA HIS A 103 -33.89 9.50 0.22
C HIS A 103 -33.35 9.55 1.66
N HIS A 104 -32.55 10.57 1.97
CA HIS A 104 -31.99 10.75 3.31
C HIS A 104 -32.64 11.94 4.02
N HIS A 105 -32.42 12.05 5.32
CA HIS A 105 -32.85 13.22 6.09
C HIS A 105 -31.64 14.13 6.44
N MET A 1 -6.92 24.06 -5.99
CA MET A 1 -6.23 23.67 -4.73
C MET A 1 -7.21 23.37 -3.59
N ASP A 2 -8.46 23.05 -3.92
CA ASP A 2 -9.50 22.78 -2.92
C ASP A 2 -9.30 21.39 -2.29
N LEU A 3 -8.32 21.29 -1.39
CA LEU A 3 -8.00 20.01 -0.74
C LEU A 3 -9.09 19.56 0.25
N ASN A 4 -10.11 20.41 0.47
CA ASN A 4 -11.19 20.11 1.42
C ASN A 4 -11.98 18.84 1.01
N ARG A 5 -12.68 18.92 -0.12
CA ARG A 5 -13.50 17.79 -0.60
C ARG A 5 -12.74 16.89 -1.59
N MET A 6 -11.47 17.21 -1.82
CA MET A 6 -10.60 16.34 -2.64
C MET A 6 -9.79 15.38 -1.75
N GLY A 7 -9.24 15.92 -0.66
CA GLY A 7 -8.46 15.12 0.28
C GLY A 7 -7.17 14.57 -0.32
N LYS A 8 -6.75 13.39 0.16
CA LYS A 8 -5.55 12.71 -0.34
C LYS A 8 -5.77 11.20 -0.40
N ASP A 9 -4.89 10.50 -1.12
CA ASP A 9 -5.05 9.05 -1.33
C ASP A 9 -4.25 8.22 -0.31
N GLU A 10 -4.89 7.19 0.23
CA GLU A 10 -4.19 6.14 0.96
C GLU A 10 -4.81 4.77 0.63
N TYR A 11 -3.97 3.79 0.32
CA TYR A 11 -4.48 2.49 -0.14
C TYR A 11 -4.03 1.35 0.80
N TYR A 12 -4.97 0.47 1.14
CA TYR A 12 -4.67 -0.70 1.96
C TYR A 12 -4.17 -1.87 1.09
N VAL A 13 -2.85 -2.08 1.05
CA VAL A 13 -2.27 -3.12 0.22
C VAL A 13 -1.65 -4.26 1.05
N GLN A 14 -1.33 -5.35 0.37
CA GLN A 14 -0.62 -6.48 0.99
C GLN A 14 0.79 -6.62 0.43
N ILE A 15 1.67 -7.27 1.18
CA ILE A 15 3.05 -7.48 0.74
C ILE A 15 3.10 -8.49 -0.41
N THR A 16 2.89 -8.00 -1.64
CA THR A 16 2.89 -8.84 -2.84
C THR A 16 4.30 -9.32 -3.21
N VAL A 17 5.21 -8.36 -3.43
CA VAL A 17 6.60 -8.67 -3.77
C VAL A 17 7.57 -8.25 -2.64
N ASP A 18 8.08 -9.23 -1.91
CA ASP A 18 9.05 -9.00 -0.83
C ASP A 18 10.47 -9.35 -1.28
N GLY A 19 11.47 -8.65 -0.74
CA GLY A 19 12.87 -8.93 -1.08
C GLY A 19 13.27 -8.53 -2.50
N LYS A 20 12.39 -7.81 -3.19
CA LYS A 20 12.65 -7.40 -4.58
C LYS A 20 13.64 -6.21 -4.61
N GLU A 21 14.94 -6.51 -4.56
CA GLU A 21 15.96 -5.48 -4.40
C GLU A 21 16.36 -4.82 -5.74
N VAL A 22 16.76 -3.56 -5.67
CA VAL A 22 17.15 -2.79 -6.85
C VAL A 22 18.60 -2.28 -6.75
N HIS A 23 19.51 -3.01 -7.39
CA HIS A 23 20.93 -2.63 -7.43
C HIS A 23 21.32 -2.16 -8.85
N SER A 24 20.96 -0.93 -9.19
CA SER A 24 21.28 -0.36 -10.50
C SER A 24 21.46 1.15 -10.43
N LYS A 25 22.56 1.58 -9.82
CA LYS A 25 22.83 3.01 -9.62
C LYS A 25 24.20 3.21 -8.93
N ALA A 26 25.20 2.43 -9.33
CA ALA A 26 26.53 2.49 -8.70
C ALA A 26 27.36 3.71 -9.17
N ASP A 27 27.12 4.14 -10.41
CA ASP A 27 27.84 5.28 -11.01
C ASP A 27 29.36 5.00 -11.09
N ASN A 28 30.07 5.23 -9.98
CA ASN A 28 31.52 5.01 -9.92
C ASN A 28 31.86 3.77 -9.06
N GLY A 29 30.88 3.28 -8.30
CA GLY A 29 31.10 2.12 -7.46
C GLY A 29 30.31 2.15 -6.15
N GLN A 30 29.20 2.89 -6.13
CA GLN A 30 28.32 2.95 -4.96
C GLN A 30 27.38 1.74 -4.95
N LYS A 31 27.82 0.70 -4.26
CA LYS A 31 27.20 -0.63 -4.35
C LYS A 31 26.03 -0.83 -3.36
N TYR A 32 25.24 0.22 -3.15
CA TYR A 32 24.09 0.15 -2.23
C TYR A 32 22.91 -0.62 -2.84
N LYS A 33 21.97 -1.02 -2.01
CA LYS A 33 20.81 -1.84 -2.45
C LYS A 33 19.54 -1.53 -1.63
N ASP A 34 18.51 -1.04 -2.32
CA ASP A 34 17.18 -0.83 -1.72
C ASP A 34 16.21 -1.93 -2.15
N TYR A 35 14.99 -1.89 -1.64
CA TYR A 35 13.94 -2.84 -2.06
C TYR A 35 12.79 -2.12 -2.78
N GLU A 36 12.13 -2.81 -3.70
CA GLU A 36 11.12 -2.18 -4.57
C GLU A 36 9.75 -2.83 -4.38
N TYR A 37 8.85 -2.11 -3.72
CA TYR A 37 7.49 -2.61 -3.52
C TYR A 37 6.55 -2.18 -4.65
N LYS A 38 6.48 -3.00 -5.68
CA LYS A 38 5.59 -2.79 -6.82
C LYS A 38 4.19 -3.34 -6.49
N LEU A 39 3.32 -2.49 -5.97
CA LEU A 39 2.04 -2.93 -5.38
C LEU A 39 0.81 -2.43 -6.18
N THR A 40 -0.35 -3.01 -5.88
CA THR A 40 -1.63 -2.53 -6.40
C THR A 40 -2.52 -2.04 -5.26
N GLY A 41 -2.75 -0.74 -5.21
CA GLY A 41 -3.58 -0.16 -4.18
C GLY A 41 -5.04 -0.03 -4.60
N PHE A 42 -5.96 -0.35 -3.71
CA PHE A 42 -7.38 -0.24 -4.01
C PHE A 42 -7.91 1.14 -3.63
N ASP A 43 -8.50 1.82 -4.62
CA ASP A 43 -8.88 3.23 -4.51
C ASP A 43 -10.05 3.45 -3.51
N LYS A 44 -10.31 4.72 -3.19
CA LYS A 44 -11.35 5.09 -2.23
C LYS A 44 -12.74 4.59 -2.68
N ASP A 45 -12.91 4.40 -4.00
CA ASP A 45 -14.17 3.86 -4.54
C ASP A 45 -14.12 2.33 -4.68
N GLY A 46 -12.93 1.75 -4.52
CA GLY A 46 -12.76 0.31 -4.67
C GLY A 46 -12.17 -0.10 -6.02
N LYS A 47 -11.38 0.80 -6.63
CA LYS A 47 -10.75 0.54 -7.93
C LYS A 47 -9.32 0.01 -7.77
N GLU A 48 -8.66 -0.29 -8.88
CA GLU A 48 -7.25 -0.72 -8.85
C GLU A 48 -6.32 0.43 -9.26
N LYS A 49 -5.38 0.78 -8.39
CA LYS A 49 -4.44 1.87 -8.64
C LYS A 49 -2.98 1.35 -8.50
N GLU A 50 -2.10 1.83 -9.38
CA GLU A 50 -0.71 1.37 -9.41
C GLU A 50 0.16 2.15 -8.41
N LEU A 51 0.79 1.42 -7.48
CA LEU A 51 1.72 2.02 -6.51
C LEU A 51 3.11 1.36 -6.58
N GLU A 52 4.16 2.15 -6.40
CA GLU A 52 5.53 1.64 -6.40
C GLU A 52 6.47 2.58 -5.63
N PHE A 53 7.18 2.04 -4.65
CA PHE A 53 8.15 2.82 -3.87
C PHE A 53 9.35 1.96 -3.43
N THR A 54 10.53 2.58 -3.36
CA THR A 54 11.75 1.90 -2.92
C THR A 54 11.99 2.10 -1.41
N ALA A 55 11.96 1.01 -0.66
CA ALA A 55 12.18 1.05 0.79
C ALA A 55 13.63 0.70 1.15
N GLN A 56 14.20 1.45 2.10
CA GLN A 56 15.56 1.20 2.59
C GLN A 56 15.63 -0.10 3.40
N LYS A 57 14.48 -0.53 3.91
CA LYS A 57 14.37 -1.75 4.71
C LYS A 57 13.27 -2.66 4.17
N ASN A 58 13.49 -3.97 4.22
CA ASN A 58 12.48 -4.94 3.82
C ASN A 58 11.42 -5.09 4.94
N LEU A 59 10.23 -4.58 4.70
CA LEU A 59 9.14 -4.61 5.68
C LEU A 59 8.64 -6.03 5.96
N ARG A 60 7.82 -6.19 7.00
CA ARG A 60 7.30 -7.50 7.38
C ARG A 60 6.19 -7.99 6.44
N LYS A 61 6.30 -9.24 6.01
CA LYS A 61 5.36 -9.86 5.06
C LYS A 61 4.05 -10.30 5.73
N GLU A 62 2.98 -10.40 4.93
CA GLU A 62 1.62 -10.74 5.39
C GLU A 62 0.96 -9.56 6.14
N ALA A 63 1.64 -8.42 6.20
CA ALA A 63 1.10 -7.22 6.85
C ALA A 63 0.36 -6.33 5.85
N PHE A 64 -0.70 -5.66 6.31
CA PHE A 64 -1.47 -4.75 5.47
C PHE A 64 -0.83 -3.35 5.47
N LEU A 65 -0.22 -3.00 4.35
CA LEU A 65 0.55 -1.75 4.24
C LEU A 65 -0.36 -0.59 3.76
N ARG A 66 -0.54 0.42 4.61
CA ARG A 66 -1.25 1.64 4.22
C ARG A 66 -0.30 2.59 3.46
N VAL A 67 -0.36 2.55 2.13
CA VAL A 67 0.50 3.39 1.30
C VAL A 67 -0.15 4.74 0.99
N TYR A 68 0.61 5.80 1.23
CA TYR A 68 0.14 7.17 1.04
C TYR A 68 0.49 7.71 -0.35
N HIS A 69 -0.54 8.13 -1.09
CA HIS A 69 -0.37 8.61 -2.45
C HIS A 69 -0.74 10.11 -2.58
N SER A 70 0.02 10.82 -3.41
CA SER A 70 -0.26 12.25 -3.68
C SER A 70 -0.09 12.56 -5.18
N ASP A 71 -0.81 13.57 -5.66
CA ASP A 71 -0.84 13.90 -7.09
C ASP A 71 0.57 14.17 -7.67
N LYS A 72 1.17 15.29 -7.29
CA LYS A 72 2.48 15.69 -7.83
C LYS A 72 3.65 15.11 -7.01
N LYS A 73 3.40 14.00 -6.32
CA LYS A 73 4.43 13.34 -5.49
C LYS A 73 4.38 11.81 -5.63
N GLY A 74 3.27 11.26 -6.14
CA GLY A 74 3.11 9.82 -6.21
C GLY A 74 3.03 9.17 -4.83
N VAL A 75 4.19 8.92 -4.22
CA VAL A 75 4.24 8.35 -2.86
C VAL A 75 5.00 9.29 -1.91
N SER A 76 4.55 9.35 -0.66
CA SER A 76 5.17 10.24 0.34
C SER A 76 5.44 9.54 1.68
N ALA A 77 4.50 8.69 2.11
CA ALA A 77 4.63 7.97 3.39
C ALA A 77 3.97 6.58 3.33
N TRP A 78 4.20 5.76 4.36
CA TRP A 78 3.60 4.42 4.45
C TRP A 78 3.59 3.87 5.88
N GLU A 79 2.51 3.17 6.24
CA GLU A 79 2.36 2.53 7.56
C GLU A 79 1.97 1.06 7.43
N GLU A 80 2.37 0.23 8.39
CA GLU A 80 2.08 -1.22 8.34
C GLU A 80 1.16 -1.65 9.49
N VAL A 81 -0.03 -2.15 9.14
CA VAL A 81 -0.99 -2.67 10.14
C VAL A 81 -1.24 -4.17 9.94
N LYS A 82 -1.90 -4.81 10.90
CA LYS A 82 -2.18 -6.25 10.81
C LYS A 82 -3.68 -6.53 10.60
N LYS A 83 -4.00 -7.74 10.14
CA LYS A 83 -5.39 -8.11 9.80
C LYS A 83 -6.38 -7.93 10.97
N ASP A 84 -5.87 -8.00 12.20
CA ASP A 84 -6.70 -7.84 13.41
C ASP A 84 -7.37 -6.45 13.47
N GLU A 85 -6.71 -5.46 12.90
CA GLU A 85 -7.16 -4.06 12.98
C GLU A 85 -8.20 -3.71 11.89
N LEU A 86 -8.58 -4.70 11.08
CA LEU A 86 -9.51 -4.47 9.97
C LEU A 86 -10.92 -5.03 10.25
N PRO A 87 -11.98 -4.30 9.83
CA PRO A 87 -13.38 -4.78 9.97
C PRO A 87 -13.72 -5.93 8.99
N ALA A 88 -14.81 -6.63 9.26
CA ALA A 88 -15.18 -7.83 8.49
C ALA A 88 -15.76 -7.50 7.10
N LYS A 89 -16.85 -6.73 7.08
CA LYS A 89 -17.60 -6.47 5.84
C LYS A 89 -16.71 -5.99 4.66
N VAL A 90 -15.65 -5.24 4.95
CA VAL A 90 -14.73 -4.78 3.90
C VAL A 90 -13.90 -5.96 3.33
N LYS A 91 -13.37 -6.80 4.21
CA LYS A 91 -12.55 -7.96 3.79
C LYS A 91 -13.44 -9.17 3.44
N GLU A 92 -14.74 -9.05 3.72
CA GLU A 92 -15.72 -10.09 3.42
C GLU A 92 -15.97 -10.20 1.90
N LYS A 93 -15.39 -9.27 1.14
CA LYS A 93 -15.44 -9.30 -0.33
C LYS A 93 -14.07 -9.63 -0.95
N LEU A 94 -12.99 -9.20 -0.30
CA LEU A 94 -11.63 -9.45 -0.79
C LEU A 94 -11.02 -10.72 -0.17
N GLY A 95 -10.58 -11.64 -1.02
CA GLY A 95 -10.03 -12.91 -0.55
C GLY A 95 -11.07 -13.83 0.05
N VAL A 96 -12.12 -14.14 -0.72
CA VAL A 96 -13.21 -14.99 -0.24
C VAL A 96 -13.19 -16.38 -0.88
N LYS A 97 -13.52 -17.38 -0.06
CA LYS A 97 -13.66 -18.77 -0.53
C LYS A 97 -14.50 -19.58 0.47
N LEU A 98 -14.29 -19.32 1.77
CA LEU A 98 -15.07 -19.96 2.82
C LEU A 98 -16.46 -19.31 2.97
N GLU A 99 -17.49 -19.97 2.47
CA GLU A 99 -18.86 -19.46 2.49
C GLU A 99 -19.35 -19.12 3.92
N HIS A 100 -18.76 -19.75 4.93
CA HIS A 100 -19.26 -19.71 6.31
C HIS A 100 -20.63 -20.41 6.38
N HIS A 101 -21.43 -20.09 7.40
CA HIS A 101 -22.77 -20.64 7.49
C HIS A 101 -23.82 -19.51 7.57
N HIS A 102 -24.91 -19.67 6.82
CA HIS A 102 -25.95 -18.63 6.75
C HIS A 102 -26.68 -18.48 8.10
N HIS A 103 -26.11 -17.68 8.99
CA HIS A 103 -26.64 -17.50 10.34
C HIS A 103 -25.98 -16.29 11.03
N HIS A 104 -26.81 -15.34 11.47
CA HIS A 104 -26.29 -14.16 12.19
C HIS A 104 -26.28 -14.40 13.71
N HIS A 105 -25.28 -13.86 14.40
CA HIS A 105 -25.19 -14.00 15.86
C HIS A 105 -26.16 -13.02 16.57
N MET A 1 -5.51 18.76 15.22
CA MET A 1 -6.09 19.04 13.88
C MET A 1 -5.03 19.63 12.93
N ASP A 2 -4.60 18.83 11.95
CA ASP A 2 -3.51 19.21 11.05
C ASP A 2 -4.02 19.89 9.77
N LEU A 3 -3.65 21.16 9.59
CA LEU A 3 -4.07 21.93 8.41
C LEU A 3 -2.97 21.94 7.33
N ASN A 4 -1.85 21.28 7.59
CA ASN A 4 -0.76 21.20 6.62
C ASN A 4 -0.79 19.88 5.83
N ARG A 5 -0.59 18.76 6.52
CA ARG A 5 -0.65 17.44 5.89
C ARG A 5 -2.06 16.84 6.05
N MET A 6 -2.96 17.25 5.15
CA MET A 6 -4.37 16.84 5.20
C MET A 6 -4.80 16.07 3.95
N GLY A 7 -5.96 15.41 4.04
CA GLY A 7 -6.56 14.75 2.89
C GLY A 7 -5.68 13.68 2.24
N LYS A 8 -5.74 13.59 0.90
CA LYS A 8 -4.99 12.59 0.12
C LYS A 8 -5.48 11.15 0.41
N ASP A 9 -4.82 10.16 -0.19
CA ASP A 9 -5.33 8.78 -0.17
C ASP A 9 -4.35 7.77 0.46
N GLU A 10 -4.79 7.10 1.51
CA GLU A 10 -4.06 5.95 2.08
C GLU A 10 -4.64 4.64 1.54
N TYR A 11 -3.85 3.90 0.76
CA TYR A 11 -4.31 2.63 0.20
C TYR A 11 -3.93 1.44 1.10
N TYR A 12 -4.94 0.70 1.54
CA TYR A 12 -4.73 -0.48 2.39
C TYR A 12 -4.43 -1.72 1.55
N VAL A 13 -3.16 -2.07 1.44
CA VAL A 13 -2.71 -3.21 0.65
C VAL A 13 -1.81 -4.14 1.46
N GLN A 14 -1.79 -5.43 1.12
CA GLN A 14 -0.93 -6.40 1.80
C GLN A 14 0.39 -6.59 1.04
N ILE A 15 1.49 -6.69 1.77
CA ILE A 15 2.81 -6.87 1.15
C ILE A 15 3.01 -8.31 0.65
N THR A 16 3.13 -8.47 -0.66
CA THR A 16 3.37 -9.78 -1.27
C THR A 16 4.83 -9.97 -1.68
N VAL A 17 5.28 -9.18 -2.66
CA VAL A 17 6.64 -9.29 -3.19
C VAL A 17 7.61 -8.30 -2.52
N ASP A 18 8.76 -8.82 -2.08
CA ASP A 18 9.81 -8.01 -1.45
C ASP A 18 11.19 -8.30 -2.07
N GLY A 19 12.24 -7.72 -1.49
CA GLY A 19 13.60 -8.03 -1.91
C GLY A 19 14.00 -7.47 -3.28
N LYS A 20 13.17 -6.63 -3.88
CA LYS A 20 13.48 -6.05 -5.19
C LYS A 20 14.64 -5.04 -5.10
N GLU A 21 15.86 -5.49 -5.37
CA GLU A 21 17.03 -4.59 -5.37
C GLU A 21 17.12 -3.79 -6.67
N VAL A 22 16.83 -2.48 -6.59
CA VAL A 22 16.98 -1.59 -7.75
C VAL A 22 18.35 -0.91 -7.76
N HIS A 23 19.41 -1.72 -7.79
CA HIS A 23 20.79 -1.22 -7.77
C HIS A 23 21.38 -1.17 -9.19
N SER A 24 20.54 -0.81 -10.15
CA SER A 24 20.87 -0.90 -11.59
C SER A 24 22.22 -0.26 -11.97
N LYS A 25 22.60 0.82 -11.29
CA LYS A 25 23.82 1.55 -11.65
C LYS A 25 24.94 1.35 -10.58
N ALA A 26 24.84 0.27 -9.81
CA ALA A 26 25.80 -0.02 -8.74
C ALA A 26 27.19 -0.42 -9.27
N ASP A 27 27.23 -0.95 -10.50
CA ASP A 27 28.48 -1.44 -11.10
C ASP A 27 29.55 -0.35 -11.24
N ASN A 28 29.14 0.92 -11.14
CA ASN A 28 30.08 2.05 -11.24
C ASN A 28 30.89 2.26 -9.95
N GLY A 29 30.55 1.52 -8.90
CA GLY A 29 31.33 1.55 -7.66
C GLY A 29 30.48 1.66 -6.39
N GLN A 30 29.44 2.48 -6.43
CA GLN A 30 28.55 2.66 -5.29
C GLN A 30 27.37 1.67 -5.33
N LYS A 31 27.37 0.73 -4.40
CA LYS A 31 26.35 -0.32 -4.36
C LYS A 31 25.15 0.09 -3.49
N TYR A 32 24.30 0.96 -4.05
CA TYR A 32 23.09 1.41 -3.36
C TYR A 32 21.96 0.37 -3.45
N LYS A 33 21.35 0.03 -2.32
CA LYS A 33 20.28 -0.97 -2.28
C LYS A 33 18.95 -0.40 -1.77
N ASP A 34 18.02 -0.15 -2.69
CA ASP A 34 16.64 0.19 -2.35
C ASP A 34 15.70 -0.97 -2.73
N TYR A 35 14.88 -1.42 -1.78
CA TYR A 35 13.94 -2.51 -2.02
C TYR A 35 12.59 -2.01 -2.55
N GLU A 36 12.25 -2.37 -3.78
CA GLU A 36 10.95 -2.02 -4.38
C GLU A 36 9.85 -2.96 -3.87
N TYR A 37 8.67 -2.39 -3.60
CA TYR A 37 7.49 -3.18 -3.24
C TYR A 37 6.36 -2.97 -4.26
N LYS A 38 6.09 -4.01 -5.05
CA LYS A 38 5.10 -3.92 -6.14
C LYS A 38 3.73 -4.44 -5.70
N LEU A 39 2.75 -3.55 -5.62
CA LEU A 39 1.39 -3.92 -5.22
C LEU A 39 0.34 -2.99 -5.83
N THR A 40 -0.94 -3.38 -5.74
CA THR A 40 -2.03 -2.65 -6.39
C THR A 40 -3.02 -2.06 -5.37
N GLY A 41 -3.18 -0.75 -5.38
CA GLY A 41 -4.14 -0.09 -4.51
C GLY A 41 -5.50 0.07 -5.19
N PHE A 42 -6.58 0.00 -4.40
CA PHE A 42 -7.94 0.10 -4.94
C PHE A 42 -8.65 1.39 -4.48
N ASP A 43 -8.80 2.34 -5.41
CA ASP A 43 -9.50 3.59 -5.14
C ASP A 43 -11.02 3.39 -5.24
N LYS A 44 -11.78 3.97 -4.31
CA LYS A 44 -13.25 3.84 -4.31
C LYS A 44 -13.67 2.35 -4.16
N ASP A 45 -12.71 1.50 -3.76
CA ASP A 45 -12.94 0.05 -3.61
C ASP A 45 -13.17 -0.64 -4.99
N GLY A 46 -13.02 0.12 -6.07
CA GLY A 46 -13.25 -0.42 -7.41
C GLY A 46 -12.14 -0.09 -8.40
N LYS A 47 -11.65 1.14 -8.37
CA LYS A 47 -10.57 1.58 -9.26
C LYS A 47 -9.23 0.94 -8.88
N GLU A 48 -8.49 0.45 -9.87
CA GLU A 48 -7.16 -0.13 -9.62
C GLU A 48 -6.05 0.89 -9.88
N LYS A 49 -5.00 0.86 -9.06
CA LYS A 49 -3.84 1.75 -9.25
C LYS A 49 -2.53 1.04 -8.88
N GLU A 50 -1.55 1.10 -9.78
CA GLU A 50 -0.22 0.53 -9.56
C GLU A 50 0.56 1.33 -8.52
N LEU A 51 0.87 0.71 -7.38
CA LEU A 51 1.68 1.36 -6.33
C LEU A 51 3.04 0.65 -6.17
N GLU A 52 4.12 1.39 -6.42
CA GLU A 52 5.47 0.88 -6.23
C GLU A 52 6.32 1.86 -5.41
N PHE A 53 6.73 1.45 -4.21
CA PHE A 53 7.56 2.28 -3.33
C PHE A 53 8.81 1.53 -2.88
N THR A 54 9.82 2.27 -2.40
CA THR A 54 11.10 1.67 -2.01
C THR A 54 11.39 1.83 -0.51
N ALA A 55 12.05 0.83 0.07
CA ALA A 55 12.47 0.87 1.48
C ALA A 55 13.93 0.40 1.63
N GLN A 56 14.55 0.70 2.77
CA GLN A 56 15.95 0.31 3.03
C GLN A 56 16.05 -1.05 3.72
N LYS A 57 14.90 -1.59 4.13
CA LYS A 57 14.85 -2.86 4.86
C LYS A 57 13.59 -3.66 4.48
N ASN A 58 13.53 -4.93 4.91
CA ASN A 58 12.32 -5.73 4.73
C ASN A 58 11.22 -5.28 5.70
N LEU A 59 9.97 -5.30 5.25
CA LEU A 59 8.85 -4.81 6.06
C LEU A 59 8.01 -5.98 6.62
N ARG A 60 7.14 -6.53 5.77
CA ARG A 60 6.22 -7.61 6.17
C ARG A 60 5.85 -8.49 4.98
N LYS A 61 5.13 -9.57 5.25
CA LYS A 61 4.53 -10.40 4.19
C LYS A 61 3.13 -10.84 4.63
N GLU A 62 2.17 -10.80 3.71
CA GLU A 62 0.75 -11.13 4.02
C GLU A 62 0.06 -10.01 4.80
N ALA A 63 0.79 -9.34 5.71
CA ALA A 63 0.24 -8.23 6.50
C ALA A 63 -0.05 -7.00 5.63
N PHE A 64 -0.96 -6.14 6.11
CA PHE A 64 -1.39 -4.97 5.33
C PHE A 64 -0.53 -3.74 5.62
N LEU A 65 -0.68 -2.73 4.77
CA LEU A 65 0.14 -1.52 4.87
C LEU A 65 -0.59 -0.32 4.25
N ARG A 66 -0.72 0.76 5.01
CA ARG A 66 -1.35 2.00 4.52
C ARG A 66 -0.37 2.81 3.69
N VAL A 67 -0.42 2.66 2.37
CA VAL A 67 0.49 3.38 1.48
C VAL A 67 -0.06 4.74 1.08
N TYR A 68 0.71 5.77 1.41
CA TYR A 68 0.33 7.15 1.13
C TYR A 68 0.58 7.51 -0.34
N HIS A 69 -0.49 7.62 -1.11
CA HIS A 69 -0.40 7.90 -2.55
C HIS A 69 -0.25 9.40 -2.82
N SER A 70 0.90 9.79 -3.36
CA SER A 70 1.13 11.17 -3.80
C SER A 70 0.25 11.49 -5.03
N ASP A 71 0.26 12.75 -5.45
CA ASP A 71 -0.58 13.18 -6.59
C ASP A 71 -0.40 12.27 -7.82
N LYS A 72 0.84 11.89 -8.11
CA LYS A 72 1.12 10.98 -9.24
C LYS A 72 1.61 9.60 -8.76
N LYS A 73 2.84 9.55 -8.25
CA LYS A 73 3.50 8.29 -7.90
C LYS A 73 4.60 8.50 -6.84
N GLY A 74 5.59 7.59 -6.79
CA GLY A 74 6.72 7.73 -5.88
C GLY A 74 6.41 7.34 -4.42
N VAL A 75 5.30 7.85 -3.89
CA VAL A 75 4.86 7.57 -2.51
C VAL A 75 5.76 8.28 -1.46
N SER A 76 5.15 9.23 -0.74
CA SER A 76 5.90 10.02 0.25
C SER A 76 5.97 9.33 1.63
N ALA A 77 4.97 8.52 1.96
CA ALA A 77 4.92 7.87 3.28
C ALA A 77 4.16 6.53 3.25
N TRP A 78 4.29 5.75 4.32
CA TRP A 78 3.62 4.45 4.44
C TRP A 78 3.57 3.97 5.90
N GLU A 79 2.44 3.36 6.29
CA GLU A 79 2.25 2.85 7.66
C GLU A 79 1.88 1.37 7.66
N GLU A 80 2.35 0.61 8.64
CA GLU A 80 2.12 -0.84 8.69
C GLU A 80 0.95 -1.20 9.63
N VAL A 81 0.03 -2.04 9.13
CA VAL A 81 -1.19 -2.43 9.89
C VAL A 81 -1.62 -3.87 9.58
N LYS A 82 -1.93 -4.65 10.62
CA LYS A 82 -2.46 -6.01 10.43
C LYS A 82 -4.00 -5.99 10.41
N LYS A 83 -4.62 -7.03 9.84
CA LYS A 83 -6.08 -7.11 9.80
C LYS A 83 -6.67 -7.18 11.22
N ASP A 84 -5.83 -7.52 12.19
CA ASP A 84 -6.19 -7.51 13.61
C ASP A 84 -6.40 -6.06 14.11
N GLU A 85 -5.55 -5.15 13.62
CA GLU A 85 -5.59 -3.74 14.01
C GLU A 85 -6.73 -3.00 13.29
N LEU A 86 -7.00 -3.40 12.06
CA LEU A 86 -8.05 -2.78 11.24
C LEU A 86 -9.45 -3.12 11.76
N PRO A 87 -10.43 -2.20 11.59
CA PRO A 87 -11.82 -2.42 12.04
C PRO A 87 -12.53 -3.53 11.25
N ALA A 88 -13.44 -4.25 11.92
CA ALA A 88 -14.19 -5.34 11.29
C ALA A 88 -14.91 -4.88 10.02
N LYS A 89 -15.27 -3.59 9.96
CA LYS A 89 -15.92 -3.00 8.79
C LYS A 89 -15.16 -3.32 7.48
N VAL A 90 -13.83 -3.30 7.56
CA VAL A 90 -12.99 -3.55 6.38
C VAL A 90 -13.07 -5.02 5.92
N LYS A 91 -12.78 -5.94 6.83
CA LYS A 91 -12.82 -7.38 6.50
C LYS A 91 -14.26 -7.87 6.32
N GLU A 92 -15.23 -7.06 6.74
CA GLU A 92 -16.65 -7.37 6.50
C GLU A 92 -16.98 -7.25 5.00
N LYS A 93 -16.09 -6.61 4.25
CA LYS A 93 -16.18 -6.56 2.79
C LYS A 93 -15.23 -7.59 2.15
N LEU A 94 -13.95 -7.52 2.55
CA LEU A 94 -12.92 -8.45 2.03
C LEU A 94 -12.57 -9.55 3.06
N GLY A 95 -13.13 -10.74 2.87
CA GLY A 95 -12.73 -11.89 3.68
C GLY A 95 -13.62 -12.14 4.90
N VAL A 96 -14.94 -12.24 4.68
CA VAL A 96 -15.87 -12.60 5.76
C VAL A 96 -15.75 -14.09 6.14
N LYS A 97 -15.32 -14.37 7.37
CA LYS A 97 -15.12 -15.75 7.83
C LYS A 97 -16.15 -16.15 8.89
N LEU A 98 -16.24 -17.45 9.17
CA LEU A 98 -17.15 -18.00 10.19
C LEU A 98 -16.68 -17.68 11.63
N GLU A 99 -15.96 -16.58 11.80
CA GLU A 99 -15.32 -16.24 13.08
C GLU A 99 -16.27 -15.56 14.08
N HIS A 100 -17.55 -15.44 13.72
CA HIS A 100 -18.54 -14.83 14.61
C HIS A 100 -18.81 -15.74 15.83
N HIS A 101 -18.35 -15.31 17.01
CA HIS A 101 -18.43 -16.14 18.21
C HIS A 101 -19.43 -15.58 19.24
N HIS A 102 -19.94 -16.46 20.12
CA HIS A 102 -20.93 -16.07 21.14
C HIS A 102 -20.73 -16.86 22.44
N HIS A 103 -21.12 -16.26 23.57
CA HIS A 103 -21.06 -16.92 24.88
C HIS A 103 -22.44 -16.91 25.56
N HIS A 104 -22.83 -18.03 26.20
CA HIS A 104 -24.10 -18.09 26.95
C HIS A 104 -25.31 -17.95 26.01
N HIS A 105 -26.54 -18.05 26.51
CA HIS A 105 -27.72 -17.82 25.66
C HIS A 105 -27.94 -16.31 25.42
N MET A 1 0.52 26.51 9.38
CA MET A 1 -0.93 26.25 9.12
C MET A 1 -1.14 25.65 7.72
N ASP A 2 -1.26 24.32 7.64
CA ASP A 2 -1.44 23.64 6.35
C ASP A 2 -2.67 22.70 6.36
N LEU A 3 -3.86 23.29 6.22
CA LEU A 3 -5.10 22.52 6.14
C LEU A 3 -5.77 22.68 4.75
N ASN A 4 -5.65 23.88 4.19
CA ASN A 4 -6.35 24.23 2.94
C ASN A 4 -5.65 23.64 1.68
N ARG A 5 -4.70 22.73 1.90
CA ARG A 5 -4.04 22.02 0.78
C ARG A 5 -4.18 20.49 0.91
N MET A 6 -5.04 20.05 1.82
CA MET A 6 -5.28 18.61 2.01
C MET A 6 -6.12 18.01 0.88
N GLY A 7 -6.09 16.69 0.75
CA GLY A 7 -6.82 16.01 -0.32
C GLY A 7 -6.02 14.90 -0.98
N LYS A 8 -4.89 14.53 -0.38
CA LYS A 8 -4.07 13.42 -0.88
C LYS A 8 -4.57 12.10 -0.28
N ASP A 9 -5.17 11.25 -1.11
CA ASP A 9 -5.83 10.03 -0.62
C ASP A 9 -4.85 8.88 -0.31
N GLU A 10 -5.40 7.81 0.25
CA GLU A 10 -4.62 6.63 0.66
C GLU A 10 -5.10 5.37 -0.05
N TYR A 11 -4.27 4.34 -0.07
CA TYR A 11 -4.64 3.03 -0.61
C TYR A 11 -4.07 1.89 0.25
N TYR A 12 -4.94 1.05 0.79
CA TYR A 12 -4.49 -0.12 1.54
C TYR A 12 -3.99 -1.22 0.60
N VAL A 13 -2.66 -1.30 0.47
CA VAL A 13 -2.03 -2.32 -0.35
C VAL A 13 -1.71 -3.56 0.47
N GLN A 14 -1.27 -4.60 -0.21
CA GLN A 14 -0.86 -5.83 0.46
C GLN A 14 0.53 -6.26 -0.04
N ILE A 15 1.46 -6.48 0.88
CA ILE A 15 2.84 -6.80 0.52
C ILE A 15 2.94 -8.13 -0.24
N THR A 16 2.83 -8.05 -1.57
CA THR A 16 2.97 -9.20 -2.44
C THR A 16 4.44 -9.55 -2.68
N VAL A 17 5.17 -8.64 -3.33
CA VAL A 17 6.60 -8.84 -3.60
C VAL A 17 7.49 -8.28 -2.47
N ASP A 18 8.32 -9.14 -1.90
CA ASP A 18 9.23 -8.75 -0.82
C ASP A 18 10.66 -9.22 -1.10
N GLY A 19 11.64 -8.65 -0.40
CA GLY A 19 13.04 -9.04 -0.59
C GLY A 19 13.61 -8.67 -1.96
N LYS A 20 12.87 -7.90 -2.74
CA LYS A 20 13.28 -7.50 -4.08
C LYS A 20 14.32 -6.37 -4.01
N GLU A 21 15.57 -6.67 -4.37
CA GLU A 21 16.65 -5.67 -4.35
C GLU A 21 16.77 -4.92 -5.68
N VAL A 22 17.15 -3.65 -5.61
CA VAL A 22 17.33 -2.81 -6.79
C VAL A 22 18.73 -2.17 -6.82
N HIS A 23 19.56 -2.68 -7.71
CA HIS A 23 20.90 -2.12 -7.98
C HIS A 23 20.78 -0.76 -8.73
N SER A 24 19.86 0.10 -8.28
CA SER A 24 19.56 1.36 -8.98
C SER A 24 20.50 2.50 -8.55
N LYS A 25 21.36 2.25 -7.58
CA LYS A 25 22.31 3.25 -7.10
C LYS A 25 23.72 2.66 -6.95
N ALA A 26 24.40 2.58 -8.08
CA ALA A 26 25.84 2.28 -8.10
C ALA A 26 26.58 3.29 -8.97
N ASP A 27 26.76 4.49 -8.44
CA ASP A 27 27.36 5.61 -9.20
C ASP A 27 28.79 5.29 -9.64
N ASN A 28 29.68 5.08 -8.68
CA ASN A 28 31.06 4.67 -8.98
C ASN A 28 31.65 3.91 -7.78
N GLY A 29 31.28 2.63 -7.68
CA GLY A 29 31.70 1.81 -6.56
C GLY A 29 30.56 1.01 -5.97
N GLN A 30 29.94 0.15 -6.79
CA GLN A 30 28.83 -0.71 -6.36
C GLN A 30 29.08 -1.34 -4.97
N LYS A 31 28.45 -0.75 -3.95
CA LYS A 31 28.67 -1.14 -2.55
C LYS A 31 27.36 -1.09 -1.74
N TYR A 32 26.25 -0.76 -2.40
CA TYR A 32 24.97 -0.53 -1.71
C TYR A 32 23.76 -0.85 -2.62
N LYS A 33 22.72 -1.42 -2.03
CA LYS A 33 21.48 -1.78 -2.75
C LYS A 33 20.24 -1.45 -1.91
N ASP A 34 19.14 -1.08 -2.57
CA ASP A 34 17.87 -0.81 -1.88
C ASP A 34 16.89 -1.99 -2.07
N TYR A 35 15.77 -1.93 -1.34
CA TYR A 35 14.67 -2.88 -1.54
C TYR A 35 13.46 -2.17 -2.17
N GLU A 36 12.68 -2.90 -2.96
CA GLU A 36 11.59 -2.27 -3.74
C GLU A 36 10.25 -3.00 -3.57
N TYR A 37 9.16 -2.24 -3.60
CA TYR A 37 7.81 -2.79 -3.46
C TYR A 37 6.87 -2.31 -4.58
N LYS A 38 6.50 -3.22 -5.47
CA LYS A 38 5.47 -2.97 -6.49
C LYS A 38 4.17 -3.66 -6.08
N LEU A 39 3.18 -2.87 -5.66
CA LEU A 39 1.97 -3.45 -5.05
C LEU A 39 0.69 -2.68 -5.42
N THR A 40 -0.44 -3.40 -5.41
CA THR A 40 -1.75 -2.81 -5.72
C THR A 40 -2.55 -2.54 -4.44
N GLY A 41 -3.14 -1.34 -4.34
CA GLY A 41 -3.95 -0.98 -3.18
C GLY A 41 -5.42 -0.79 -3.53
N PHE A 42 -6.30 -1.17 -2.60
CA PHE A 42 -7.75 -1.02 -2.80
C PHE A 42 -8.36 -0.10 -1.73
N ASP A 43 -9.06 0.94 -2.18
CA ASP A 43 -9.70 1.89 -1.26
C ASP A 43 -10.89 2.60 -1.94
N LYS A 44 -11.53 3.51 -1.21
CA LYS A 44 -12.65 4.31 -1.71
C LYS A 44 -13.92 3.45 -1.88
N ASP A 45 -13.98 2.70 -2.98
CA ASP A 45 -15.12 1.81 -3.25
C ASP A 45 -14.73 0.72 -4.25
N GLY A 46 -13.87 -0.20 -3.79
CA GLY A 46 -13.40 -1.27 -4.65
C GLY A 46 -12.57 -0.77 -5.83
N LYS A 47 -11.75 0.25 -5.56
CA LYS A 47 -10.91 0.87 -6.60
C LYS A 47 -9.43 0.57 -6.35
N GLU A 48 -8.73 0.10 -7.39
CA GLU A 48 -7.34 -0.32 -7.26
C GLU A 48 -6.36 0.72 -7.83
N LYS A 49 -5.13 0.66 -7.35
CA LYS A 49 -4.03 1.47 -7.90
C LYS A 49 -2.68 0.82 -7.57
N GLU A 50 -1.82 0.68 -8.57
CA GLU A 50 -0.49 0.08 -8.36
C GLU A 50 0.56 1.16 -8.02
N LEU A 51 1.08 1.10 -6.80
CA LEU A 51 2.09 2.06 -6.33
C LEU A 51 3.50 1.44 -6.36
N GLU A 52 4.51 2.30 -6.50
CA GLU A 52 5.91 1.87 -6.50
C GLU A 52 6.74 2.71 -5.51
N PHE A 53 7.41 2.03 -4.57
CA PHE A 53 8.30 2.72 -3.62
C PHE A 53 9.44 1.80 -3.16
N THR A 54 10.51 2.40 -2.65
CA THR A 54 11.67 1.64 -2.16
C THR A 54 11.85 1.81 -0.64
N ALA A 55 12.41 0.81 0.00
CA ALA A 55 12.61 0.82 1.46
C ALA A 55 14.04 0.39 1.83
N GLN A 56 14.48 0.82 3.02
CA GLN A 56 15.81 0.49 3.53
C GLN A 56 15.95 -1.02 3.81
N LYS A 57 14.86 -1.63 4.24
CA LYS A 57 14.85 -3.05 4.63
C LYS A 57 13.58 -3.74 4.12
N ASN A 58 13.53 -5.07 4.29
CA ASN A 58 12.33 -5.85 3.96
C ASN A 58 11.30 -5.71 5.08
N LEU A 59 10.24 -4.95 4.82
CA LEU A 59 9.24 -4.60 5.84
C LEU A 59 8.59 -5.84 6.49
N ARG A 60 7.61 -6.43 5.80
CA ARG A 60 6.92 -7.63 6.30
C ARG A 60 5.88 -8.13 5.27
N LYS A 61 6.10 -9.33 4.74
CA LYS A 61 5.30 -9.85 3.62
C LYS A 61 3.90 -10.32 4.06
N GLU A 62 2.99 -10.38 3.09
CA GLU A 62 1.63 -10.94 3.27
C GLU A 62 0.71 -10.08 4.15
N ALA A 63 1.20 -8.94 4.63
CA ALA A 63 0.39 -8.03 5.44
C ALA A 63 -0.15 -6.86 4.63
N PHE A 64 -1.02 -6.06 5.24
CA PHE A 64 -1.59 -4.87 4.60
C PHE A 64 -0.76 -3.63 4.91
N LEU A 65 -0.90 -2.59 4.09
CA LEU A 65 -0.07 -1.39 4.24
C LEU A 65 -0.76 -0.17 3.60
N ARG A 66 -0.93 0.90 4.38
CA ARG A 66 -1.52 2.14 3.87
C ARG A 66 -0.49 2.98 3.12
N VAL A 67 -0.60 3.01 1.79
CA VAL A 67 0.28 3.85 0.97
C VAL A 67 -0.37 5.21 0.71
N TYR A 68 0.38 6.27 0.98
CA TYR A 68 -0.12 7.64 0.87
C TYR A 68 0.08 8.20 -0.55
N HIS A 69 -1.02 8.40 -1.28
CA HIS A 69 -0.96 8.79 -2.68
C HIS A 69 -1.16 10.30 -2.89
N SER A 70 -0.16 10.94 -3.51
CA SER A 70 -0.24 12.37 -3.86
C SER A 70 -0.34 12.57 -5.38
N ASP A 71 -0.70 13.79 -5.80
CA ASP A 71 -0.93 14.09 -7.23
C ASP A 71 0.28 13.75 -8.12
N LYS A 72 1.35 14.55 -8.03
CA LYS A 72 2.52 14.37 -8.89
C LYS A 72 3.62 13.54 -8.21
N LYS A 73 3.68 13.59 -6.88
CA LYS A 73 4.69 12.83 -6.13
C LYS A 73 4.41 11.30 -6.17
N GLY A 74 3.15 10.94 -6.39
CA GLY A 74 2.76 9.55 -6.34
C GLY A 74 2.61 9.03 -4.92
N VAL A 75 3.74 8.87 -4.22
CA VAL A 75 3.73 8.37 -2.83
C VAL A 75 4.55 9.26 -1.89
N SER A 76 3.88 9.84 -0.90
CA SER A 76 4.54 10.71 0.09
C SER A 76 5.08 9.90 1.28
N ALA A 77 4.31 8.92 1.72
CA ALA A 77 4.67 8.10 2.88
C ALA A 77 3.87 6.78 2.89
N TRP A 78 4.12 5.94 3.89
CA TRP A 78 3.42 4.65 4.01
C TRP A 78 3.38 4.15 5.47
N GLU A 79 2.28 3.48 5.82
CA GLU A 79 2.10 2.90 7.17
C GLU A 79 1.78 1.40 7.07
N GLU A 80 2.36 0.60 7.95
CA GLU A 80 2.18 -0.86 7.92
C GLU A 80 1.12 -1.30 8.94
N VAL A 81 0.14 -2.09 8.49
CA VAL A 81 -1.01 -2.46 9.33
C VAL A 81 -1.37 -3.95 9.21
N LYS A 82 -1.75 -4.55 10.34
CA LYS A 82 -2.19 -5.96 10.36
C LYS A 82 -3.62 -6.11 9.83
N LYS A 83 -3.97 -7.33 9.43
CA LYS A 83 -5.32 -7.65 8.97
C LYS A 83 -6.36 -7.33 10.06
N ASP A 84 -6.03 -7.68 11.31
CA ASP A 84 -6.93 -7.46 12.44
C ASP A 84 -7.15 -5.96 12.74
N GLU A 85 -6.25 -5.11 12.22
CA GLU A 85 -6.37 -3.65 12.41
C GLU A 85 -7.34 -3.03 11.39
N LEU A 86 -7.79 -3.82 10.42
CA LEU A 86 -8.74 -3.35 9.41
C LEU A 86 -10.17 -3.84 9.72
N PRO A 87 -11.19 -2.97 9.51
CA PRO A 87 -12.60 -3.34 9.75
C PRO A 87 -13.10 -4.41 8.75
N ALA A 88 -13.96 -5.31 9.21
CA ALA A 88 -14.46 -6.44 8.40
C ALA A 88 -15.00 -6.01 7.03
N LYS A 89 -15.43 -4.75 6.92
CA LYS A 89 -15.98 -4.21 5.67
C LYS A 89 -15.00 -4.32 4.48
N VAL A 90 -13.69 -4.35 4.78
CA VAL A 90 -12.68 -4.53 3.73
C VAL A 90 -12.73 -5.95 3.15
N LYS A 91 -13.19 -6.91 3.97
CA LYS A 91 -13.32 -8.31 3.56
C LYS A 91 -14.72 -8.63 3.04
N GLU A 92 -15.74 -8.03 3.66
CA GLU A 92 -17.14 -8.24 3.26
C GLU A 92 -17.41 -7.74 1.84
N LYS A 93 -16.56 -6.84 1.33
CA LYS A 93 -16.68 -6.34 -0.05
C LYS A 93 -15.61 -6.93 -0.98
N LEU A 94 -14.60 -7.60 -0.41
CA LEU A 94 -13.48 -8.15 -1.19
C LEU A 94 -13.19 -9.62 -0.84
N GLY A 95 -13.31 -10.51 -1.83
CA GLY A 95 -13.01 -11.93 -1.61
C GLY A 95 -14.26 -12.80 -1.58
N VAL A 96 -15.41 -12.22 -1.93
CA VAL A 96 -16.67 -12.98 -2.00
C VAL A 96 -17.11 -13.15 -3.46
N LYS A 97 -17.37 -14.39 -3.86
CA LYS A 97 -17.74 -14.70 -5.26
C LYS A 97 -19.20 -15.17 -5.35
N LEU A 98 -20.00 -14.47 -6.17
CA LEU A 98 -21.43 -14.79 -6.35
C LEU A 98 -22.17 -14.83 -5.00
N GLU A 99 -23.46 -15.13 -5.02
CA GLU A 99 -24.23 -15.38 -3.78
C GLU A 99 -24.13 -14.23 -2.77
N HIS A 100 -24.88 -13.16 -3.02
CA HIS A 100 -24.93 -12.03 -2.09
C HIS A 100 -25.97 -12.31 -0.99
N HIS A 101 -25.48 -12.65 0.20
CA HIS A 101 -26.34 -13.13 1.30
C HIS A 101 -27.45 -12.13 1.68
N HIS A 102 -28.70 -12.51 1.44
CA HIS A 102 -29.85 -11.69 1.81
C HIS A 102 -30.16 -11.79 3.32
N HIS A 103 -29.54 -10.92 4.12
CA HIS A 103 -29.89 -10.83 5.53
C HIS A 103 -31.18 -9.98 5.68
N HIS A 104 -32.30 -10.67 5.86
CA HIS A 104 -33.61 -10.00 5.89
C HIS A 104 -34.00 -9.53 7.30
N HIS A 105 -35.13 -8.84 7.38
CA HIS A 105 -35.70 -8.43 8.68
C HIS A 105 -36.88 -9.35 9.05
N MET A 1 -2.86 24.80 9.88
CA MET A 1 -3.21 24.60 8.44
C MET A 1 -2.41 23.44 7.82
N ASP A 2 -3.01 22.75 6.86
CA ASP A 2 -2.31 21.68 6.12
C ASP A 2 -2.61 21.74 4.62
N LEU A 3 -1.57 21.67 3.81
CA LEU A 3 -1.72 21.62 2.35
C LEU A 3 -1.24 20.28 1.78
N ASN A 4 -0.54 19.49 2.60
CA ASN A 4 0.11 18.27 2.13
C ASN A 4 -0.84 17.06 2.09
N ARG A 5 -1.63 16.83 3.16
CA ARG A 5 -2.51 15.65 3.22
C ARG A 5 -3.92 15.98 2.69
N MET A 6 -4.71 16.65 3.52
CA MET A 6 -6.11 17.02 3.22
C MET A 6 -6.91 15.95 2.44
N GLY A 7 -6.83 15.98 1.10
CA GLY A 7 -7.71 15.18 0.27
C GLY A 7 -7.11 13.88 -0.26
N LYS A 8 -5.84 13.62 0.02
CA LYS A 8 -5.18 12.39 -0.45
C LYS A 8 -5.43 11.22 0.51
N ASP A 9 -5.91 10.11 -0.04
CA ASP A 9 -6.33 8.94 0.75
C ASP A 9 -5.17 7.97 1.00
N GLU A 10 -5.36 7.04 1.95
CA GLU A 10 -4.41 5.96 2.18
C GLU A 10 -4.91 4.65 1.54
N TYR A 11 -4.07 4.04 0.72
CA TYR A 11 -4.44 2.80 0.01
C TYR A 11 -4.01 1.55 0.80
N TYR A 12 -4.91 0.56 0.87
CA TYR A 12 -4.60 -0.71 1.55
C TYR A 12 -3.87 -1.67 0.59
N VAL A 13 -2.59 -1.90 0.85
CA VAL A 13 -1.79 -2.83 0.04
C VAL A 13 -1.31 -4.03 0.86
N GLN A 14 -1.31 -5.19 0.23
CA GLN A 14 -0.82 -6.41 0.87
C GLN A 14 0.55 -6.81 0.28
N ILE A 15 1.53 -7.03 1.15
CA ILE A 15 2.89 -7.36 0.72
C ILE A 15 2.98 -8.74 0.04
N THR A 16 3.20 -8.73 -1.28
CA THR A 16 3.35 -9.96 -2.06
C THR A 16 4.79 -10.14 -2.56
N VAL A 17 5.22 -9.26 -3.46
CA VAL A 17 6.58 -9.32 -4.02
C VAL A 17 7.59 -8.50 -3.20
N ASP A 18 8.67 -9.14 -2.76
CA ASP A 18 9.70 -8.48 -1.95
C ASP A 18 11.12 -8.77 -2.48
N GLY A 19 12.13 -8.19 -1.82
CA GLY A 19 13.53 -8.55 -2.09
C GLY A 19 14.07 -8.05 -3.43
N LYS A 20 13.31 -7.23 -4.15
CA LYS A 20 13.74 -6.73 -5.45
C LYS A 20 14.67 -5.51 -5.31
N GLU A 21 15.98 -5.75 -5.30
CA GLU A 21 16.95 -4.65 -5.12
C GLU A 21 17.11 -3.80 -6.38
N VAL A 22 17.06 -2.49 -6.22
CA VAL A 22 17.30 -1.56 -7.33
C VAL A 22 18.81 -1.26 -7.47
N HIS A 23 19.52 -2.18 -8.11
CA HIS A 23 20.97 -2.05 -8.31
C HIS A 23 21.29 -1.84 -9.81
N SER A 24 20.33 -1.28 -10.55
CA SER A 24 20.42 -1.20 -12.02
C SER A 24 21.77 -0.65 -12.51
N LYS A 25 22.13 0.56 -12.09
CA LYS A 25 23.38 1.20 -12.54
C LYS A 25 23.63 2.56 -11.86
N ALA A 26 24.08 2.53 -10.60
CA ALA A 26 24.45 3.76 -9.85
C ALA A 26 23.48 4.91 -10.12
N ASP A 27 22.18 4.63 -9.98
CA ASP A 27 21.11 5.54 -10.42
C ASP A 27 21.10 6.92 -9.74
N ASN A 28 22.01 7.16 -8.78
CA ASN A 28 22.10 8.49 -8.15
C ASN A 28 23.57 8.87 -7.86
N GLY A 29 24.51 8.10 -8.41
CA GLY A 29 25.93 8.38 -8.22
C GLY A 29 26.69 7.25 -7.54
N GLN A 30 26.09 6.66 -6.50
CA GLN A 30 26.73 5.56 -5.77
C GLN A 30 25.96 4.24 -5.99
N LYS A 31 26.64 3.12 -5.77
CA LYS A 31 26.01 1.80 -5.96
C LYS A 31 25.16 1.36 -4.75
N TYR A 32 24.13 2.14 -4.45
CA TYR A 32 23.20 1.82 -3.36
C TYR A 32 22.10 0.86 -3.84
N LYS A 33 21.40 0.23 -2.90
CA LYS A 33 20.33 -0.72 -3.26
C LYS A 33 19.14 -0.65 -2.28
N ASP A 34 17.99 -0.19 -2.76
CA ASP A 34 16.74 -0.28 -1.99
C ASP A 34 15.88 -1.44 -2.52
N TYR A 35 15.24 -2.18 -1.61
CA TYR A 35 14.34 -3.27 -1.99
C TYR A 35 12.95 -2.73 -2.35
N GLU A 36 12.61 -2.78 -3.63
CA GLU A 36 11.35 -2.23 -4.14
C GLU A 36 10.17 -3.19 -3.98
N TYR A 37 9.06 -2.69 -3.46
CA TYR A 37 7.79 -3.42 -3.43
C TYR A 37 6.80 -2.81 -4.43
N LYS A 38 6.68 -3.43 -5.62
CA LYS A 38 5.74 -2.96 -6.65
C LYS A 38 4.45 -3.80 -6.64
N LEU A 39 3.38 -3.21 -6.12
CA LEU A 39 2.10 -3.93 -5.96
C LEU A 39 0.90 -3.02 -6.27
N THR A 40 -0.30 -3.62 -6.32
CA THR A 40 -1.54 -2.88 -6.62
C THR A 40 -2.28 -2.47 -5.34
N GLY A 41 -2.56 -1.18 -5.22
CA GLY A 41 -3.32 -0.69 -4.07
C GLY A 41 -4.78 -0.42 -4.41
N PHE A 42 -5.68 -0.86 -3.55
CA PHE A 42 -7.13 -0.70 -3.77
C PHE A 42 -7.63 0.63 -3.16
N ASP A 43 -8.56 1.26 -3.87
CA ASP A 43 -8.93 2.66 -3.59
C ASP A 43 -10.46 2.83 -3.41
N LYS A 44 -10.83 3.54 -2.33
CA LYS A 44 -12.22 3.91 -2.03
C LYS A 44 -13.22 2.73 -2.14
N ASP A 45 -13.86 2.60 -3.31
CA ASP A 45 -14.94 1.62 -3.50
C ASP A 45 -14.51 0.46 -4.40
N GLY A 46 -13.21 0.23 -4.53
CA GLY A 46 -12.71 -0.89 -5.33
C GLY A 46 -11.85 -0.47 -6.51
N LYS A 47 -11.46 0.80 -6.55
CA LYS A 47 -10.57 1.31 -7.62
C LYS A 47 -9.17 0.73 -7.44
N GLU A 48 -8.35 0.76 -8.49
CA GLU A 48 -7.00 0.17 -8.43
C GLU A 48 -5.93 1.11 -8.99
N LYS A 49 -4.93 1.42 -8.16
CA LYS A 49 -3.74 2.17 -8.59
C LYS A 49 -2.46 1.37 -8.28
N GLU A 50 -1.44 1.49 -9.13
CA GLU A 50 -0.17 0.80 -8.90
C GLU A 50 0.73 1.60 -7.94
N LEU A 51 1.09 0.99 -6.82
CA LEU A 51 2.00 1.61 -5.84
C LEU A 51 3.33 0.85 -5.78
N GLU A 52 4.43 1.56 -6.06
CA GLU A 52 5.78 0.98 -5.97
C GLU A 52 6.69 1.84 -5.08
N PHE A 53 7.17 1.26 -3.99
CA PHE A 53 8.06 1.99 -3.06
C PHE A 53 9.34 1.21 -2.79
N THR A 54 10.48 1.92 -2.81
CA THR A 54 11.78 1.30 -2.56
C THR A 54 12.19 1.45 -1.08
N ALA A 55 12.18 0.33 -0.35
CA ALA A 55 12.54 0.32 1.07
C ALA A 55 14.00 -0.12 1.27
N GLN A 56 14.69 0.50 2.22
CA GLN A 56 16.11 0.22 2.48
C GLN A 56 16.31 -1.18 3.10
N LYS A 57 15.22 -1.88 3.40
CA LYS A 57 15.27 -3.20 4.02
C LYS A 57 13.96 -3.97 3.80
N ASN A 58 13.93 -5.23 4.25
CA ASN A 58 12.73 -6.07 4.12
C ASN A 58 11.76 -5.82 5.30
N LEU A 59 10.48 -5.61 4.99
CA LEU A 59 9.46 -5.36 6.03
C LEU A 59 8.54 -6.58 6.25
N ARG A 60 7.54 -6.42 7.11
CA ARG A 60 6.63 -7.53 7.44
C ARG A 60 5.80 -7.98 6.23
N LYS A 61 6.06 -9.20 5.76
CA LYS A 61 5.37 -9.76 4.61
C LYS A 61 4.05 -10.43 5.01
N GLU A 62 3.10 -10.52 4.06
CA GLU A 62 1.73 -10.97 4.33
C GLU A 62 0.96 -9.97 5.22
N ALA A 63 1.54 -8.78 5.41
CA ALA A 63 0.92 -7.73 6.21
C ALA A 63 0.30 -6.64 5.31
N PHE A 64 -0.33 -5.64 5.93
CA PHE A 64 -0.99 -4.57 5.19
C PHE A 64 -0.34 -3.20 5.45
N LEU A 65 -0.27 -2.38 4.42
CA LEU A 65 0.31 -1.04 4.52
C LEU A 65 -0.68 0.04 4.03
N ARG A 66 -0.87 1.08 4.84
CA ARG A 66 -1.60 2.28 4.37
C ARG A 66 -0.64 3.19 3.61
N VAL A 67 -0.60 3.05 2.29
CA VAL A 67 0.31 3.82 1.45
C VAL A 67 -0.34 5.11 0.95
N TYR A 68 0.35 6.22 1.21
CA TYR A 68 -0.10 7.53 0.78
C TYR A 68 0.00 7.70 -0.74
N HIS A 69 -1.12 7.94 -1.41
CA HIS A 69 -1.13 8.07 -2.87
C HIS A 69 -1.47 9.51 -3.32
N SER A 70 -0.52 10.12 -4.02
CA SER A 70 -0.72 11.47 -4.58
C SER A 70 -1.13 11.41 -6.06
N ASP A 71 -1.08 12.55 -6.74
CA ASP A 71 -1.43 12.64 -8.17
C ASP A 71 -0.73 11.56 -9.02
N LYS A 72 0.60 11.53 -9.01
CA LYS A 72 1.36 10.48 -9.72
C LYS A 72 1.47 9.20 -8.87
N LYS A 73 2.11 9.31 -7.70
CA LYS A 73 2.22 8.22 -6.74
C LYS A 73 2.42 8.77 -5.32
N GLY A 74 3.39 9.67 -5.17
CA GLY A 74 3.65 10.31 -3.89
C GLY A 74 4.38 9.41 -2.90
N VAL A 75 3.65 8.48 -2.28
CA VAL A 75 4.23 7.55 -1.30
C VAL A 75 5.00 8.31 -0.19
N SER A 76 4.48 9.47 0.18
CA SER A 76 5.09 10.31 1.23
C SER A 76 5.18 9.57 2.57
N ALA A 77 4.32 8.57 2.76
CA ALA A 77 4.32 7.78 4.00
C ALA A 77 3.53 6.46 3.83
N TRP A 78 4.14 5.35 4.23
CA TRP A 78 3.44 4.07 4.33
C TRP A 78 3.50 3.55 5.77
N GLU A 79 2.33 3.19 6.33
CA GLU A 79 2.27 2.73 7.72
C GLU A 79 1.77 1.29 7.83
N GLU A 80 2.38 0.54 8.75
CA GLU A 80 2.14 -0.90 8.90
C GLU A 80 0.84 -1.19 9.69
N VAL A 81 -0.25 -1.45 8.97
CA VAL A 81 -1.53 -1.75 9.60
C VAL A 81 -1.86 -3.25 9.49
N LYS A 82 -2.47 -3.79 10.54
CA LYS A 82 -2.85 -5.21 10.56
C LYS A 82 -4.38 -5.38 10.60
N LYS A 83 -4.83 -6.63 10.47
CA LYS A 83 -6.26 -6.97 10.41
C LYS A 83 -7.08 -6.44 11.62
N ASP A 84 -6.40 -5.94 12.65
CA ASP A 84 -7.08 -5.42 13.85
C ASP A 84 -8.10 -4.31 13.52
N GLU A 85 -7.74 -3.42 12.61
CA GLU A 85 -8.58 -2.26 12.26
C GLU A 85 -9.44 -2.48 11.01
N LEU A 86 -9.31 -3.65 10.38
CA LEU A 86 -10.02 -3.94 9.13
C LEU A 86 -11.44 -4.47 9.39
N PRO A 87 -12.47 -3.82 8.82
CA PRO A 87 -13.87 -4.29 8.95
C PRO A 87 -14.10 -5.65 8.26
N ALA A 88 -14.65 -6.61 9.00
CA ALA A 88 -14.85 -7.98 8.50
C ALA A 88 -15.40 -8.04 7.06
N LYS A 89 -16.36 -7.16 6.75
CA LYS A 89 -16.99 -7.15 5.43
C LYS A 89 -15.99 -6.85 4.29
N VAL A 90 -14.99 -6.00 4.54
CA VAL A 90 -14.01 -5.64 3.50
C VAL A 90 -13.17 -6.86 3.09
N LYS A 91 -13.11 -7.86 3.98
CA LYS A 91 -12.36 -9.09 3.73
C LYS A 91 -13.29 -10.23 3.25
N GLU A 92 -14.29 -10.55 4.07
CA GLU A 92 -15.23 -11.65 3.77
C GLU A 92 -16.07 -11.37 2.50
N LYS A 93 -16.47 -10.11 2.31
CA LYS A 93 -17.23 -9.70 1.13
C LYS A 93 -16.28 -9.18 0.03
N LEU A 94 -15.27 -8.41 0.45
CA LEU A 94 -14.22 -7.90 -0.46
C LEU A 94 -14.76 -6.79 -1.39
N GLY A 95 -14.03 -5.68 -1.47
CA GLY A 95 -14.36 -4.61 -2.41
C GLY A 95 -15.51 -3.72 -1.96
N VAL A 96 -15.57 -3.44 -0.66
CA VAL A 96 -16.57 -2.52 -0.11
C VAL A 96 -15.92 -1.18 0.31
N LYS A 97 -16.64 -0.08 0.14
CA LYS A 97 -16.11 1.24 0.52
C LYS A 97 -15.79 1.31 2.02
N LEU A 98 -14.50 1.43 2.34
CA LEU A 98 -14.07 1.61 3.73
C LEU A 98 -14.62 2.94 4.28
N GLU A 99 -15.42 2.86 5.35
CA GLU A 99 -16.09 4.04 5.90
C GLU A 99 -16.83 3.72 7.21
N HIS A 100 -16.17 3.95 8.33
CA HIS A 100 -16.86 4.02 9.62
C HIS A 100 -17.26 5.47 9.93
N HIS A 101 -16.52 6.41 9.31
CA HIS A 101 -16.83 7.85 9.36
C HIS A 101 -16.59 8.46 10.76
N HIS A 102 -17.36 7.99 11.75
CA HIS A 102 -17.26 8.47 13.13
C HIS A 102 -15.79 8.49 13.63
N HIS A 103 -15.20 9.69 13.70
CA HIS A 103 -13.82 9.85 14.18
C HIS A 103 -13.66 11.09 15.08
N HIS A 104 -14.76 11.59 15.63
CA HIS A 104 -14.72 12.72 16.57
C HIS A 104 -15.77 12.57 17.69
N HIS A 105 -15.32 12.04 18.83
CA HIS A 105 -16.17 11.83 20.02
C HIS A 105 -17.36 10.89 19.73
N MET A 1 -9.73 15.63 -12.71
CA MET A 1 -8.69 16.36 -11.92
C MET A 1 -9.07 17.83 -11.72
N ASP A 2 -9.13 18.25 -10.46
CA ASP A 2 -9.41 19.65 -10.12
C ASP A 2 -8.62 20.06 -8.86
N LEU A 3 -8.22 21.33 -8.79
CA LEU A 3 -7.50 21.84 -7.61
C LEU A 3 -8.43 22.57 -6.64
N ASN A 4 -9.72 22.63 -6.99
CA ASN A 4 -10.71 23.31 -6.16
C ASN A 4 -11.10 22.48 -4.93
N ARG A 5 -11.53 21.24 -5.17
CA ARG A 5 -11.94 20.34 -4.07
C ARG A 5 -10.83 19.34 -3.73
N MET A 6 -10.27 18.68 -4.75
CA MET A 6 -9.18 17.71 -4.58
C MET A 6 -9.57 16.54 -3.64
N GLY A 7 -8.56 15.75 -3.25
CA GLY A 7 -8.79 14.64 -2.34
C GLY A 7 -7.54 13.78 -2.13
N LYS A 8 -7.04 13.72 -0.90
CA LYS A 8 -5.85 12.93 -0.58
C LYS A 8 -6.22 11.52 -0.10
N ASP A 9 -6.47 10.62 -1.05
CA ASP A 9 -6.87 9.25 -0.74
C ASP A 9 -5.68 8.40 -0.24
N GLU A 10 -5.98 7.49 0.68
CA GLU A 10 -4.97 6.58 1.23
C GLU A 10 -5.44 5.12 1.07
N TYR A 11 -4.57 4.28 0.51
CA TYR A 11 -4.95 2.91 0.15
C TYR A 11 -4.34 1.87 1.11
N TYR A 12 -5.09 0.82 1.39
CA TYR A 12 -4.57 -0.31 2.18
C TYR A 12 -4.16 -1.47 1.28
N VAL A 13 -2.86 -1.59 1.03
CA VAL A 13 -2.31 -2.68 0.22
C VAL A 13 -1.76 -3.81 1.11
N GLN A 14 -1.22 -4.86 0.51
CA GLN A 14 -0.60 -5.95 1.28
C GLN A 14 0.76 -6.34 0.69
N ILE A 15 1.70 -6.72 1.56
CA ILE A 15 3.05 -7.08 1.13
C ILE A 15 3.15 -8.58 0.76
N THR A 16 3.02 -8.87 -0.52
CA THR A 16 3.19 -10.25 -1.03
C THR A 16 4.60 -10.46 -1.59
N VAL A 17 4.95 -9.69 -2.63
CA VAL A 17 6.28 -9.78 -3.26
C VAL A 17 7.29 -8.82 -2.62
N ASP A 18 8.44 -9.36 -2.20
CA ASP A 18 9.50 -8.59 -1.55
C ASP A 18 10.88 -8.89 -2.18
N GLY A 19 11.94 -8.35 -1.58
CA GLY A 19 13.30 -8.64 -2.03
C GLY A 19 13.69 -8.00 -3.37
N LYS A 20 12.85 -7.11 -3.91
CA LYS A 20 13.16 -6.43 -5.17
C LYS A 20 14.26 -5.37 -4.98
N GLU A 21 15.50 -5.83 -4.77
CA GLU A 21 16.62 -4.91 -4.52
C GLU A 21 17.01 -4.14 -5.78
N VAL A 22 17.02 -2.81 -5.68
CA VAL A 22 17.43 -1.94 -6.79
C VAL A 22 18.98 -1.89 -6.92
N HIS A 23 19.58 -3.07 -7.10
CA HIS A 23 21.03 -3.21 -7.15
C HIS A 23 21.56 -3.24 -8.60
N SER A 24 20.96 -2.42 -9.47
CA SER A 24 21.32 -2.40 -10.90
C SER A 24 22.73 -1.82 -11.13
N LYS A 25 23.74 -2.65 -10.88
CA LYS A 25 25.14 -2.34 -11.19
C LYS A 25 25.62 -1.00 -10.55
N ALA A 26 24.88 -0.51 -9.55
CA ALA A 26 25.20 0.77 -8.89
C ALA A 26 25.15 1.95 -9.89
N ASP A 27 24.25 1.84 -10.88
CA ASP A 27 24.11 2.87 -11.92
C ASP A 27 23.74 4.24 -11.33
N ASN A 28 24.80 5.05 -11.06
CA ASN A 28 24.68 6.40 -10.49
C ASN A 28 26.04 6.85 -9.94
N GLY A 29 26.69 5.94 -9.23
CA GLY A 29 27.93 6.25 -8.52
C GLY A 29 27.94 5.67 -7.11
N GLN A 30 26.78 5.77 -6.45
CA GLN A 30 26.57 5.15 -5.14
C GLN A 30 26.02 3.73 -5.31
N LYS A 31 26.56 2.78 -4.53
CA LYS A 31 26.13 1.38 -4.64
C LYS A 31 24.78 1.14 -3.96
N TYR A 32 23.70 1.24 -4.73
CA TYR A 32 22.34 1.00 -4.22
C TYR A 32 22.09 -0.49 -3.93
N LYS A 33 21.27 -0.75 -2.91
CA LYS A 33 20.82 -2.11 -2.60
C LYS A 33 19.64 -2.08 -1.63
N ASP A 34 18.57 -1.43 -2.07
CA ASP A 34 17.37 -1.23 -1.25
C ASP A 34 16.18 -2.02 -1.81
N TYR A 35 15.30 -2.48 -0.93
CA TYR A 35 14.19 -3.36 -1.29
C TYR A 35 12.97 -2.57 -1.80
N GLU A 36 12.72 -2.66 -3.10
CA GLU A 36 11.60 -1.95 -3.73
C GLU A 36 10.30 -2.77 -3.68
N TYR A 37 9.16 -2.08 -3.65
CA TYR A 37 7.85 -2.73 -3.62
C TYR A 37 6.90 -2.17 -4.69
N LYS A 38 6.56 -3.01 -5.68
CA LYS A 38 5.54 -2.66 -6.69
C LYS A 38 4.16 -3.22 -6.26
N LEU A 39 3.34 -2.37 -5.65
CA LEU A 39 2.09 -2.82 -5.02
C LEU A 39 0.85 -2.30 -5.76
N THR A 40 -0.23 -3.10 -5.75
CA THR A 40 -1.51 -2.68 -6.33
C THR A 40 -2.50 -2.26 -5.23
N GLY A 41 -2.97 -1.01 -5.31
CA GLY A 41 -3.93 -0.50 -4.33
C GLY A 41 -5.36 -0.45 -4.86
N PHE A 42 -6.33 -0.67 -3.98
CA PHE A 42 -7.74 -0.65 -4.36
C PHE A 42 -8.48 0.55 -3.74
N ASP A 43 -9.12 1.34 -4.60
CA ASP A 43 -9.84 2.54 -4.17
C ASP A 43 -11.12 2.19 -3.38
N LYS A 44 -11.55 3.13 -2.54
CA LYS A 44 -12.72 2.94 -1.65
C LYS A 44 -14.03 2.73 -2.43
N ASP A 45 -14.02 3.04 -3.73
CA ASP A 45 -15.18 2.82 -4.60
C ASP A 45 -15.01 1.54 -5.45
N GLY A 46 -13.81 0.98 -5.46
CA GLY A 46 -13.54 -0.25 -6.20
C GLY A 46 -12.73 -0.04 -7.48
N LYS A 47 -11.66 0.75 -7.41
CA LYS A 47 -10.79 1.02 -8.57
C LYS A 47 -9.35 0.55 -8.28
N GLU A 48 -8.51 0.50 -9.32
CA GLU A 48 -7.10 0.11 -9.16
C GLU A 48 -6.16 1.33 -9.15
N LYS A 49 -5.10 1.25 -8.36
CA LYS A 49 -4.10 2.33 -8.29
C LYS A 49 -2.68 1.72 -8.21
N GLU A 50 -1.72 2.35 -8.90
CA GLU A 50 -0.33 1.85 -8.92
C GLU A 50 0.52 2.44 -7.78
N LEU A 51 0.99 1.58 -6.87
CA LEU A 51 1.86 2.00 -5.76
C LEU A 51 3.29 1.46 -5.96
N GLU A 52 4.30 2.26 -5.60
CA GLU A 52 5.69 1.79 -5.65
C GLU A 52 6.59 2.65 -4.76
N PHE A 53 7.54 2.00 -4.07
CA PHE A 53 8.51 2.72 -3.23
C PHE A 53 9.72 1.84 -2.91
N THR A 54 10.87 2.47 -2.63
CA THR A 54 12.08 1.76 -2.23
C THR A 54 12.35 1.88 -0.73
N ALA A 55 12.42 0.74 -0.04
CA ALA A 55 12.71 0.69 1.40
C ALA A 55 14.08 0.06 1.65
N GLN A 56 14.76 0.47 2.71
CA GLN A 56 16.12 -0.03 3.01
C GLN A 56 16.10 -1.47 3.56
N LYS A 57 14.92 -1.94 3.97
CA LYS A 57 14.77 -3.30 4.50
C LYS A 57 13.37 -3.85 4.17
N ASN A 58 13.26 -5.18 4.05
CA ASN A 58 11.95 -5.82 3.87
C ASN A 58 11.02 -5.50 5.06
N LEU A 59 9.73 -5.35 4.77
CA LEU A 59 8.74 -4.96 5.79
C LEU A 59 8.20 -6.18 6.56
N ARG A 60 7.36 -6.98 5.89
CA ARG A 60 6.74 -8.17 6.52
C ARG A 60 6.05 -9.04 5.45
N LYS A 61 5.64 -10.25 5.83
CA LYS A 61 4.84 -11.12 4.94
C LYS A 61 3.34 -11.01 5.25
N GLU A 62 2.52 -10.92 4.18
CA GLU A 62 1.05 -11.02 4.29
C GLU A 62 0.40 -9.77 4.93
N ALA A 63 1.17 -9.00 5.68
CA ALA A 63 0.65 -7.82 6.39
C ALA A 63 0.25 -6.70 5.41
N PHE A 64 -0.54 -5.75 5.91
CA PHE A 64 -1.08 -4.68 5.07
C PHE A 64 -0.27 -3.38 5.24
N LEU A 65 -0.47 -2.45 4.32
CA LEU A 65 0.29 -1.21 4.31
C LEU A 65 -0.60 -0.01 3.91
N ARG A 66 -0.72 0.94 4.82
CA ARG A 66 -1.49 2.17 4.59
C ARG A 66 -0.65 3.20 3.82
N VAL A 67 -0.82 3.23 2.50
CA VAL A 67 -0.05 4.12 1.62
C VAL A 67 -0.81 5.41 1.31
N TYR A 68 -0.05 6.51 1.25
CA TYR A 68 -0.59 7.84 1.02
C TYR A 68 -0.40 8.29 -0.44
N HIS A 69 -1.51 8.48 -1.16
CA HIS A 69 -1.46 8.93 -2.55
C HIS A 69 -1.36 10.46 -2.63
N SER A 70 -0.16 10.96 -2.99
CA SER A 70 0.09 12.41 -3.09
C SER A 70 -0.28 12.95 -4.48
N ASP A 71 0.16 14.18 -4.76
CA ASP A 71 -0.09 14.82 -6.06
C ASP A 71 0.89 14.30 -7.14
N LYS A 72 1.91 13.57 -6.71
CA LYS A 72 3.01 13.17 -7.59
C LYS A 72 2.86 11.71 -8.07
N LYS A 73 1.62 11.22 -8.06
CA LYS A 73 1.29 9.84 -8.47
C LYS A 73 2.00 8.78 -7.61
N GLY A 74 1.64 7.52 -7.85
CA GLY A 74 2.16 6.40 -7.07
C GLY A 74 1.93 6.54 -5.57
N VAL A 75 2.85 7.22 -4.88
CA VAL A 75 2.81 7.32 -3.41
C VAL A 75 4.00 8.17 -2.90
N SER A 76 3.93 8.59 -1.64
CA SER A 76 5.05 9.30 -1.01
C SER A 76 5.28 8.80 0.42
N ALA A 77 4.25 8.90 1.25
CA ALA A 77 4.30 8.41 2.64
C ALA A 77 3.60 7.05 2.77
N TRP A 78 4.06 6.23 3.72
CA TRP A 78 3.49 4.89 3.92
C TRP A 78 3.63 4.41 5.38
N GLU A 79 2.64 3.65 5.85
CA GLU A 79 2.67 3.06 7.20
C GLU A 79 2.32 1.56 7.14
N GLU A 80 3.14 0.74 7.77
CA GLU A 80 2.90 -0.71 7.79
C GLU A 80 1.91 -1.07 8.92
N VAL A 81 0.75 -1.60 8.54
CA VAL A 81 -0.35 -1.82 9.50
C VAL A 81 -0.67 -3.31 9.70
N LYS A 82 -1.08 -3.66 10.92
CA LYS A 82 -1.38 -5.04 11.28
C LYS A 82 -2.74 -5.50 10.75
N LYS A 83 -2.80 -6.74 10.28
CA LYS A 83 -4.06 -7.33 9.79
C LYS A 83 -5.09 -7.45 10.92
N ASP A 84 -4.61 -7.36 12.16
CA ASP A 84 -5.46 -7.53 13.35
C ASP A 84 -6.52 -6.42 13.48
N GLU A 85 -6.22 -5.24 12.93
CA GLU A 85 -7.11 -4.08 13.07
C GLU A 85 -8.18 -4.03 11.96
N LEU A 86 -8.10 -4.94 10.99
CA LEU A 86 -9.07 -4.99 9.90
C LEU A 86 -10.26 -5.91 10.22
N PRO A 87 -11.50 -5.37 10.19
CA PRO A 87 -12.71 -6.17 10.45
C PRO A 87 -13.03 -7.16 9.31
N ALA A 88 -13.93 -8.12 9.58
CA ALA A 88 -14.29 -9.17 8.61
C ALA A 88 -14.65 -8.58 7.23
N LYS A 89 -15.32 -7.45 7.24
CA LYS A 89 -15.72 -6.76 6.00
C LYS A 89 -14.52 -6.47 5.08
N VAL A 90 -13.43 -5.97 5.68
CA VAL A 90 -12.23 -5.60 4.91
C VAL A 90 -11.28 -6.80 4.73
N LYS A 91 -11.06 -7.55 5.81
CA LYS A 91 -10.15 -8.69 5.82
C LYS A 91 -10.56 -9.77 4.79
N GLU A 92 -11.74 -10.33 4.97
CA GLU A 92 -12.18 -11.49 4.19
C GLU A 92 -12.77 -11.09 2.83
N LYS A 93 -13.88 -10.37 2.84
CA LYS A 93 -14.58 -10.03 1.60
C LYS A 93 -13.84 -8.94 0.81
N LEU A 94 -13.45 -7.86 1.48
CA LEU A 94 -12.71 -6.75 0.87
C LEU A 94 -13.59 -5.98 -0.14
N GLY A 95 -13.85 -4.71 0.15
CA GLY A 95 -14.70 -3.89 -0.71
C GLY A 95 -16.07 -3.61 -0.11
N VAL A 96 -16.16 -3.63 1.21
CA VAL A 96 -17.41 -3.35 1.92
C VAL A 96 -17.30 -2.05 2.74
N LYS A 97 -18.40 -1.32 2.84
CA LYS A 97 -18.42 -0.03 3.54
C LYS A 97 -18.30 -0.19 5.06
N LEU A 98 -17.33 0.51 5.66
CA LEU A 98 -17.18 0.55 7.11
C LEU A 98 -18.16 1.57 7.71
N GLU A 99 -19.40 1.15 7.91
CA GLU A 99 -20.48 2.04 8.39
C GLU A 99 -20.45 2.24 9.92
N HIS A 100 -19.34 1.85 10.56
CA HIS A 100 -19.19 2.00 12.00
C HIS A 100 -18.98 3.47 12.42
N HIS A 101 -20.09 4.21 12.50
CA HIS A 101 -20.07 5.62 12.92
C HIS A 101 -20.72 5.75 14.31
N HIS A 102 -20.26 4.90 15.24
CA HIS A 102 -20.88 4.76 16.58
C HIS A 102 -22.32 4.21 16.49
N HIS A 103 -23.22 4.97 15.88
CA HIS A 103 -24.62 4.57 15.70
C HIS A 103 -25.26 4.13 17.03
N HIS A 104 -25.44 5.09 17.93
CA HIS A 104 -26.05 4.83 19.24
C HIS A 104 -27.54 4.45 19.07
N HIS A 105 -28.24 5.21 18.23
CA HIS A 105 -29.62 4.89 17.81
C HIS A 105 -29.95 5.55 16.45
N MET A 1 -13.95 15.14 -9.90
CA MET A 1 -13.76 16.55 -9.45
C MET A 1 -14.29 16.74 -8.01
N ASP A 2 -13.39 16.80 -7.03
CA ASP A 2 -13.79 16.94 -5.62
C ASP A 2 -13.21 18.23 -5.00
N LEU A 3 -13.16 19.30 -5.80
CA LEU A 3 -12.64 20.59 -5.34
C LEU A 3 -13.42 21.13 -4.12
N ASN A 4 -14.67 20.70 -3.99
CA ASN A 4 -15.53 21.11 -2.88
C ASN A 4 -15.13 20.41 -1.56
N ARG A 5 -14.60 19.19 -1.67
CA ARG A 5 -14.21 18.39 -0.49
C ARG A 5 -12.69 18.28 -0.36
N MET A 6 -12.06 17.59 -1.32
CA MET A 6 -10.62 17.29 -1.28
C MET A 6 -10.26 16.40 -0.07
N GLY A 7 -8.97 16.07 0.07
CA GLY A 7 -8.53 15.23 1.18
C GLY A 7 -7.29 14.41 0.84
N LYS A 8 -7.00 13.39 1.66
CA LYS A 8 -5.83 12.54 1.46
C LYS A 8 -6.22 11.05 1.50
N ASP A 9 -6.13 10.39 0.35
CA ASP A 9 -6.51 8.97 0.24
C ASP A 9 -5.39 8.04 0.72
N GLU A 10 -5.77 6.98 1.43
CA GLU A 10 -4.82 5.94 1.84
C GLU A 10 -5.36 4.54 1.48
N TYR A 11 -4.48 3.67 0.98
CA TYR A 11 -4.88 2.33 0.54
C TYR A 11 -4.27 1.23 1.43
N TYR A 12 -5.07 0.22 1.76
CA TYR A 12 -4.59 -0.94 2.52
C TYR A 12 -4.05 -2.03 1.59
N VAL A 13 -2.73 -2.16 1.56
CA VAL A 13 -2.07 -3.23 0.79
C VAL A 13 -1.07 -4.00 1.67
N GLN A 14 -0.59 -5.14 1.18
CA GLN A 14 0.42 -5.92 1.91
C GLN A 14 1.56 -6.34 0.98
N ILE A 15 2.63 -6.88 1.54
CA ILE A 15 3.79 -7.30 0.76
C ILE A 15 3.50 -8.57 -0.07
N THR A 16 3.08 -8.36 -1.31
CA THR A 16 2.87 -9.47 -2.25
C THR A 16 4.22 -10.00 -2.75
N VAL A 17 4.95 -9.15 -3.47
CA VAL A 17 6.29 -9.48 -3.97
C VAL A 17 7.37 -8.89 -3.04
N ASP A 18 8.33 -9.71 -2.62
CA ASP A 18 9.41 -9.24 -1.75
C ASP A 18 10.79 -9.54 -2.36
N GLY A 19 11.83 -8.99 -1.75
CA GLY A 19 13.20 -9.24 -2.22
C GLY A 19 13.55 -8.51 -3.52
N LYS A 20 12.69 -7.61 -3.97
CA LYS A 20 12.97 -6.79 -5.15
C LYS A 20 14.11 -5.79 -4.85
N GLU A 21 15.34 -6.30 -4.81
CA GLU A 21 16.50 -5.49 -4.47
C GLU A 21 17.04 -4.77 -5.71
N VAL A 22 16.78 -3.46 -5.79
CA VAL A 22 17.14 -2.65 -6.94
C VAL A 22 18.66 -2.48 -7.09
N HIS A 23 19.28 -3.48 -7.72
CA HIS A 23 20.72 -3.46 -8.00
C HIS A 23 21.05 -2.45 -9.12
N SER A 24 20.82 -1.16 -8.85
CA SER A 24 21.07 -0.10 -9.82
C SER A 24 22.54 -0.05 -10.25
N LYS A 25 23.43 -0.28 -9.29
CA LYS A 25 24.88 -0.25 -9.51
C LYS A 25 25.36 1.15 -9.95
N ALA A 26 25.42 2.07 -8.98
CA ALA A 26 25.92 3.43 -9.24
C ALA A 26 27.44 3.49 -9.09
N ASP A 27 28.00 2.50 -8.39
CA ASP A 27 29.43 2.43 -8.10
C ASP A 27 29.91 3.74 -7.43
N ASN A 28 31.20 4.08 -7.59
CA ASN A 28 31.79 5.30 -7.00
C ASN A 28 31.83 5.24 -5.46
N GLY A 29 31.13 4.27 -4.87
CA GLY A 29 30.98 4.20 -3.42
C GLY A 29 29.52 4.28 -2.99
N GLN A 30 28.65 4.69 -3.91
CA GLN A 30 27.21 4.81 -3.64
C GLN A 30 26.51 3.44 -3.72
N LYS A 31 25.98 2.98 -2.59
CA LYS A 31 25.40 1.63 -2.50
C LYS A 31 23.87 1.64 -2.64
N TYR A 32 23.37 1.33 -3.83
CA TYR A 32 21.93 1.16 -4.06
C TYR A 32 21.51 -0.32 -3.99
N LYS A 33 20.85 -0.68 -2.89
CA LYS A 33 20.27 -2.03 -2.73
C LYS A 33 18.99 -1.97 -1.86
N ASP A 34 17.99 -1.25 -2.34
CA ASP A 34 16.71 -1.14 -1.62
C ASP A 34 15.68 -2.15 -2.15
N TYR A 35 14.66 -2.43 -1.34
CA TYR A 35 13.59 -3.33 -1.74
C TYR A 35 12.38 -2.54 -2.26
N GLU A 36 11.96 -2.83 -3.49
CA GLU A 36 10.92 -2.01 -4.16
C GLU A 36 9.62 -2.79 -4.31
N TYR A 37 8.48 -2.13 -4.06
CA TYR A 37 7.18 -2.81 -4.08
C TYR A 37 6.21 -2.14 -5.05
N LYS A 38 6.13 -2.67 -6.27
CA LYS A 38 5.19 -2.17 -7.28
C LYS A 38 3.78 -2.72 -7.01
N LEU A 39 2.97 -1.97 -6.27
CA LEU A 39 1.67 -2.47 -5.80
C LEU A 39 0.49 -1.69 -6.44
N THR A 40 -0.55 -2.41 -6.84
CA THR A 40 -1.74 -1.77 -7.43
C THR A 40 -2.84 -1.60 -6.37
N GLY A 41 -3.15 -0.35 -6.04
CA GLY A 41 -4.19 -0.06 -5.06
C GLY A 41 -5.56 0.15 -5.70
N PHE A 42 -6.57 -0.53 -5.18
CA PHE A 42 -7.93 -0.44 -5.72
C PHE A 42 -8.75 0.68 -5.04
N ASP A 43 -9.47 1.45 -5.84
CA ASP A 43 -10.26 2.57 -5.31
C ASP A 43 -11.68 2.10 -4.89
N LYS A 44 -12.48 3.01 -4.35
CA LYS A 44 -13.75 2.66 -3.68
C LYS A 44 -14.80 2.06 -4.64
N ASP A 45 -14.81 2.47 -5.91
CA ASP A 45 -15.75 1.90 -6.89
C ASP A 45 -15.18 0.61 -7.52
N GLY A 46 -13.94 0.26 -7.17
CA GLY A 46 -13.27 -0.89 -7.77
C GLY A 46 -12.31 -0.48 -8.89
N LYS A 47 -11.79 0.74 -8.81
CA LYS A 47 -10.83 1.26 -9.80
C LYS A 47 -9.42 0.67 -9.55
N GLU A 48 -8.56 0.73 -10.57
CA GLU A 48 -7.18 0.23 -10.43
C GLU A 48 -6.16 1.39 -10.49
N LYS A 49 -5.57 1.71 -9.34
CA LYS A 49 -4.58 2.78 -9.23
C LYS A 49 -3.17 2.21 -8.97
N GLU A 50 -2.17 2.74 -9.64
CA GLU A 50 -0.79 2.21 -9.54
C GLU A 50 0.01 2.90 -8.42
N LEU A 51 0.57 2.11 -7.51
CA LEU A 51 1.42 2.63 -6.41
C LEU A 51 2.80 1.91 -6.38
N GLU A 52 3.73 2.47 -5.61
CA GLU A 52 5.08 1.91 -5.45
C GLU A 52 5.82 2.59 -4.30
N PHE A 53 6.85 1.93 -3.77
CA PHE A 53 7.69 2.52 -2.70
C PHE A 53 8.92 1.66 -2.36
N THR A 54 10.01 2.32 -1.97
CA THR A 54 11.26 1.62 -1.62
C THR A 54 11.46 1.49 -0.11
N ALA A 55 11.61 0.27 0.37
CA ALA A 55 11.95 0.00 1.77
C ALA A 55 13.46 -0.25 1.92
N GLN A 56 14.05 0.33 2.96
CA GLN A 56 15.49 0.21 3.20
C GLN A 56 15.84 -1.17 3.75
N LYS A 57 14.91 -1.75 4.51
CA LYS A 57 15.11 -3.07 5.12
C LYS A 57 13.99 -4.04 4.72
N ASN A 58 14.22 -5.34 4.90
CA ASN A 58 13.21 -6.36 4.62
C ASN A 58 12.19 -6.42 5.78
N LEU A 59 11.19 -5.55 5.72
CA LEU A 59 10.19 -5.40 6.79
C LEU A 59 9.22 -6.60 6.87
N ARG A 60 8.24 -6.49 7.77
CA ARG A 60 7.22 -7.53 7.96
C ARG A 60 6.45 -7.81 6.67
N LYS A 61 6.71 -8.96 6.06
CA LYS A 61 6.14 -9.33 4.76
C LYS A 61 4.62 -9.55 4.83
N GLU A 62 4.14 -10.11 5.94
CA GLU A 62 2.71 -10.39 6.11
C GLU A 62 1.95 -9.17 6.69
N ALA A 63 2.63 -8.04 6.82
CA ALA A 63 2.01 -6.82 7.36
C ALA A 63 1.25 -6.03 6.28
N PHE A 64 0.26 -5.27 6.70
CA PHE A 64 -0.52 -4.43 5.80
C PHE A 64 -0.06 -2.97 5.86
N LEU A 65 0.51 -2.48 4.76
CA LEU A 65 1.02 -1.13 4.68
C LEU A 65 -0.05 -0.13 4.20
N ARG A 66 -0.36 0.84 5.04
CA ARG A 66 -1.31 1.90 4.69
C ARG A 66 -0.61 2.97 3.84
N VAL A 67 -0.63 2.78 2.52
CA VAL A 67 0.11 3.65 1.59
C VAL A 67 -0.63 4.96 1.29
N TYR A 68 0.15 6.01 1.18
CA TYR A 68 -0.36 7.37 1.02
C TYR A 68 -0.52 7.76 -0.46
N HIS A 69 -1.74 8.13 -0.85
CA HIS A 69 -2.01 8.61 -2.21
C HIS A 69 -1.47 10.04 -2.40
N SER A 70 -0.21 10.13 -2.82
CA SER A 70 0.47 11.42 -2.99
C SER A 70 0.08 12.12 -4.30
N ASP A 71 0.23 13.44 -4.32
CA ASP A 71 -0.03 14.24 -5.51
C ASP A 71 0.78 13.75 -6.72
N LYS A 72 2.06 13.43 -6.50
CA LYS A 72 2.96 12.97 -7.57
C LYS A 72 2.78 11.45 -7.86
N LYS A 73 1.77 10.83 -7.24
CA LYS A 73 1.50 9.39 -7.41
C LYS A 73 2.67 8.53 -6.88
N GLY A 74 2.44 7.24 -6.68
CA GLY A 74 3.53 6.34 -6.30
C GLY A 74 3.98 6.50 -4.85
N VAL A 75 3.12 7.08 -4.01
CA VAL A 75 3.35 7.12 -2.55
C VAL A 75 4.51 8.06 -2.13
N SER A 76 4.28 8.81 -1.05
CA SER A 76 5.35 9.61 -0.41
C SER A 76 5.69 9.04 0.97
N ALA A 77 4.73 8.32 1.56
CA ALA A 77 4.90 7.71 2.89
C ALA A 77 3.94 6.53 3.08
N TRP A 78 4.25 5.65 4.04
CA TRP A 78 3.41 4.49 4.34
C TRP A 78 3.45 4.14 5.83
N GLU A 79 2.35 3.61 6.33
CA GLU A 79 2.26 3.17 7.74
C GLU A 79 2.19 1.65 7.83
N GLU A 80 2.91 1.07 8.79
CA GLU A 80 2.98 -0.38 8.93
C GLU A 80 2.02 -0.91 10.01
N VAL A 81 0.93 -1.55 9.58
CA VAL A 81 -0.04 -2.16 10.51
C VAL A 81 -0.32 -3.62 10.12
N LYS A 82 -1.13 -4.31 10.93
CA LYS A 82 -1.54 -5.69 10.60
C LYS A 82 -3.06 -5.80 10.44
N LYS A 83 -3.52 -6.97 9.99
CA LYS A 83 -4.95 -7.25 9.77
C LYS A 83 -5.78 -7.06 11.05
N ASP A 84 -5.11 -6.94 12.20
CA ASP A 84 -5.78 -6.84 13.49
C ASP A 84 -6.62 -5.55 13.65
N GLU A 85 -6.40 -4.55 12.78
CA GLU A 85 -7.23 -3.33 12.83
C GLU A 85 -8.28 -3.33 11.70
N LEU A 86 -8.28 -4.37 10.87
CA LEU A 86 -9.16 -4.45 9.70
C LEU A 86 -10.47 -5.17 10.01
N PRO A 87 -11.63 -4.58 9.63
CA PRO A 87 -12.94 -5.23 9.74
C PRO A 87 -13.12 -6.34 8.69
N ALA A 88 -13.38 -7.57 9.15
CA ALA A 88 -13.51 -8.73 8.24
C ALA A 88 -14.49 -8.46 7.08
N LYS A 89 -15.40 -7.50 7.26
CA LYS A 89 -16.34 -7.08 6.20
C LYS A 89 -15.63 -6.88 4.85
N VAL A 90 -14.48 -6.21 4.87
CA VAL A 90 -13.73 -5.92 3.64
C VAL A 90 -13.26 -7.21 2.95
N LYS A 91 -12.87 -8.20 3.75
CA LYS A 91 -12.41 -9.49 3.22
C LYS A 91 -13.59 -10.32 2.71
N GLU A 92 -14.80 -10.02 3.21
CA GLU A 92 -16.03 -10.65 2.72
C GLU A 92 -16.55 -9.95 1.45
N LYS A 93 -16.21 -8.67 1.31
CA LYS A 93 -16.73 -7.83 0.22
C LYS A 93 -15.80 -7.86 -1.02
N LEU A 94 -14.50 -7.80 -0.78
CA LEU A 94 -13.51 -7.79 -1.87
C LEU A 94 -13.62 -9.07 -2.74
N GLY A 95 -13.69 -8.88 -4.05
CA GLY A 95 -13.81 -10.00 -4.98
C GLY A 95 -15.07 -9.94 -5.82
N VAL A 96 -16.18 -9.50 -5.22
CA VAL A 96 -17.48 -9.41 -5.91
C VAL A 96 -18.12 -8.02 -5.72
N LYS A 97 -18.48 -7.38 -6.82
CA LYS A 97 -19.15 -6.07 -6.75
C LYS A 97 -20.66 -6.21 -6.99
N LEU A 98 -21.45 -5.74 -6.05
CA LEU A 98 -22.92 -5.85 -6.12
C LEU A 98 -23.60 -4.59 -5.56
N GLU A 99 -24.65 -4.14 -6.25
CA GLU A 99 -25.33 -2.88 -5.91
C GLU A 99 -26.29 -3.03 -4.72
N HIS A 100 -27.00 -4.16 -4.66
CA HIS A 100 -28.15 -4.33 -3.75
C HIS A 100 -29.32 -3.44 -4.19
N HIS A 101 -30.46 -3.55 -3.51
CA HIS A 101 -31.63 -2.73 -3.88
C HIS A 101 -32.19 -1.97 -2.66
N HIS A 102 -31.84 -0.69 -2.57
CA HIS A 102 -32.23 0.17 -1.45
C HIS A 102 -33.77 0.21 -1.27
N HIS A 103 -34.26 -0.32 -0.16
CA HIS A 103 -35.71 -0.44 0.07
C HIS A 103 -36.37 0.91 0.40
N HIS A 104 -37.60 1.09 -0.07
CA HIS A 104 -38.37 2.32 0.15
C HIS A 104 -39.46 2.11 1.22
N HIS A 105 -39.62 3.08 2.12
CA HIS A 105 -40.70 3.06 3.12
C HIS A 105 -41.49 4.38 3.12
N MET A 1 -9.27 27.78 -9.77
CA MET A 1 -8.88 26.34 -9.73
C MET A 1 -9.65 25.58 -8.65
N ASP A 2 -10.10 24.37 -8.97
CA ASP A 2 -10.86 23.54 -8.03
C ASP A 2 -9.93 22.83 -7.02
N LEU A 3 -9.82 23.41 -5.83
CA LEU A 3 -9.01 22.83 -4.74
C LEU A 3 -9.90 22.39 -3.57
N ASN A 4 -11.17 22.13 -3.84
CA ASN A 4 -12.14 21.77 -2.79
C ASN A 4 -11.93 20.35 -2.28
N ARG A 5 -11.77 19.41 -3.21
CA ARG A 5 -11.46 18.01 -2.86
C ARG A 5 -10.29 17.47 -3.70
N MET A 6 -9.09 17.51 -3.14
CA MET A 6 -7.91 16.98 -3.82
C MET A 6 -7.74 15.48 -3.56
N GLY A 7 -7.15 14.78 -4.51
CA GLY A 7 -7.03 13.33 -4.43
C GLY A 7 -5.94 12.82 -3.48
N LYS A 8 -6.06 13.15 -2.20
CA LYS A 8 -5.14 12.61 -1.20
C LYS A 8 -5.68 11.30 -0.62
N ASP A 9 -5.38 10.20 -1.30
CA ASP A 9 -5.87 8.88 -0.90
C ASP A 9 -4.93 8.20 0.11
N GLU A 10 -5.37 7.07 0.65
CA GLU A 10 -4.54 6.24 1.53
C GLU A 10 -5.02 4.78 1.50
N TYR A 11 -4.31 3.96 0.72
CA TYR A 11 -4.74 2.60 0.44
C TYR A 11 -4.13 1.59 1.43
N TYR A 12 -4.96 0.66 1.91
CA TYR A 12 -4.47 -0.46 2.73
C TYR A 12 -4.09 -1.63 1.80
N VAL A 13 -2.80 -1.76 1.51
CA VAL A 13 -2.33 -2.74 0.53
C VAL A 13 -1.38 -3.77 1.15
N GLN A 14 -1.67 -5.05 0.93
CA GLN A 14 -0.83 -6.13 1.47
C GLN A 14 0.41 -6.37 0.60
N ILE A 15 1.49 -6.83 1.23
CA ILE A 15 2.75 -7.10 0.52
C ILE A 15 2.62 -8.23 -0.50
N THR A 16 2.84 -7.91 -1.77
CA THR A 16 2.84 -8.90 -2.84
C THR A 16 4.15 -9.70 -2.85
N VAL A 17 5.27 -9.01 -3.08
CA VAL A 17 6.60 -9.61 -3.06
C VAL A 17 7.60 -8.75 -2.26
N ASP A 18 8.57 -9.41 -1.63
CA ASP A 18 9.63 -8.71 -0.89
C ASP A 18 11.01 -9.24 -1.28
N GLY A 19 12.06 -8.67 -0.69
CA GLY A 19 13.42 -9.13 -0.97
C GLY A 19 13.95 -8.76 -2.36
N LYS A 20 13.16 -8.02 -3.14
CA LYS A 20 13.62 -7.51 -4.44
C LYS A 20 14.35 -6.18 -4.26
N GLU A 21 15.54 -6.05 -4.84
CA GLU A 21 16.32 -4.80 -4.73
C GLU A 21 16.23 -3.94 -6.00
N VAL A 22 16.65 -2.68 -5.88
CA VAL A 22 16.67 -1.75 -7.01
C VAL A 22 18.10 -1.26 -7.34
N HIS A 23 18.96 -2.17 -7.78
CA HIS A 23 20.32 -1.81 -8.20
C HIS A 23 20.27 -0.86 -9.42
N SER A 24 19.22 -1.02 -10.21
CA SER A 24 18.92 -0.19 -11.39
C SER A 24 20.13 -0.03 -12.32
N LYS A 25 21.02 0.89 -11.97
CA LYS A 25 22.21 1.18 -12.79
C LYS A 25 23.36 1.73 -11.91
N ALA A 26 23.33 1.39 -10.63
CA ALA A 26 24.33 1.87 -9.66
C ALA A 26 24.26 3.39 -9.47
N ASP A 27 23.18 3.85 -8.84
CA ASP A 27 22.96 5.29 -8.63
C ASP A 27 23.58 5.78 -7.32
N ASN A 28 24.46 6.80 -7.42
CA ASN A 28 25.01 7.54 -6.26
C ASN A 28 26.03 6.73 -5.43
N GLY A 29 25.81 5.43 -5.27
CA GLY A 29 26.60 4.65 -4.33
C GLY A 29 26.59 3.15 -4.64
N GLN A 30 27.14 2.81 -5.82
CA GLN A 30 27.12 1.44 -6.38
C GLN A 30 27.23 0.30 -5.34
N LYS A 31 26.72 -0.88 -5.71
CA LYS A 31 26.68 -2.07 -4.85
C LYS A 31 25.65 -1.95 -3.70
N TYR A 32 24.91 -0.85 -3.68
CA TYR A 32 23.86 -0.64 -2.66
C TYR A 32 22.66 -1.58 -2.87
N LYS A 33 21.87 -1.79 -1.81
CA LYS A 33 20.65 -2.59 -1.89
C LYS A 33 19.45 -1.89 -1.23
N ASP A 34 18.53 -1.41 -2.05
CA ASP A 34 17.26 -0.86 -1.58
C ASP A 34 16.10 -1.73 -2.09
N TYR A 35 15.12 -2.01 -1.24
CA TYR A 35 14.05 -2.96 -1.59
C TYR A 35 12.88 -2.29 -2.31
N GLU A 36 12.25 -3.05 -3.22
CA GLU A 36 11.17 -2.55 -4.07
C GLU A 36 9.83 -3.20 -3.73
N TYR A 37 8.87 -2.40 -3.29
CA TYR A 37 7.51 -2.89 -3.05
C TYR A 37 6.53 -2.36 -4.10
N LYS A 38 6.19 -3.21 -5.07
CA LYS A 38 5.26 -2.85 -6.15
C LYS A 38 3.90 -3.52 -5.94
N LEU A 39 2.83 -2.72 -5.92
CA LEU A 39 1.48 -3.23 -5.65
C LEU A 39 0.39 -2.28 -6.18
N THR A 40 -0.83 -2.79 -6.33
CA THR A 40 -1.96 -2.00 -6.83
C THR A 40 -2.84 -1.48 -5.69
N GLY A 41 -2.94 -0.16 -5.57
CA GLY A 41 -3.85 0.44 -4.59
C GLY A 41 -5.29 0.42 -5.07
N PHE A 42 -6.15 -0.29 -4.34
CA PHE A 42 -7.57 -0.41 -4.71
C PHE A 42 -8.47 0.54 -3.92
N ASP A 43 -9.46 1.12 -4.59
CA ASP A 43 -10.43 2.01 -3.95
C ASP A 43 -11.67 1.23 -3.46
N LYS A 44 -12.45 1.88 -2.60
CA LYS A 44 -13.65 1.29 -1.99
C LYS A 44 -14.64 0.71 -3.04
N ASP A 45 -14.67 1.30 -4.23
CA ASP A 45 -15.59 0.85 -5.28
C ASP A 45 -14.94 -0.14 -6.27
N GLY A 46 -13.72 -0.58 -5.96
CA GLY A 46 -13.02 -1.56 -6.79
C GLY A 46 -12.18 -0.92 -7.90
N LYS A 47 -11.89 0.36 -7.75
CA LYS A 47 -11.07 1.09 -8.72
C LYS A 47 -9.57 0.82 -8.48
N GLU A 48 -8.83 0.55 -9.55
CA GLU A 48 -7.43 0.16 -9.44
C GLU A 48 -6.47 1.34 -9.66
N LYS A 49 -5.39 1.37 -8.88
CA LYS A 49 -4.32 2.36 -9.05
C LYS A 49 -2.96 1.78 -8.64
N GLU A 50 -2.20 1.27 -9.62
CA GLU A 50 -0.92 0.62 -9.32
C GLU A 50 0.20 1.62 -9.03
N LEU A 51 0.97 1.35 -7.98
CA LEU A 51 2.10 2.20 -7.59
C LEU A 51 3.25 1.36 -7.02
N GLU A 52 4.42 1.95 -6.91
CA GLU A 52 5.60 1.27 -6.35
C GLU A 52 6.48 2.21 -5.54
N PHE A 53 7.04 1.70 -4.44
CA PHE A 53 7.91 2.49 -3.57
C PHE A 53 9.03 1.64 -2.98
N THR A 54 10.17 2.27 -2.71
CA THR A 54 11.34 1.58 -2.15
C THR A 54 11.43 1.71 -0.62
N ALA A 55 11.94 0.66 0.02
CA ALA A 55 12.11 0.65 1.48
C ALA A 55 13.51 0.17 1.87
N GLN A 56 13.92 0.49 3.10
CA GLN A 56 15.27 0.17 3.58
C GLN A 56 15.34 -1.25 4.20
N LYS A 57 14.19 -1.88 4.35
CA LYS A 57 14.07 -3.09 5.15
C LYS A 57 13.03 -4.08 4.57
N ASN A 58 13.24 -5.37 4.77
CA ASN A 58 12.23 -6.37 4.42
C ASN A 58 11.23 -6.54 5.58
N LEU A 59 10.11 -5.82 5.50
CA LEU A 59 9.11 -5.82 6.57
C LEU A 59 8.21 -7.07 6.51
N ARG A 60 7.15 -7.09 7.32
CA ARG A 60 6.28 -8.27 7.43
C ARG A 60 5.56 -8.59 6.11
N LYS A 61 5.94 -9.70 5.47
CA LYS A 61 5.29 -10.15 4.23
C LYS A 61 3.80 -10.47 4.46
N GLU A 62 2.98 -10.28 3.43
CA GLU A 62 1.53 -10.48 3.50
C GLU A 62 0.80 -9.41 4.34
N ALA A 63 1.54 -8.71 5.21
CA ALA A 63 0.96 -7.64 6.04
C ALA A 63 0.55 -6.43 5.18
N PHE A 64 -0.21 -5.51 5.77
CA PHE A 64 -0.75 -4.37 5.02
C PHE A 64 0.03 -3.08 5.26
N LEU A 65 0.14 -2.26 4.22
CA LEU A 65 0.75 -0.94 4.32
C LEU A 65 -0.28 0.15 4.02
N ARG A 66 -0.46 1.08 4.98
CA ARG A 66 -1.34 2.22 4.78
C ARG A 66 -0.60 3.32 4.00
N VAL A 67 -0.62 3.18 2.67
CA VAL A 67 0.15 4.05 1.77
C VAL A 67 -0.65 5.26 1.29
N TYR A 68 -0.09 6.43 1.53
CA TYR A 68 -0.68 7.69 1.10
C TYR A 68 -0.38 7.96 -0.39
N HIS A 69 -1.39 8.47 -1.10
CA HIS A 69 -1.31 8.66 -2.55
C HIS A 69 -0.99 10.12 -2.95
N SER A 70 0.03 10.27 -3.80
CA SER A 70 0.34 11.57 -4.44
C SER A 70 0.66 11.36 -5.92
N ASP A 71 0.10 12.21 -6.79
CA ASP A 71 0.47 12.17 -8.21
C ASP A 71 1.75 12.96 -8.48
N LYS A 72 1.98 14.00 -7.69
CA LYS A 72 3.15 14.87 -7.86
C LYS A 72 4.44 14.19 -7.35
N LYS A 73 4.36 13.59 -6.16
CA LYS A 73 5.55 12.96 -5.54
C LYS A 73 5.40 11.42 -5.43
N GLY A 74 4.32 10.88 -6.00
CA GLY A 74 4.09 9.43 -5.95
C GLY A 74 3.69 8.92 -4.57
N VAL A 75 4.68 8.67 -3.71
CA VAL A 75 4.44 8.18 -2.35
C VAL A 75 5.15 9.09 -1.32
N SER A 76 4.36 9.85 -0.56
CA SER A 76 4.93 10.78 0.44
C SER A 76 5.07 10.12 1.82
N ALA A 77 4.36 9.01 2.04
CA ALA A 77 4.39 8.30 3.32
C ALA A 77 3.62 6.98 3.29
N TRP A 78 4.08 6.01 4.07
CA TRP A 78 3.36 4.74 4.27
C TRP A 78 3.52 4.24 5.72
N GLU A 79 2.45 3.66 6.26
CA GLU A 79 2.47 3.12 7.63
C GLU A 79 2.29 1.59 7.61
N GLU A 80 3.00 0.89 8.48
CA GLU A 80 2.87 -0.57 8.59
C GLU A 80 1.69 -0.95 9.50
N VAL A 81 0.71 -1.66 8.96
CA VAL A 81 -0.47 -2.08 9.72
C VAL A 81 -0.76 -3.59 9.54
N LYS A 82 -0.95 -4.29 10.65
CA LYS A 82 -1.22 -5.74 10.61
C LYS A 82 -2.71 -6.03 10.34
N LYS A 83 -2.99 -7.27 9.92
CA LYS A 83 -4.36 -7.66 9.51
C LYS A 83 -5.39 -7.37 10.61
N ASP A 84 -5.08 -7.75 11.84
CA ASP A 84 -6.02 -7.57 12.97
C ASP A 84 -6.11 -6.10 13.42
N GLU A 85 -5.19 -5.26 12.95
CA GLU A 85 -5.27 -3.81 13.21
C GLU A 85 -6.34 -3.17 12.33
N LEU A 86 -6.56 -3.75 11.15
CA LEU A 86 -7.58 -3.25 10.21
C LEU A 86 -8.92 -3.97 10.41
N PRO A 87 -10.04 -3.26 10.24
CA PRO A 87 -11.39 -3.85 10.39
C PRO A 87 -11.69 -4.94 9.35
N ALA A 88 -12.36 -6.01 9.78
CA ALA A 88 -12.77 -7.10 8.89
C ALA A 88 -13.63 -6.59 7.72
N LYS A 89 -14.30 -5.45 7.95
CA LYS A 89 -15.12 -4.79 6.91
C LYS A 89 -14.29 -4.42 5.67
N VAL A 90 -12.96 -4.44 5.79
CA VAL A 90 -12.08 -4.17 4.66
C VAL A 90 -11.70 -5.47 3.92
N LYS A 91 -11.33 -6.50 4.67
CA LYS A 91 -10.79 -7.75 4.10
C LYS A 91 -11.87 -8.59 3.38
N GLU A 92 -12.96 -8.91 4.08
CA GLU A 92 -14.03 -9.75 3.48
C GLU A 92 -14.73 -9.06 2.30
N LYS A 93 -14.61 -7.73 2.22
CA LYS A 93 -15.16 -6.99 1.08
C LYS A 93 -14.17 -6.96 -0.08
N LEU A 94 -12.95 -6.47 0.17
CA LEU A 94 -11.86 -6.49 -0.83
C LEU A 94 -12.11 -5.54 -2.03
N GLY A 95 -13.36 -5.21 -2.30
CA GLY A 95 -13.72 -4.41 -3.46
C GLY A 95 -14.83 -5.05 -4.29
N VAL A 96 -15.96 -5.35 -3.65
CA VAL A 96 -17.09 -6.00 -4.31
C VAL A 96 -17.90 -5.03 -5.21
N LYS A 97 -18.72 -5.60 -6.09
CA LYS A 97 -19.52 -4.81 -7.02
C LYS A 97 -21.03 -5.15 -6.91
N LEU A 98 -21.46 -5.51 -5.70
CA LEU A 98 -22.88 -5.77 -5.42
C LEU A 98 -23.27 -5.29 -4.01
N GLU A 99 -24.50 -4.82 -3.87
CA GLU A 99 -24.99 -4.28 -2.59
C GLU A 99 -25.76 -5.33 -1.78
N HIS A 100 -26.99 -5.62 -2.23
CA HIS A 100 -27.89 -6.53 -1.52
C HIS A 100 -28.61 -7.44 -2.53
N HIS A 101 -27.84 -8.10 -3.40
CA HIS A 101 -28.41 -8.89 -4.50
C HIS A 101 -29.01 -10.22 -4.03
N HIS A 102 -30.20 -10.15 -3.44
CA HIS A 102 -30.95 -11.35 -3.02
C HIS A 102 -32.46 -11.11 -3.16
N HIS A 103 -33.16 -12.06 -3.79
CA HIS A 103 -34.59 -11.89 -4.07
C HIS A 103 -35.45 -11.89 -2.80
N HIS A 104 -36.38 -10.94 -2.73
CA HIS A 104 -37.35 -10.84 -1.64
C HIS A 104 -38.74 -10.48 -2.19
N HIS A 105 -39.01 -10.95 -3.42
CA HIS A 105 -40.25 -10.63 -4.16
C HIS A 105 -40.25 -9.17 -4.67
N MET A 1 1.30 17.96 -14.15
CA MET A 1 0.97 18.81 -12.98
C MET A 1 -0.55 18.91 -12.81
N ASP A 2 -1.13 18.00 -12.01
CA ASP A 2 -2.59 17.86 -11.94
C ASP A 2 -3.17 18.39 -10.63
N LEU A 3 -3.60 19.65 -10.64
CA LEU A 3 -4.41 20.20 -9.55
C LEU A 3 -5.88 19.79 -9.73
N ASN A 4 -6.19 19.29 -10.92
CA ASN A 4 -7.52 18.79 -11.25
C ASN A 4 -7.96 17.69 -10.27
N ARG A 5 -7.11 16.67 -10.12
CA ARG A 5 -7.37 15.58 -9.18
C ARG A 5 -6.50 15.69 -7.92
N MET A 6 -6.99 16.47 -6.96
CA MET A 6 -6.37 16.57 -5.65
C MET A 6 -6.87 15.44 -4.72
N GLY A 7 -6.30 15.35 -3.53
CA GLY A 7 -6.61 14.25 -2.62
C GLY A 7 -5.65 13.08 -2.78
N LYS A 8 -4.41 13.27 -2.33
CA LYS A 8 -3.38 12.23 -2.44
C LYS A 8 -3.41 11.32 -1.19
N ASP A 9 -4.62 10.91 -0.80
CA ASP A 9 -4.83 10.13 0.42
C ASP A 9 -4.26 8.70 0.33
N GLU A 10 -4.39 7.94 1.42
CA GLU A 10 -3.75 6.62 1.52
C GLU A 10 -4.59 5.49 0.91
N TYR A 11 -3.89 4.50 0.35
CA TYR A 11 -4.52 3.29 -0.18
C TYR A 11 -4.00 2.06 0.58
N TYR A 12 -4.82 1.01 0.66
CA TYR A 12 -4.42 -0.23 1.34
C TYR A 12 -3.77 -1.21 0.34
N VAL A 13 -2.45 -1.36 0.43
CA VAL A 13 -1.71 -2.25 -0.48
C VAL A 13 -1.37 -3.59 0.19
N GLN A 14 -1.34 -4.64 -0.62
CA GLN A 14 -0.93 -5.98 -0.16
C GLN A 14 0.38 -6.40 -0.84
N ILE A 15 1.12 -7.29 -0.18
CA ILE A 15 2.43 -7.73 -0.69
C ILE A 15 2.30 -8.59 -1.95
N THR A 16 2.24 -7.93 -3.10
CA THR A 16 2.21 -8.61 -4.41
C THR A 16 3.61 -9.09 -4.80
N VAL A 17 4.60 -8.21 -4.63
CA VAL A 17 6.01 -8.54 -4.84
C VAL A 17 6.89 -7.92 -3.75
N ASP A 18 7.78 -8.72 -3.16
CA ASP A 18 8.63 -8.25 -2.05
C ASP A 18 10.13 -8.39 -2.34
N GLY A 19 10.93 -7.56 -1.69
CA GLY A 19 12.38 -7.71 -1.70
C GLY A 19 13.07 -7.48 -3.04
N LYS A 20 12.34 -7.07 -4.07
CA LYS A 20 12.96 -6.84 -5.38
C LYS A 20 13.75 -5.52 -5.36
N GLU A 21 15.01 -5.62 -4.99
CA GLU A 21 15.87 -4.46 -4.76
C GLU A 21 16.28 -3.73 -6.04
N VAL A 22 16.50 -2.43 -5.90
CA VAL A 22 17.03 -1.58 -6.98
C VAL A 22 18.31 -0.85 -6.51
N HIS A 23 19.47 -1.45 -6.80
CA HIS A 23 20.75 -0.82 -6.47
C HIS A 23 21.27 0.03 -7.63
N SER A 24 20.34 0.45 -8.50
CA SER A 24 20.63 1.34 -9.64
C SER A 24 21.65 0.71 -10.62
N LYS A 25 22.92 0.80 -10.27
CA LYS A 25 24.00 0.28 -11.11
C LYS A 25 25.29 0.12 -10.29
N ALA A 26 25.14 0.06 -8.97
CA ALA A 26 26.28 0.02 -8.04
C ALA A 26 26.94 -1.36 -7.95
N ASP A 27 26.78 -2.18 -8.98
CA ASP A 27 27.38 -3.53 -8.98
C ASP A 27 28.90 -3.48 -8.77
N ASN A 28 29.39 -4.30 -7.85
CA ASN A 28 30.82 -4.34 -7.47
C ASN A 28 31.26 -3.00 -6.83
N GLY A 29 30.31 -2.33 -6.19
CA GLY A 29 30.61 -1.08 -5.47
C GLY A 29 29.37 -0.47 -4.82
N GLN A 30 28.59 -1.29 -4.14
CA GLN A 30 27.29 -0.86 -3.60
C GLN A 30 27.43 -0.10 -2.27
N LYS A 31 27.53 1.23 -2.35
CA LYS A 31 27.38 2.08 -1.15
C LYS A 31 25.91 2.46 -0.96
N TYR A 32 25.09 2.02 -1.89
CA TYR A 32 23.64 2.24 -1.86
C TYR A 32 22.91 1.04 -2.48
N LYS A 33 21.84 0.60 -1.84
CA LYS A 33 21.18 -0.66 -2.22
C LYS A 33 19.82 -0.77 -1.53
N ASP A 34 18.77 -0.32 -2.21
CA ASP A 34 17.43 -0.22 -1.60
C ASP A 34 16.49 -1.32 -2.10
N TYR A 35 15.63 -1.83 -1.22
CA TYR A 35 14.60 -2.80 -1.60
C TYR A 35 13.36 -2.07 -2.13
N GLU A 36 12.77 -2.55 -3.22
CA GLU A 36 11.64 -1.85 -3.85
C GLU A 36 10.38 -2.72 -3.88
N TYR A 37 9.22 -2.09 -3.72
CA TYR A 37 7.94 -2.81 -3.62
C TYR A 37 6.88 -2.17 -4.53
N LYS A 38 6.48 -2.89 -5.58
CA LYS A 38 5.40 -2.45 -6.47
C LYS A 38 4.12 -3.22 -6.15
N LEU A 39 3.33 -2.69 -5.23
CA LEU A 39 2.18 -3.42 -4.67
C LEU A 39 0.84 -2.91 -5.23
N THR A 40 -0.11 -3.81 -5.43
CA THR A 40 -1.46 -3.43 -5.87
C THR A 40 -2.25 -2.77 -4.73
N GLY A 41 -2.62 -1.51 -4.91
CA GLY A 41 -3.41 -0.80 -3.93
C GLY A 41 -4.88 -0.70 -4.30
N PHE A 42 -5.75 -1.10 -3.38
CA PHE A 42 -7.20 -1.06 -3.64
C PHE A 42 -7.82 0.24 -3.11
N ASP A 43 -8.72 0.83 -3.90
CA ASP A 43 -9.44 2.03 -3.48
C ASP A 43 -10.44 1.66 -2.36
N LYS A 44 -10.66 2.59 -1.44
CA LYS A 44 -11.44 2.31 -0.22
C LYS A 44 -12.91 1.98 -0.52
N ASP A 45 -13.35 2.23 -1.75
CA ASP A 45 -14.68 1.77 -2.21
C ASP A 45 -14.57 0.45 -2.98
N GLY A 46 -13.65 0.40 -3.95
CA GLY A 46 -13.43 -0.83 -4.71
C GLY A 46 -12.84 -0.59 -6.10
N LYS A 47 -11.54 -0.29 -6.15
CA LYS A 47 -10.81 -0.13 -7.42
C LYS A 47 -9.38 -0.67 -7.28
N GLU A 48 -8.74 -0.95 -8.43
CA GLU A 48 -7.35 -1.43 -8.43
C GLU A 48 -6.38 -0.39 -9.01
N LYS A 49 -5.35 -0.03 -8.23
CA LYS A 49 -4.32 0.89 -8.69
C LYS A 49 -2.99 0.61 -7.96
N GLU A 50 -1.94 0.29 -8.72
CA GLU A 50 -0.65 -0.12 -8.13
C GLU A 50 0.12 1.06 -7.52
N LEU A 51 0.56 0.89 -6.27
CA LEU A 51 1.45 1.83 -5.59
C LEU A 51 2.84 1.20 -5.40
N GLU A 52 3.89 2.00 -5.58
CA GLU A 52 5.25 1.46 -5.54
C GLU A 52 6.21 2.39 -4.77
N PHE A 53 7.10 1.78 -3.97
CA PHE A 53 8.02 2.54 -3.12
C PHE A 53 9.28 1.74 -2.75
N THR A 54 10.32 2.44 -2.32
CA THR A 54 11.54 1.81 -1.81
C THR A 54 11.54 1.76 -0.27
N ALA A 55 12.32 0.84 0.30
CA ALA A 55 12.37 0.66 1.75
C ALA A 55 13.79 0.31 2.24
N GLN A 56 13.92 0.14 3.56
CA GLN A 56 15.24 -0.14 4.18
C GLN A 56 15.46 -1.64 4.40
N LYS A 57 14.39 -2.37 4.74
CA LYS A 57 14.47 -3.80 5.05
C LYS A 57 13.49 -4.61 4.22
N ASN A 58 13.48 -5.93 4.42
CA ASN A 58 12.41 -6.79 3.91
C ASN A 58 11.18 -6.63 4.82
N LEU A 59 10.15 -5.96 4.31
CA LEU A 59 8.98 -5.58 5.13
C LEU A 59 8.14 -6.81 5.52
N ARG A 60 7.13 -6.60 6.36
CA ARG A 60 6.23 -7.68 6.78
C ARG A 60 5.44 -8.24 5.59
N LYS A 61 5.90 -9.38 5.08
CA LYS A 61 5.41 -9.96 3.82
C LYS A 61 3.97 -10.50 3.88
N GLU A 62 3.23 -10.14 4.92
CA GLU A 62 1.83 -10.57 5.05
C GLU A 62 0.92 -9.44 5.59
N ALA A 63 1.53 -8.33 5.99
CA ALA A 63 0.79 -7.20 6.57
C ALA A 63 0.22 -6.28 5.48
N PHE A 64 -0.54 -5.27 5.92
CA PHE A 64 -1.11 -4.28 5.01
C PHE A 64 -0.49 -2.91 5.26
N LEU A 65 -0.14 -2.19 4.19
CA LEU A 65 0.44 -0.85 4.34
C LEU A 65 -0.52 0.25 3.87
N ARG A 66 -0.71 1.26 4.70
CA ARG A 66 -1.44 2.46 4.30
C ARG A 66 -0.49 3.43 3.58
N VAL A 67 -0.49 3.37 2.25
CA VAL A 67 0.49 4.12 1.45
C VAL A 67 -0.11 5.41 0.88
N TYR A 68 0.66 6.49 0.99
CA TYR A 68 0.26 7.80 0.49
C TYR A 68 0.24 7.83 -1.04
N HIS A 69 -0.96 7.81 -1.63
CA HIS A 69 -1.12 7.70 -3.08
C HIS A 69 -0.75 9.01 -3.79
N SER A 70 0.47 9.09 -4.28
CA SER A 70 0.96 10.30 -4.99
C SER A 70 1.38 9.96 -6.43
N ASP A 71 0.71 10.57 -7.41
CA ASP A 71 0.98 10.31 -8.83
C ASP A 71 2.46 10.50 -9.19
N LYS A 72 2.97 11.73 -9.05
CA LYS A 72 4.36 12.05 -9.41
C LYS A 72 5.37 11.69 -8.29
N LYS A 73 4.99 10.80 -7.38
CA LYS A 73 5.86 10.37 -6.27
C LYS A 73 5.69 8.87 -5.95
N GLY A 74 4.70 8.23 -6.57
CA GLY A 74 4.35 6.85 -6.23
C GLY A 74 3.77 6.75 -4.81
N VAL A 75 4.66 6.69 -3.82
CA VAL A 75 4.28 6.67 -2.41
C VAL A 75 5.24 7.54 -1.58
N SER A 76 4.73 8.61 -0.98
CA SER A 76 5.57 9.53 -0.21
C SER A 76 5.71 9.07 1.26
N ALA A 77 4.80 8.20 1.70
CA ALA A 77 4.83 7.66 3.08
C ALA A 77 4.00 6.37 3.19
N TRP A 78 4.40 5.47 4.09
CA TRP A 78 3.70 4.19 4.27
C TRP A 78 3.73 3.72 5.74
N GLU A 79 2.62 3.15 6.20
CA GLU A 79 2.53 2.60 7.56
C GLU A 79 2.18 1.10 7.53
N GLU A 80 2.87 0.32 8.35
CA GLU A 80 2.63 -1.14 8.42
C GLU A 80 1.61 -1.47 9.52
N VAL A 81 0.38 -1.83 9.11
CA VAL A 81 -0.71 -2.12 10.06
C VAL A 81 -1.15 -3.59 10.00
N LYS A 82 -1.88 -4.04 11.05
CA LYS A 82 -2.35 -5.42 11.13
C LYS A 82 -3.82 -5.54 10.72
N LYS A 83 -4.20 -6.67 10.12
CA LYS A 83 -5.58 -6.91 9.68
C LYS A 83 -6.59 -6.79 10.83
N ASP A 84 -6.13 -7.01 12.07
CA ASP A 84 -6.99 -6.94 13.26
C ASP A 84 -7.66 -5.56 13.38
N GLU A 85 -6.85 -4.51 13.30
CA GLU A 85 -7.34 -3.13 13.48
C GLU A 85 -7.92 -2.56 12.17
N LEU A 86 -7.86 -3.35 11.10
CA LEU A 86 -8.45 -2.97 9.82
C LEU A 86 -9.88 -3.51 9.69
N PRO A 87 -10.79 -2.76 9.03
CA PRO A 87 -12.15 -3.23 8.78
C PRO A 87 -12.21 -4.50 7.91
N ALA A 88 -12.50 -5.63 8.54
CA ALA A 88 -12.60 -6.92 7.83
C ALA A 88 -13.59 -6.83 6.65
N LYS A 89 -14.53 -5.89 6.75
CA LYS A 89 -15.50 -5.60 5.69
C LYS A 89 -14.87 -5.64 4.28
N VAL A 90 -13.65 -5.12 4.17
CA VAL A 90 -12.94 -5.08 2.88
C VAL A 90 -12.77 -6.50 2.28
N LYS A 91 -12.35 -7.45 3.11
CA LYS A 91 -12.14 -8.83 2.66
C LYS A 91 -13.45 -9.63 2.67
N GLU A 92 -14.34 -9.33 3.62
CA GLU A 92 -15.60 -10.06 3.76
C GLU A 92 -16.56 -9.81 2.58
N LYS A 93 -16.65 -8.56 2.13
CA LYS A 93 -17.58 -8.20 1.06
C LYS A 93 -17.02 -8.56 -0.34
N LEU A 94 -15.70 -8.55 -0.47
CA LEU A 94 -15.05 -8.85 -1.75
C LEU A 94 -15.30 -10.31 -2.16
N GLY A 95 -16.14 -10.51 -3.17
CA GLY A 95 -16.46 -11.86 -3.64
C GLY A 95 -17.73 -12.44 -3.03
N VAL A 96 -18.39 -11.66 -2.17
CA VAL A 96 -19.63 -12.10 -1.51
C VAL A 96 -20.76 -11.08 -1.74
N LYS A 97 -21.99 -11.57 -1.88
CA LYS A 97 -23.16 -10.69 -2.10
C LYS A 97 -24.14 -10.72 -0.90
N LEU A 98 -23.65 -11.17 0.26
CA LEU A 98 -24.44 -11.13 1.51
C LEU A 98 -23.78 -10.21 2.54
N GLU A 99 -24.48 -9.97 3.64
CA GLU A 99 -23.91 -9.28 4.81
C GLU A 99 -23.60 -10.32 5.90
N HIS A 100 -24.53 -11.25 6.09
CA HIS A 100 -24.33 -12.41 6.95
C HIS A 100 -25.47 -13.42 6.71
N HIS A 101 -26.66 -13.14 7.25
CA HIS A 101 -27.88 -13.93 6.99
C HIS A 101 -29.13 -13.09 7.30
N HIS A 102 -30.14 -13.15 6.43
CA HIS A 102 -31.34 -12.34 6.58
C HIS A 102 -32.23 -12.83 7.73
N HIS A 103 -31.94 -12.33 8.94
CA HIS A 103 -32.72 -12.67 10.15
C HIS A 103 -32.68 -11.52 11.17
N HIS A 104 -33.82 -10.82 11.33
CA HIS A 104 -33.94 -9.72 12.31
C HIS A 104 -33.08 -8.50 11.93
N HIS A 105 -33.62 -7.31 12.14
CA HIS A 105 -32.84 -6.07 11.94
C HIS A 105 -32.11 -5.66 13.22
N MET A 1 3.00 20.63 12.30
CA MET A 1 2.02 19.98 11.37
C MET A 1 1.73 18.54 11.80
N ASP A 2 0.50 18.09 11.60
CA ASP A 2 0.09 16.74 12.01
C ASP A 2 -0.19 15.83 10.79
N LEU A 3 0.29 14.58 10.86
CA LEU A 3 0.18 13.66 9.72
C LEU A 3 -1.27 13.30 9.36
N ASN A 4 -2.19 13.35 10.34
CA ASN A 4 -3.61 13.05 10.08
C ASN A 4 -4.28 14.15 9.24
N ARG A 5 -3.60 15.28 9.08
CA ARG A 5 -4.06 16.35 8.20
C ARG A 5 -3.74 16.02 6.73
N MET A 6 -2.66 15.25 6.53
CA MET A 6 -2.28 14.81 5.19
C MET A 6 -2.94 13.48 4.84
N GLY A 7 -4.08 13.54 4.18
CA GLY A 7 -4.80 12.33 3.81
C GLY A 7 -5.52 12.44 2.47
N LYS A 8 -4.74 12.45 1.39
CA LYS A 8 -5.30 12.47 0.04
C LYS A 8 -5.91 11.09 -0.30
N ASP A 9 -5.05 10.10 -0.54
CA ASP A 9 -5.49 8.71 -0.74
C ASP A 9 -4.55 7.73 0.00
N GLU A 10 -5.04 7.05 1.03
CA GLU A 10 -4.26 6.00 1.71
C GLU A 10 -4.80 4.61 1.37
N TYR A 11 -4.01 3.83 0.62
CA TYR A 11 -4.41 2.49 0.19
C TYR A 11 -3.82 1.41 1.11
N TYR A 12 -4.63 0.40 1.44
CA TYR A 12 -4.20 -0.70 2.30
C TYR A 12 -3.71 -1.89 1.47
N VAL A 13 -2.39 -2.02 1.34
CA VAL A 13 -1.78 -3.13 0.59
C VAL A 13 -0.81 -3.93 1.47
N GLN A 14 -0.70 -5.24 1.20
CA GLN A 14 0.17 -6.11 1.98
C GLN A 14 1.46 -6.47 1.21
N ILE A 15 2.35 -7.18 1.88
CA ILE A 15 3.63 -7.56 1.28
C ILE A 15 3.50 -8.78 0.36
N THR A 16 3.54 -8.54 -0.96
CA THR A 16 3.48 -9.62 -1.95
C THR A 16 4.89 -10.03 -2.42
N VAL A 17 5.55 -9.14 -3.17
CA VAL A 17 6.93 -9.38 -3.62
C VAL A 17 7.94 -8.57 -2.79
N ASP A 18 8.97 -9.25 -2.27
CA ASP A 18 9.99 -8.59 -1.44
C ASP A 18 11.41 -8.88 -1.95
N GLY A 19 12.38 -8.14 -1.44
CA GLY A 19 13.78 -8.37 -1.76
C GLY A 19 14.18 -7.98 -3.19
N LYS A 20 13.28 -7.33 -3.92
CA LYS A 20 13.60 -6.88 -5.28
C LYS A 20 14.54 -5.68 -5.25
N GLU A 21 15.84 -5.94 -5.28
CA GLU A 21 16.85 -4.87 -5.16
C GLU A 21 17.06 -4.15 -6.52
N VAL A 22 16.83 -2.85 -6.51
CA VAL A 22 16.98 -2.01 -7.71
C VAL A 22 18.22 -1.10 -7.61
N HIS A 23 19.35 -1.61 -8.05
CA HIS A 23 20.59 -0.82 -8.08
C HIS A 23 20.55 0.24 -9.20
N SER A 24 19.82 1.32 -8.94
CA SER A 24 19.63 2.40 -9.92
C SER A 24 19.09 3.65 -9.22
N LYS A 25 19.65 3.96 -8.05
CA LYS A 25 19.14 5.05 -7.21
C LYS A 25 20.16 5.46 -6.13
N ALA A 26 21.37 5.88 -6.53
CA ALA A 26 22.38 6.28 -5.53
C ALA A 26 23.61 6.98 -6.14
N ASP A 27 24.77 6.30 -6.08
CA ASP A 27 26.06 6.96 -6.31
C ASP A 27 26.87 6.36 -7.48
N ASN A 28 28.06 6.92 -7.70
CA ASN A 28 28.92 6.53 -8.82
C ASN A 28 29.65 5.20 -8.58
N GLY A 29 29.61 4.70 -7.35
CA GLY A 29 30.29 3.44 -7.04
C GLY A 29 29.77 2.75 -5.79
N GLN A 30 29.48 3.51 -4.73
CA GLN A 30 28.96 2.93 -3.50
C GLN A 30 27.64 2.18 -3.76
N LYS A 31 27.63 0.89 -3.43
CA LYS A 31 26.55 -0.01 -3.83
C LYS A 31 25.31 0.11 -2.92
N TYR A 32 24.37 0.98 -3.29
CA TYR A 32 23.05 1.04 -2.65
C TYR A 32 22.03 0.24 -3.47
N LYS A 33 21.21 -0.55 -2.79
CA LYS A 33 20.11 -1.26 -3.44
C LYS A 33 18.83 -1.22 -2.59
N ASP A 34 17.84 -0.46 -3.04
CA ASP A 34 16.54 -0.40 -2.38
C ASP A 34 15.64 -1.53 -2.88
N TYR A 35 14.78 -2.04 -2.00
CA TYR A 35 13.84 -3.10 -2.36
C TYR A 35 12.52 -2.50 -2.86
N GLU A 36 12.18 -2.78 -4.11
CA GLU A 36 11.03 -2.15 -4.77
C GLU A 36 9.71 -2.88 -4.47
N TYR A 37 8.90 -2.29 -3.60
CA TYR A 37 7.55 -2.79 -3.34
C TYR A 37 6.52 -2.03 -4.20
N LYS A 38 6.21 -2.56 -5.38
CA LYS A 38 5.19 -1.96 -6.24
C LYS A 38 3.84 -2.70 -6.08
N LEU A 39 2.88 -2.08 -5.41
CA LEU A 39 1.58 -2.72 -5.14
C LEU A 39 0.44 -1.99 -5.86
N THR A 40 -0.45 -2.77 -6.48
CA THR A 40 -1.68 -2.20 -7.05
C THR A 40 -2.68 -1.89 -5.92
N GLY A 41 -2.73 -0.63 -5.53
CA GLY A 41 -3.65 -0.19 -4.48
C GLY A 41 -5.11 -0.18 -4.94
N PHE A 42 -5.99 -0.78 -4.15
CA PHE A 42 -7.41 -0.83 -4.47
C PHE A 42 -8.20 0.28 -3.77
N ASP A 43 -9.05 0.98 -4.53
CA ASP A 43 -9.84 2.09 -3.98
C ASP A 43 -11.04 1.59 -3.15
N LYS A 44 -11.56 2.46 -2.27
CA LYS A 44 -12.68 2.14 -1.37
C LYS A 44 -13.87 1.52 -2.12
N ASP A 45 -14.15 2.06 -3.31
CA ASP A 45 -15.20 1.53 -4.18
C ASP A 45 -14.88 0.10 -4.63
N GLY A 46 -13.72 -0.07 -5.26
CA GLY A 46 -13.31 -1.35 -5.82
C GLY A 46 -12.54 -1.16 -7.13
N LYS A 47 -11.57 -0.26 -7.11
CA LYS A 47 -10.80 0.12 -8.31
C LYS A 47 -9.34 -0.33 -8.20
N GLU A 48 -8.54 -0.04 -9.23
CA GLU A 48 -7.10 -0.36 -9.23
C GLU A 48 -6.25 0.91 -9.38
N LYS A 49 -5.15 0.97 -8.62
CA LYS A 49 -4.24 2.12 -8.69
C LYS A 49 -2.79 1.65 -8.51
N GLU A 50 -1.86 2.24 -9.25
CA GLU A 50 -0.45 1.82 -9.20
C GLU A 50 0.35 2.58 -8.13
N LEU A 51 0.82 1.86 -7.09
CA LEU A 51 1.66 2.45 -6.03
C LEU A 51 3.02 1.74 -5.93
N GLU A 52 4.07 2.47 -5.59
CA GLU A 52 5.42 1.90 -5.47
C GLU A 52 6.24 2.60 -4.37
N PHE A 53 6.75 1.82 -3.41
CA PHE A 53 7.67 2.34 -2.40
C PHE A 53 8.88 1.43 -2.22
N THR A 54 10.08 2.01 -2.30
CA THR A 54 11.33 1.27 -2.17
C THR A 54 11.89 1.33 -0.74
N ALA A 55 11.90 0.20 -0.05
CA ALA A 55 12.36 0.13 1.35
C ALA A 55 13.82 -0.36 1.46
N GLN A 56 14.52 0.09 2.51
CA GLN A 56 15.93 -0.28 2.71
C GLN A 56 16.09 -1.71 3.28
N LYS A 57 15.01 -2.27 3.83
CA LYS A 57 15.03 -3.64 4.36
C LYS A 57 13.73 -4.39 4.01
N ASN A 58 13.78 -5.73 4.07
CA ASN A 58 12.58 -6.54 3.90
C ASN A 58 11.61 -6.27 5.06
N LEU A 59 10.41 -5.79 4.74
CA LEU A 59 9.48 -5.29 5.76
C LEU A 59 8.70 -6.42 6.47
N ARG A 60 7.54 -6.79 5.91
CA ARG A 60 6.62 -7.73 6.56
C ARG A 60 6.28 -8.92 5.63
N LYS A 61 5.22 -9.66 5.97
CA LYS A 61 4.75 -10.76 5.14
C LYS A 61 3.23 -10.64 4.86
N GLU A 62 2.42 -10.99 5.85
CA GLU A 62 0.95 -10.92 5.71
C GLU A 62 0.43 -9.52 6.10
N ALA A 63 1.23 -8.76 6.83
CA ALA A 63 0.79 -7.47 7.38
C ALA A 63 0.57 -6.41 6.29
N PHE A 64 -0.38 -5.51 6.52
CA PHE A 64 -0.72 -4.46 5.55
C PHE A 64 -0.04 -3.13 5.90
N LEU A 65 0.05 -2.27 4.90
CA LEU A 65 0.67 -0.95 5.04
C LEU A 65 -0.24 0.15 4.46
N ARG A 66 -0.37 1.25 5.19
CA ARG A 66 -1.14 2.40 4.72
C ARG A 66 -0.28 3.24 3.77
N VAL A 67 -0.35 2.94 2.48
CA VAL A 67 0.47 3.60 1.47
C VAL A 67 -0.19 4.88 0.96
N TYR A 68 0.57 5.97 1.02
CA TYR A 68 0.07 7.30 0.67
C TYR A 68 0.25 7.62 -0.82
N HIS A 69 -0.84 8.03 -1.47
CA HIS A 69 -0.83 8.37 -2.90
C HIS A 69 -0.55 9.88 -3.14
N SER A 70 0.41 10.16 -4.03
CA SER A 70 0.69 11.54 -4.45
C SER A 70 1.01 11.60 -5.96
N ASP A 71 1.07 12.80 -6.53
CA ASP A 71 1.31 12.97 -7.96
C ASP A 71 2.80 12.75 -8.31
N LYS A 72 3.66 13.67 -7.85
CA LYS A 72 5.07 13.68 -8.28
C LYS A 72 5.98 12.78 -7.43
N LYS A 73 5.43 12.16 -6.38
CA LYS A 73 6.18 11.20 -5.56
C LYS A 73 5.61 9.78 -5.70
N GLY A 74 4.33 9.67 -6.06
CA GLY A 74 3.67 8.38 -6.06
C GLY A 74 3.32 7.92 -4.65
N VAL A 75 4.35 7.68 -3.84
CA VAL A 75 4.18 7.33 -2.42
C VAL A 75 4.97 8.30 -1.52
N SER A 76 4.26 9.00 -0.64
CA SER A 76 4.89 9.96 0.27
C SER A 76 5.26 9.33 1.62
N ALA A 77 4.53 8.28 2.00
CA ALA A 77 4.77 7.60 3.28
C ALA A 77 3.97 6.30 3.40
N TRP A 78 4.31 5.47 4.39
CA TRP A 78 3.58 4.22 4.67
C TRP A 78 3.70 3.84 6.15
N GLU A 79 2.57 3.47 6.76
CA GLU A 79 2.57 3.04 8.17
C GLU A 79 2.03 1.62 8.33
N GLU A 80 2.60 0.89 9.30
CA GLU A 80 2.29 -0.52 9.52
C GLU A 80 0.94 -0.74 10.22
N VAL A 81 0.07 -1.57 9.63
CA VAL A 81 -1.25 -1.88 10.22
C VAL A 81 -1.63 -3.36 10.03
N LYS A 82 -2.42 -3.88 10.96
CA LYS A 82 -2.95 -5.25 10.88
C LYS A 82 -4.22 -5.28 10.02
N LYS A 83 -4.45 -6.40 9.33
CA LYS A 83 -5.64 -6.53 8.48
C LYS A 83 -6.87 -6.97 9.31
N ASP A 84 -6.69 -7.07 10.62
CA ASP A 84 -7.80 -7.41 11.53
C ASP A 84 -8.25 -6.19 12.37
N GLU A 85 -7.47 -5.11 12.31
CA GLU A 85 -7.82 -3.87 13.04
C GLU A 85 -8.52 -2.86 12.11
N LEU A 86 -8.50 -3.15 10.81
CA LEU A 86 -9.10 -2.26 9.80
C LEU A 86 -10.63 -2.44 9.73
N PRO A 87 -11.37 -1.43 9.20
CA PRO A 87 -12.84 -1.51 9.03
C PRO A 87 -13.32 -2.81 8.36
N ALA A 88 -14.47 -3.31 8.80
CA ALA A 88 -15.02 -4.59 8.30
C ALA A 88 -15.14 -4.63 6.76
N LYS A 89 -15.32 -3.46 6.13
CA LYS A 89 -15.45 -3.38 4.66
C LYS A 89 -14.19 -3.86 3.93
N VAL A 90 -13.03 -3.83 4.61
CA VAL A 90 -11.80 -4.37 4.04
C VAL A 90 -11.93 -5.88 3.79
N LYS A 91 -12.33 -6.63 4.82
CA LYS A 91 -12.58 -8.07 4.69
C LYS A 91 -13.83 -8.35 3.83
N GLU A 92 -14.73 -7.36 3.76
CA GLU A 92 -15.98 -7.48 3.02
C GLU A 92 -15.75 -7.44 1.49
N LYS A 93 -14.75 -6.66 1.06
CA LYS A 93 -14.42 -6.53 -0.37
C LYS A 93 -13.09 -7.19 -0.74
N LEU A 94 -12.02 -6.79 -0.06
CA LEU A 94 -10.65 -7.18 -0.45
C LEU A 94 -10.36 -8.65 -0.10
N GLY A 95 -10.26 -9.48 -1.14
CA GLY A 95 -9.87 -10.88 -0.97
C GLY A 95 -10.93 -11.76 -0.32
N VAL A 96 -12.15 -11.74 -0.86
CA VAL A 96 -13.22 -12.62 -0.38
C VAL A 96 -12.87 -14.10 -0.70
N LYS A 97 -13.15 -15.00 0.25
CA LYS A 97 -12.72 -16.40 0.13
C LYS A 97 -13.59 -17.34 0.98
N LEU A 98 -13.75 -17.01 2.26
CA LEU A 98 -14.53 -17.83 3.20
C LEU A 98 -15.82 -17.10 3.60
N GLU A 99 -16.95 -17.53 3.04
CA GLU A 99 -18.24 -16.87 3.25
C GLU A 99 -18.70 -16.87 4.73
N HIS A 100 -19.06 -18.05 5.24
CA HIS A 100 -19.65 -18.20 6.59
C HIS A 100 -20.98 -17.44 6.69
N HIS A 101 -22.07 -18.05 6.21
CA HIS A 101 -23.39 -17.43 6.28
C HIS A 101 -24.07 -17.71 7.65
N HIS A 102 -24.12 -16.67 8.49
CA HIS A 102 -24.72 -16.80 9.82
C HIS A 102 -25.38 -15.47 10.24
N HIS A 103 -26.55 -15.55 10.86
CA HIS A 103 -27.27 -14.34 11.32
C HIS A 103 -27.80 -14.51 12.76
N HIS A 104 -27.81 -13.41 13.50
CA HIS A 104 -28.37 -13.36 14.85
C HIS A 104 -27.63 -14.30 15.82
N HIS A 105 -28.07 -15.55 15.91
CA HIS A 105 -27.49 -16.52 16.84
C HIS A 105 -27.94 -17.97 16.50
N MET A 1 -3.92 16.21 -12.08
CA MET A 1 -3.59 17.32 -11.13
C MET A 1 -4.72 18.38 -11.06
N ASP A 2 -5.89 17.99 -10.56
CA ASP A 2 -6.99 18.95 -10.34
C ASP A 2 -6.69 19.83 -9.11
N LEU A 3 -5.92 20.90 -9.32
CA LEU A 3 -5.45 21.75 -8.21
C LEU A 3 -6.60 22.48 -7.50
N ASN A 4 -7.74 22.66 -8.18
CA ASN A 4 -8.92 23.30 -7.55
C ASN A 4 -9.75 22.28 -6.75
N ARG A 5 -9.46 20.99 -6.92
CA ARG A 5 -10.19 19.94 -6.20
C ARG A 5 -9.33 19.30 -5.11
N MET A 6 -8.16 18.76 -5.50
CA MET A 6 -7.23 18.11 -4.55
C MET A 6 -7.83 16.86 -3.89
N GLY A 7 -7.01 16.16 -3.11
CA GLY A 7 -7.47 14.95 -2.42
C GLY A 7 -6.37 13.91 -2.28
N LYS A 8 -6.00 13.59 -1.04
CA LYS A 8 -4.95 12.59 -0.77
C LYS A 8 -5.57 11.29 -0.22
N ASP A 9 -5.28 10.16 -0.89
CA ASP A 9 -5.85 8.87 -0.51
C ASP A 9 -4.79 7.90 0.04
N GLU A 10 -5.19 7.02 0.96
CA GLU A 10 -4.32 5.92 1.42
C GLU A 10 -4.90 4.56 1.02
N TYR A 11 -4.07 3.69 0.45
CA TYR A 11 -4.51 2.37 0.00
C TYR A 11 -4.06 1.27 0.97
N TYR A 12 -5.00 0.45 1.45
CA TYR A 12 -4.66 -0.68 2.31
C TYR A 12 -4.36 -1.93 1.46
N VAL A 13 -3.07 -2.21 1.27
CA VAL A 13 -2.63 -3.33 0.43
C VAL A 13 -1.77 -4.32 1.21
N GLN A 14 -1.81 -5.59 0.82
CA GLN A 14 -0.99 -6.62 1.48
C GLN A 14 0.29 -6.90 0.70
N ILE A 15 1.41 -6.98 1.41
CA ILE A 15 2.73 -7.18 0.79
C ILE A 15 2.88 -8.60 0.22
N THR A 16 2.66 -8.74 -1.08
CA THR A 16 2.84 -10.02 -1.78
C THR A 16 4.30 -10.26 -2.15
N VAL A 17 4.96 -9.22 -2.67
CA VAL A 17 6.36 -9.30 -3.08
C VAL A 17 7.31 -8.92 -1.93
N ASP A 18 8.42 -9.65 -1.79
CA ASP A 18 9.39 -9.38 -0.72
C ASP A 18 10.83 -9.33 -1.27
N GLY A 19 11.73 -8.73 -0.48
CA GLY A 19 13.17 -8.74 -0.84
C GLY A 19 13.49 -8.01 -2.14
N LYS A 20 12.52 -7.32 -2.72
CA LYS A 20 12.70 -6.69 -4.03
C LYS A 20 13.51 -5.40 -3.88
N GLU A 21 14.44 -5.16 -4.81
CA GLU A 21 15.36 -4.03 -4.70
C GLU A 21 15.37 -3.16 -5.97
N VAL A 22 15.82 -1.92 -5.83
CA VAL A 22 16.03 -1.03 -6.98
C VAL A 22 17.49 -1.13 -7.46
N HIS A 23 17.92 -2.34 -7.81
CA HIS A 23 19.31 -2.59 -8.24
C HIS A 23 19.69 -1.69 -9.41
N SER A 24 18.71 -1.44 -10.25
CA SER A 24 18.85 -0.51 -11.39
C SER A 24 17.50 0.17 -11.68
N LYS A 25 16.55 0.01 -10.76
CA LYS A 25 15.19 0.53 -10.95
C LYS A 25 14.98 1.85 -10.20
N ALA A 26 16.04 2.36 -9.58
CA ALA A 26 15.97 3.61 -8.81
C ALA A 26 15.58 4.81 -9.68
N ASP A 27 16.59 5.46 -10.30
CA ASP A 27 16.34 6.58 -11.23
C ASP A 27 17.65 7.06 -11.87
N ASN A 28 18.05 6.40 -12.96
CA ASN A 28 19.25 6.77 -13.74
C ASN A 28 20.49 7.02 -12.87
N GLY A 29 20.55 6.38 -11.71
CA GLY A 29 21.67 6.55 -10.80
C GLY A 29 21.81 5.40 -9.80
N GLN A 30 22.01 4.20 -10.32
CA GLN A 30 22.10 3.01 -9.47
C GLN A 30 23.38 3.01 -8.61
N LYS A 31 23.30 3.66 -7.46
CA LYS A 31 24.39 3.69 -6.48
C LYS A 31 23.91 3.09 -5.14
N TYR A 32 22.60 2.96 -5.03
CA TYR A 32 21.94 2.56 -3.78
C TYR A 32 20.94 1.42 -4.01
N LYS A 33 21.29 0.22 -3.55
CA LYS A 33 20.41 -0.94 -3.69
C LYS A 33 19.44 -1.04 -2.50
N ASP A 34 18.50 -0.11 -2.43
CA ASP A 34 17.46 -0.14 -1.40
C ASP A 34 16.27 -0.99 -1.85
N TYR A 35 15.38 -1.32 -0.91
CA TYR A 35 14.26 -2.23 -1.21
C TYR A 35 13.04 -1.49 -1.75
N GLU A 36 12.19 -2.21 -2.48
CA GLU A 36 11.05 -1.60 -3.18
C GLU A 36 9.93 -2.62 -3.38
N TYR A 37 8.70 -2.17 -3.18
CA TYR A 37 7.54 -3.06 -3.29
C TYR A 37 6.47 -2.44 -4.20
N LYS A 38 6.39 -2.92 -5.43
CA LYS A 38 5.37 -2.45 -6.40
C LYS A 38 4.13 -3.36 -6.37
N LEU A 39 2.98 -2.77 -6.05
CA LEU A 39 1.73 -3.52 -5.91
C LEU A 39 0.51 -2.69 -6.32
N THR A 40 -0.59 -3.38 -6.60
CA THR A 40 -1.83 -2.72 -7.04
C THR A 40 -2.67 -2.20 -5.86
N GLY A 41 -2.72 -0.88 -5.72
CA GLY A 41 -3.59 -0.27 -4.71
C GLY A 41 -5.04 -0.17 -5.17
N PHE A 42 -5.97 -0.13 -4.21
CA PHE A 42 -7.40 -0.05 -4.51
C PHE A 42 -8.04 1.20 -3.88
N ASP A 43 -8.72 1.98 -4.72
CA ASP A 43 -9.39 3.20 -4.26
C ASP A 43 -10.65 2.86 -3.43
N LYS A 44 -11.05 3.79 -2.55
CA LYS A 44 -12.18 3.56 -1.62
C LYS A 44 -13.49 3.21 -2.34
N ASP A 45 -13.65 3.66 -3.59
CA ASP A 45 -14.88 3.44 -4.36
C ASP A 45 -14.84 2.09 -5.12
N GLY A 46 -13.74 1.35 -4.97
CA GLY A 46 -13.57 0.10 -5.69
C GLY A 46 -12.87 0.29 -7.03
N LYS A 47 -11.78 1.05 -7.04
CA LYS A 47 -11.02 1.34 -8.25
C LYS A 47 -9.56 0.87 -8.11
N GLU A 48 -8.76 1.08 -9.16
CA GLU A 48 -7.37 0.57 -9.20
C GLU A 48 -6.32 1.69 -9.08
N LYS A 49 -5.10 1.29 -8.72
CA LYS A 49 -3.93 2.18 -8.81
C LYS A 49 -2.63 1.39 -8.56
N GLU A 50 -2.01 0.93 -9.64
CA GLU A 50 -0.80 0.09 -9.56
C GLU A 50 0.46 0.98 -9.33
N LEU A 51 1.00 0.93 -8.11
CA LEU A 51 2.10 1.83 -7.72
C LEU A 51 3.18 1.11 -6.90
N GLU A 52 4.27 1.83 -6.59
CA GLU A 52 5.38 1.25 -5.83
C GLU A 52 5.82 2.19 -4.69
N PHE A 53 6.48 1.61 -3.69
CA PHE A 53 7.09 2.39 -2.59
C PHE A 53 8.44 1.80 -2.19
N THR A 54 9.35 2.65 -1.70
CA THR A 54 10.72 2.23 -1.37
C THR A 54 10.96 2.17 0.15
N ALA A 55 11.69 1.15 0.57
CA ALA A 55 12.04 0.96 1.98
C ALA A 55 13.56 0.77 2.15
N GLN A 56 14.05 0.85 3.39
CA GLN A 56 15.49 0.71 3.65
C GLN A 56 15.88 -0.77 3.79
N LYS A 57 15.11 -1.50 4.60
CA LYS A 57 15.35 -2.93 4.82
C LYS A 57 14.08 -3.75 4.54
N ASN A 58 14.25 -5.06 4.38
CA ASN A 58 13.13 -5.95 4.04
C ASN A 58 12.06 -5.94 5.16
N LEU A 59 10.85 -5.52 4.82
CA LEU A 59 9.75 -5.45 5.82
C LEU A 59 8.95 -6.76 5.90
N ARG A 60 7.85 -6.73 6.66
CA ARG A 60 7.06 -7.93 6.93
C ARG A 60 6.04 -8.23 5.82
N LYS A 61 6.26 -9.31 5.07
CA LYS A 61 5.36 -9.71 3.98
C LYS A 61 4.07 -10.36 4.50
N GLU A 62 3.06 -10.43 3.63
CA GLU A 62 1.72 -10.93 3.98
C GLU A 62 1.03 -10.04 5.03
N ALA A 63 1.65 -8.90 5.33
CA ALA A 63 1.05 -7.87 6.18
C ALA A 63 0.44 -6.78 5.31
N PHE A 64 -0.60 -6.13 5.80
CA PHE A 64 -1.21 -5.01 5.08
C PHE A 64 -0.42 -3.72 5.34
N LEU A 65 -0.52 -2.77 4.43
CA LEU A 65 0.30 -1.57 4.51
C LEU A 65 -0.47 -0.33 3.99
N ARG A 66 -0.51 0.71 4.82
CA ARG A 66 -1.17 1.96 4.50
C ARG A 66 -0.27 2.84 3.62
N VAL A 67 -0.41 2.73 2.30
CA VAL A 67 0.41 3.50 1.36
C VAL A 67 -0.27 4.80 0.92
N TYR A 68 0.52 5.86 0.87
CA TYR A 68 0.03 7.21 0.59
C TYR A 68 0.10 7.55 -0.92
N HIS A 69 -1.01 8.06 -1.45
CA HIS A 69 -1.10 8.41 -2.89
C HIS A 69 -0.32 9.71 -3.20
N SER A 70 0.85 9.56 -3.81
CA SER A 70 1.67 10.71 -4.22
C SER A 70 1.53 11.00 -5.73
N ASP A 71 1.66 12.27 -6.09
CA ASP A 71 1.54 12.72 -7.49
C ASP A 71 2.62 12.08 -8.39
N LYS A 72 3.85 12.03 -7.88
CA LYS A 72 4.97 11.43 -8.62
C LYS A 72 5.00 9.90 -8.48
N LYS A 73 4.05 9.35 -7.72
CA LYS A 73 4.09 7.95 -7.29
C LYS A 73 5.29 7.72 -6.35
N GLY A 74 5.70 6.47 -6.16
CA GLY A 74 6.81 6.18 -5.24
C GLY A 74 6.40 6.23 -3.76
N VAL A 75 5.25 6.84 -3.48
CA VAL A 75 4.67 6.89 -2.13
C VAL A 75 5.56 7.66 -1.13
N SER A 76 5.16 8.90 -0.82
CA SER A 76 5.93 9.78 0.08
C SER A 76 5.80 9.37 1.56
N ALA A 77 4.86 8.46 1.87
CA ALA A 77 4.64 8.00 3.24
C ALA A 77 3.91 6.66 3.27
N TRP A 78 4.37 5.74 4.12
CA TRP A 78 3.74 4.43 4.25
C TRP A 78 3.84 3.88 5.68
N GLU A 79 2.74 3.29 6.17
CA GLU A 79 2.70 2.71 7.52
C GLU A 79 2.30 1.23 7.48
N GLU A 80 2.96 0.42 8.28
CA GLU A 80 2.69 -1.02 8.33
C GLU A 80 1.50 -1.33 9.26
N VAL A 81 0.51 -2.09 8.77
CA VAL A 81 -0.69 -2.39 9.56
C VAL A 81 -1.01 -3.90 9.60
N LYS A 82 -1.54 -4.36 10.71
CA LYS A 82 -1.93 -5.77 10.88
C LYS A 82 -3.32 -6.03 10.28
N LYS A 83 -3.69 -7.31 10.12
CA LYS A 83 -5.06 -7.64 9.71
C LYS A 83 -6.06 -7.22 10.80
N ASP A 84 -5.62 -7.31 12.05
CA ASP A 84 -6.39 -6.84 13.21
C ASP A 84 -6.66 -5.32 13.14
N GLU A 85 -5.85 -4.60 12.36
CA GLU A 85 -5.98 -3.14 12.22
C GLU A 85 -6.99 -2.77 11.12
N LEU A 86 -7.58 -3.79 10.47
CA LEU A 86 -8.51 -3.57 9.36
C LEU A 86 -9.98 -3.62 9.81
N PRO A 87 -10.76 -2.54 9.56
CA PRO A 87 -12.21 -2.55 9.81
C PRO A 87 -12.99 -3.25 8.67
N ALA A 88 -14.19 -3.74 8.97
CA ALA A 88 -15.04 -4.40 7.96
C ALA A 88 -15.30 -3.48 6.75
N LYS A 89 -15.18 -2.17 6.97
CA LYS A 89 -15.39 -1.16 5.92
C LYS A 89 -14.51 -1.40 4.69
N VAL A 90 -13.38 -2.08 4.87
CA VAL A 90 -12.51 -2.46 3.75
C VAL A 90 -13.18 -3.53 2.87
N LYS A 91 -13.80 -4.52 3.52
CA LYS A 91 -14.46 -5.62 2.82
C LYS A 91 -15.84 -5.21 2.29
N GLU A 92 -16.38 -4.11 2.80
CA GLU A 92 -17.62 -3.51 2.24
C GLU A 92 -17.42 -3.11 0.77
N LYS A 93 -16.15 -2.95 0.38
CA LYS A 93 -15.79 -2.59 -1.00
C LYS A 93 -15.12 -3.77 -1.71
N LEU A 94 -14.18 -4.43 -1.01
CA LEU A 94 -13.50 -5.61 -1.56
C LEU A 94 -14.16 -6.91 -1.06
N GLY A 95 -15.14 -7.41 -1.81
CA GLY A 95 -15.81 -8.65 -1.43
C GLY A 95 -17.33 -8.49 -1.28
N VAL A 96 -17.74 -7.43 -0.59
CA VAL A 96 -19.16 -7.14 -0.37
C VAL A 96 -19.58 -5.85 -1.09
N LYS A 97 -20.86 -5.73 -1.46
CA LYS A 97 -21.39 -4.50 -2.08
C LYS A 97 -22.58 -3.93 -1.29
N LEU A 98 -23.00 -4.64 -0.24
CA LEU A 98 -24.14 -4.22 0.59
C LEU A 98 -25.43 -4.08 -0.24
N GLU A 99 -26.30 -5.08 -0.17
CA GLU A 99 -27.51 -5.13 -1.02
C GLU A 99 -28.80 -5.07 -0.18
N HIS A 100 -28.83 -5.81 0.94
CA HIS A 100 -30.03 -5.89 1.78
C HIS A 100 -29.96 -4.88 2.93
N HIS A 101 -31.00 -4.05 3.06
CA HIS A 101 -31.04 -3.01 4.09
C HIS A 101 -32.49 -2.57 4.38
N HIS A 102 -32.87 -2.56 5.67
CA HIS A 102 -34.18 -2.05 6.07
C HIS A 102 -34.05 -0.84 7.00
N HIS A 103 -35.18 -0.25 7.36
CA HIS A 103 -35.19 0.94 8.23
C HIS A 103 -35.51 0.57 9.69
N HIS A 104 -35.33 1.53 10.61
CA HIS A 104 -35.69 1.33 12.01
C HIS A 104 -37.17 1.66 12.25
N HIS A 105 -37.94 0.65 12.61
CA HIS A 105 -39.38 0.82 12.85
C HIS A 105 -39.72 0.62 14.34
#